data_2AK5
# 
_entry.id   2AK5 
# 
_audit_conform.dict_name       mmcif_pdbx.dic 
_audit_conform.dict_version    5.376 
_audit_conform.dict_location   http://mmcif.pdb.org/dictionaries/ascii/mmcif_pdbx.dic 
# 
loop_
_database_2.database_id 
_database_2.database_code 
_database_2.pdbx_database_accession 
_database_2.pdbx_DOI 
PDB   2AK5         pdb_00002ak5 10.2210/pdb2ak5/pdb 
RCSB  RCSB033988   ?            ?                   
WWPDB D_1000033988 ?            ?                   
# 
_pdbx_database_status.status_code                     REL 
_pdbx_database_status.entry_id                        2AK5 
_pdbx_database_status.recvd_initial_deposition_date   2005-08-03 
_pdbx_database_status.deposit_site                    RCSB 
_pdbx_database_status.process_site                    RCSB 
_pdbx_database_status.status_code_sf                  REL 
_pdbx_database_status.status_code_mr                  ? 
_pdbx_database_status.SG_entry                        N 
_pdbx_database_status.pdb_format_compatible           Y 
_pdbx_database_status.status_code_cs                  ? 
_pdbx_database_status.status_code_nmr_data            ? 
_pdbx_database_status.methods_development_category    ? 
# 
loop_
_audit_author.name 
_audit_author.pdbx_ordinal 
'Jozic, D.'     1 
'Cardenes, N.'  2 
'Deribe, Y.L.'  3 
'Moncalian, G.' 4 
'Hoeller, D.'   5 
'Groemping, Y.' 6 
'Dikic, I.'     7 
'Rittinger, K.' 8 
'Bravo, J.'     9 
# 
_citation.id                        primary 
_citation.title                     'Cbl promotes clustering of endocytic adaptor proteins.' 
_citation.journal_abbrev            Nat.Struct.Mol.Biol. 
_citation.journal_volume            12 
_citation.page_first                972 
_citation.page_last                 979 
_citation.year                      2005 
_citation.journal_id_ASTM           ? 
_citation.country                   US 
_citation.journal_id_ISSN           1545-9993 
_citation.journal_id_CSD            ? 
_citation.book_publisher            ? 
_citation.pdbx_database_id_PubMed   16228008 
_citation.pdbx_database_id_DOI      10.1038/nsmb1000 
# 
loop_
_citation_author.citation_id 
_citation_author.name 
_citation_author.ordinal 
_citation_author.identifier_ORCID 
primary 'Jozic, D.'     1 ? 
primary 'Cardenes, N.'  2 ? 
primary 'Deribe, Y.L.'  3 ? 
primary 'Moncalian, G.' 4 ? 
primary 'Hoeller, D.'   5 ? 
primary 'Groemping, Y.' 6 ? 
primary 'Dikic, I.'     7 ? 
primary 'Rittinger, K.' 8 ? 
primary 'Bravo, J.'     9 ? 
# 
_cell.entry_id           2AK5 
_cell.length_a           69.338 
_cell.length_b           69.338 
_cell.length_c           58.113 
_cell.angle_alpha        90.00 
_cell.angle_beta         90.00 
_cell.angle_gamma        120.00 
_cell.Z_PDB              12 
_cell.pdbx_unique_axis   ? 
# 
_symmetry.entry_id                         2AK5 
_symmetry.space_group_name_H-M             'P 32 2 1' 
_symmetry.pdbx_full_space_group_name_H-M   ? 
_symmetry.cell_setting                     ? 
_symmetry.Int_Tables_number                154 
_symmetry.space_group_name_Hall            ? 
# 
loop_
_entity.id 
_entity.type 
_entity.src_method 
_entity.pdbx_description 
_entity.formula_weight 
_entity.pdbx_number_of_molecules 
_entity.pdbx_ec 
_entity.pdbx_mutation 
_entity.pdbx_fragment 
_entity.details 
1 polymer man 'Rho guanine nucleotide exchange factor 7'                   7290.925 2   ? ? 'beta-pix SH3A'    ? 
2 polymer syn '8-residue peptide from a signal transduction protein CBL-B' 1007.236 1   ? ? 'residues 904-911' ? 
3 water   nat water                                                        18.015   164 ? ? ?                  ? 
# 
loop_
_entity_name_com.entity_id 
_entity_name_com.name 
1 'PAK-interacting exchange factor beta, Beta-Pix'    
3 'SH3-binding protein CBL-B, RING finger protein 56' 
# 
loop_
_entity_poly.entity_id 
_entity_poly.type 
_entity_poly.nstd_linkage 
_entity_poly.nstd_monomer 
_entity_poly.pdbx_seq_one_letter_code 
_entity_poly.pdbx_seq_one_letter_code_can 
_entity_poly.pdbx_strand_id 
_entity_poly.pdbx_target_identifier 
1 'polypeptide(L)' no no GSANSQLVVRAKFNFQQTNEDELSFSKGDVIHVTRVEEGGWWEGTHNGRTGWFPSNYVREIKPS 
GSANSQLVVRAKFNFQQTNEDELSFSKGDVIHVTRVEEGGWWEGTHNGRTGWFPSNYVREIKPS A,B ? 
2 'polypeptide(L)' no no RPPKPRPR                                                         RPPKPRPR D   ? 
# 
loop_
_entity_poly_seq.entity_id 
_entity_poly_seq.num 
_entity_poly_seq.mon_id 
_entity_poly_seq.hetero 
1 1  GLY n 
1 2  SER n 
1 3  ALA n 
1 4  ASN n 
1 5  SER n 
1 6  GLN n 
1 7  LEU n 
1 8  VAL n 
1 9  VAL n 
1 10 ARG n 
1 11 ALA n 
1 12 LYS n 
1 13 PHE n 
1 14 ASN n 
1 15 PHE n 
1 16 GLN n 
1 17 GLN n 
1 18 THR n 
1 19 ASN n 
1 20 GLU n 
1 21 ASP n 
1 22 GLU n 
1 23 LEU n 
1 24 SER n 
1 25 PHE n 
1 26 SER n 
1 27 LYS n 
1 28 GLY n 
1 29 ASP n 
1 30 VAL n 
1 31 ILE n 
1 32 HIS n 
1 33 VAL n 
1 34 THR n 
1 35 ARG n 
1 36 VAL n 
1 37 GLU n 
1 38 GLU n 
1 39 GLY n 
1 40 GLY n 
1 41 TRP n 
1 42 TRP n 
1 43 GLU n 
1 44 GLY n 
1 45 THR n 
1 46 HIS n 
1 47 ASN n 
1 48 GLY n 
1 49 ARG n 
1 50 THR n 
1 51 GLY n 
1 52 TRP n 
1 53 PHE n 
1 54 PRO n 
1 55 SER n 
1 56 ASN n 
1 57 TYR n 
1 58 VAL n 
1 59 ARG n 
1 60 GLU n 
1 61 ILE n 
1 62 LYS n 
1 63 PRO n 
1 64 SER n 
2 1  ARG n 
2 2  PRO n 
2 3  PRO n 
2 4  LYS n 
2 5  PRO n 
2 6  ARG n 
2 7  PRO n 
2 8  ARG n 
# 
_entity_src_gen.entity_id                          1 
_entity_src_gen.pdbx_src_id                        1 
_entity_src_gen.pdbx_alt_source_flag               sample 
_entity_src_gen.pdbx_seq_type                      ? 
_entity_src_gen.pdbx_beg_seq_num                   ? 
_entity_src_gen.pdbx_end_seq_num                   ? 
_entity_src_gen.gene_src_common_name               'Norway rat' 
_entity_src_gen.gene_src_genus                     Rattus 
_entity_src_gen.pdbx_gene_src_gene                 ? 
_entity_src_gen.gene_src_species                   ? 
_entity_src_gen.gene_src_strain                    ? 
_entity_src_gen.gene_src_tissue                    ? 
_entity_src_gen.gene_src_tissue_fraction           ? 
_entity_src_gen.gene_src_details                   ? 
_entity_src_gen.pdbx_gene_src_fragment             ? 
_entity_src_gen.pdbx_gene_src_scientific_name      'Rattus norvegicus' 
_entity_src_gen.pdbx_gene_src_ncbi_taxonomy_id     10116 
_entity_src_gen.pdbx_gene_src_variant              ? 
_entity_src_gen.pdbx_gene_src_cell_line            ? 
_entity_src_gen.pdbx_gene_src_atcc                 ? 
_entity_src_gen.pdbx_gene_src_organ                ? 
_entity_src_gen.pdbx_gene_src_organelle            ? 
_entity_src_gen.pdbx_gene_src_cell                 ? 
_entity_src_gen.pdbx_gene_src_cellular_location    ? 
_entity_src_gen.host_org_common_name               ? 
_entity_src_gen.pdbx_host_org_scientific_name      'Escherichia coli BL21(DE3)' 
_entity_src_gen.pdbx_host_org_ncbi_taxonomy_id     469008 
_entity_src_gen.host_org_genus                     Escherichia 
_entity_src_gen.pdbx_host_org_gene                 ? 
_entity_src_gen.pdbx_host_org_organ                ? 
_entity_src_gen.host_org_species                   'Escherichia coli' 
_entity_src_gen.pdbx_host_org_tissue               ? 
_entity_src_gen.pdbx_host_org_tissue_fraction      ? 
_entity_src_gen.pdbx_host_org_strain               'BL21 DE3' 
_entity_src_gen.pdbx_host_org_variant              ? 
_entity_src_gen.pdbx_host_org_cell_line            ? 
_entity_src_gen.pdbx_host_org_atcc                 ? 
_entity_src_gen.pdbx_host_org_culture_collection   ? 
_entity_src_gen.pdbx_host_org_cell                 ? 
_entity_src_gen.pdbx_host_org_organelle            ? 
_entity_src_gen.pdbx_host_org_cellular_location    ? 
_entity_src_gen.pdbx_host_org_vector_type          pGEX 
_entity_src_gen.pdbx_host_org_vector               ? 
_entity_src_gen.host_org_details                   ? 
_entity_src_gen.expression_system_id               ? 
_entity_src_gen.plasmid_name                       ? 
_entity_src_gen.plasmid_details                    ? 
_entity_src_gen.pdbx_description                   ? 
# 
_pdbx_entity_src_syn.entity_id              2 
_pdbx_entity_src_syn.pdbx_src_id            1 
_pdbx_entity_src_syn.pdbx_alt_source_flag   sample 
_pdbx_entity_src_syn.pdbx_beg_seq_num       ? 
_pdbx_entity_src_syn.pdbx_end_seq_num       ? 
_pdbx_entity_src_syn.organism_scientific    ? 
_pdbx_entity_src_syn.organism_common_name   ? 
_pdbx_entity_src_syn.ncbi_taxonomy_id       ? 
_pdbx_entity_src_syn.details                
'The peptide was chemically synthesized. The sequence of the peptide can be naturally found in Homo sapiens (Human)Cbl-b' 
# 
loop_
_struct_ref.id 
_struct_ref.db_name 
_struct_ref.db_code 
_struct_ref.pdbx_db_accession 
_struct_ref.entity_id 
_struct_ref.pdbx_seq_one_letter_code 
_struct_ref.pdbx_align_begin 
_struct_ref.pdbx_db_isoform 
1 UNP ARHG7_RAT  O55043 1 ANSQLVVRAKFNFQQTNEDELSFSKGDVIHVTRVEEGGWWEGTHNGRTGWFPSNYVREIKPS 5   ? 
2 UNP CBLB_HUMAN Q13191 2 RPPKPRPR                                                       904 ? 
# 
loop_
_struct_ref_seq.align_id 
_struct_ref_seq.ref_id 
_struct_ref_seq.pdbx_PDB_id_code 
_struct_ref_seq.pdbx_strand_id 
_struct_ref_seq.seq_align_beg 
_struct_ref_seq.pdbx_seq_align_beg_ins_code 
_struct_ref_seq.seq_align_end 
_struct_ref_seq.pdbx_seq_align_end_ins_code 
_struct_ref_seq.pdbx_db_accession 
_struct_ref_seq.db_align_beg 
_struct_ref_seq.pdbx_db_align_beg_ins_code 
_struct_ref_seq.db_align_end 
_struct_ref_seq.pdbx_db_align_end_ins_code 
_struct_ref_seq.pdbx_auth_seq_align_beg 
_struct_ref_seq.pdbx_auth_seq_align_end 
1 1 2AK5 A 3 ? 64 ? O55043 5   ? 66  ? 5   66  
2 1 2AK5 B 3 ? 64 ? O55043 5   ? 66  ? 5   66  
3 2 2AK5 D 1 ? 8  ? Q13191 904 ? 911 ? 904 911 
# 
loop_
_struct_ref_seq_dif.align_id 
_struct_ref_seq_dif.pdbx_pdb_id_code 
_struct_ref_seq_dif.mon_id 
_struct_ref_seq_dif.pdbx_pdb_strand_id 
_struct_ref_seq_dif.seq_num 
_struct_ref_seq_dif.pdbx_pdb_ins_code 
_struct_ref_seq_dif.pdbx_seq_db_name 
_struct_ref_seq_dif.pdbx_seq_db_accession_code 
_struct_ref_seq_dif.db_mon_id 
_struct_ref_seq_dif.pdbx_seq_db_seq_num 
_struct_ref_seq_dif.details 
_struct_ref_seq_dif.pdbx_auth_seq_num 
_struct_ref_seq_dif.pdbx_ordinal 
1 2AK5 GLY A 1 ? UNP O55043 ? ? 'cloning artifact' 3 1 
1 2AK5 SER A 2 ? UNP O55043 ? ? 'cloning artifact' 4 2 
2 2AK5 GLY B 1 ? UNP O55043 ? ? 'cloning artifact' 3 3 
2 2AK5 SER B 2 ? UNP O55043 ? ? 'cloning artifact' 4 4 
# 
loop_
_chem_comp.id 
_chem_comp.type 
_chem_comp.mon_nstd_flag 
_chem_comp.name 
_chem_comp.pdbx_synonyms 
_chem_comp.formula 
_chem_comp.formula_weight 
ALA 'L-peptide linking' y ALANINE         ? 'C3 H7 N O2'     89.093  
ARG 'L-peptide linking' y ARGININE        ? 'C6 H15 N4 O2 1' 175.209 
ASN 'L-peptide linking' y ASPARAGINE      ? 'C4 H8 N2 O3'    132.118 
ASP 'L-peptide linking' y 'ASPARTIC ACID' ? 'C4 H7 N O4'     133.103 
GLN 'L-peptide linking' y GLUTAMINE       ? 'C5 H10 N2 O3'   146.144 
GLU 'L-peptide linking' y 'GLUTAMIC ACID' ? 'C5 H9 N O4'     147.129 
GLY 'peptide linking'   y GLYCINE         ? 'C2 H5 N O2'     75.067  
HIS 'L-peptide linking' y HISTIDINE       ? 'C6 H10 N3 O2 1' 156.162 
HOH non-polymer         . WATER           ? 'H2 O'           18.015  
ILE 'L-peptide linking' y ISOLEUCINE      ? 'C6 H13 N O2'    131.173 
LEU 'L-peptide linking' y LEUCINE         ? 'C6 H13 N O2'    131.173 
LYS 'L-peptide linking' y LYSINE          ? 'C6 H15 N2 O2 1' 147.195 
PHE 'L-peptide linking' y PHENYLALANINE   ? 'C9 H11 N O2'    165.189 
PRO 'L-peptide linking' y PROLINE         ? 'C5 H9 N O2'     115.130 
SER 'L-peptide linking' y SERINE          ? 'C3 H7 N O3'     105.093 
THR 'L-peptide linking' y THREONINE       ? 'C4 H9 N O3'     119.119 
TRP 'L-peptide linking' y TRYPTOPHAN      ? 'C11 H12 N2 O2'  204.225 
TYR 'L-peptide linking' y TYROSINE        ? 'C9 H11 N O3'    181.189 
VAL 'L-peptide linking' y VALINE          ? 'C5 H11 N O2'    117.146 
# 
_exptl.entry_id          2AK5 
_exptl.method            'X-RAY DIFFRACTION' 
_exptl.crystals_number   2 
# 
_exptl_crystal.id                    1 
_exptl_crystal.density_meas          ? 
_exptl_crystal.density_Matthews      2.59 
_exptl_crystal.density_percent_sol   52.43 
_exptl_crystal.description           ? 
_exptl_crystal.F_000                 ? 
_exptl_crystal.preparation           ? 
# 
_exptl_crystal_grow.crystal_id      1 
_exptl_crystal_grow.method          ? 
_exptl_crystal_grow.temp            291 
_exptl_crystal_grow.temp_details    ? 
_exptl_crystal_grow.pH              6.50 
_exptl_crystal_grow.pdbx_details    'PEG 3000, SODIUM CITRATE, pH 6.5, VAPOR DIFFUSION, SITTING DROP, temperature 291K, pH 6.50' 
_exptl_crystal_grow.pdbx_pH_range   . 
# 
_diffrn.id                     1 
_diffrn.ambient_temp           100.0 
_diffrn.ambient_temp_details   ? 
_diffrn.crystal_id             1 
# 
_diffrn_detector.diffrn_id              1 
_diffrn_detector.detector               CCD 
_diffrn_detector.type                   'ADSC QUANTUM 4' 
_diffrn_detector.pdbx_collection_date   ? 
_diffrn_detector.details                MIRRORS 
# 
_diffrn_radiation.diffrn_id                        1 
_diffrn_radiation.wavelength_id                    1 
_diffrn_radiation.pdbx_monochromatic_or_laue_m_l   M 
_diffrn_radiation.monochromator                    'SI 111' 
_diffrn_radiation.pdbx_diffrn_protocol             'SINGLE WAVELENGTH' 
_diffrn_radiation.pdbx_scattering_type             x-ray 
# 
_diffrn_radiation_wavelength.id           1 
_diffrn_radiation_wavelength.wavelength   1.5418 
_diffrn_radiation_wavelength.wt           1.0 
# 
_diffrn_source.diffrn_id                   1 
_diffrn_source.source                      SYNCHROTRON 
_diffrn_source.type                        'SRS BEAMLINE PX14.2' 
_diffrn_source.pdbx_synchrotron_site       SRS 
_diffrn_source.pdbx_synchrotron_beamline   PX14.2 
_diffrn_source.pdbx_wavelength             1.5418 
_diffrn_source.pdbx_wavelength_list        ? 
# 
_reflns.entry_id                     2AK5 
_reflns.observed_criterion_sigma_I   ? 
_reflns.observed_criterion_sigma_F   ? 
_reflns.d_resolution_low             26.170 
_reflns.d_resolution_high            1.850 
_reflns.number_obs                   14106 
_reflns.number_all                   ? 
_reflns.percent_possible_obs         99.5 
_reflns.pdbx_Rmerge_I_obs            ? 
_reflns.pdbx_Rsym_value              0.086 
_reflns.pdbx_netI_over_sigmaI        31.8000 
_reflns.B_iso_Wilson_estimate        ? 
_reflns.pdbx_redundancy              2.940 
_reflns.R_free_details               ? 
_reflns.limit_h_max                  ? 
_reflns.limit_h_min                  ? 
_reflns.limit_k_max                  ? 
_reflns.limit_k_min                  ? 
_reflns.limit_l_max                  ? 
_reflns.limit_l_min                  ? 
_reflns.observed_criterion_F_max     ? 
_reflns.observed_criterion_F_min     ? 
_reflns.pdbx_chi_squared             ? 
_reflns.pdbx_scaling_rejects         ? 
_reflns.pdbx_diffrn_id               1 
_reflns.pdbx_ordinal                 1 
# 
_reflns_shell.d_res_high             1.85 
_reflns_shell.d_res_low              1.93 
_reflns_shell.percent_possible_all   98.1 
_reflns_shell.Rmerge_I_obs           ? 
_reflns_shell.pdbx_Rsym_value        ? 
_reflns_shell.meanI_over_sigI_obs    ? 
_reflns_shell.pdbx_redundancy        ? 
_reflns_shell.percent_possible_obs   ? 
_reflns_shell.number_unique_all      ? 
_reflns_shell.number_measured_all    ? 
_reflns_shell.number_measured_obs    ? 
_reflns_shell.number_unique_obs      ? 
_reflns_shell.pdbx_chi_squared       ? 
_reflns_shell.pdbx_diffrn_id         ? 
_reflns_shell.pdbx_ordinal           1 
# 
_refine.entry_id                                 2AK5 
_refine.ls_number_reflns_obs                     13340 
_refine.ls_number_reflns_all                     ? 
_refine.pdbx_ls_sigma_I                          ? 
_refine.pdbx_ls_sigma_F                          ? 
_refine.pdbx_data_cutoff_high_absF               ? 
_refine.pdbx_data_cutoff_low_absF                ? 
_refine.pdbx_data_cutoff_high_rms_absF           ? 
_refine.ls_d_res_low                             26.17 
_refine.ls_d_res_high                            1.85 
_refine.ls_percent_reflns_obs                    99.5181 
_refine.ls_R_factor_obs                          0.2202 
_refine.ls_R_factor_all                          ? 
_refine.ls_R_factor_R_work                       0.227 
_refine.ls_R_factor_R_free                       0.269 
_refine.ls_R_factor_R_free_error                 ? 
_refine.ls_R_factor_R_free_error_details         ? 
_refine.ls_percent_reflns_R_free                 4.9993 
_refine.ls_number_reflns_R_free                  ? 
_refine.ls_number_parameters                     ? 
_refine.ls_number_restraints                     ? 
_refine.occupancy_min                            ? 
_refine.occupancy_max                            ? 
_refine.correlation_coeff_Fo_to_Fc               0.9480 
_refine.correlation_coeff_Fo_to_Fc_free          0.9263 
_refine.B_iso_mean                               ? 
_refine.aniso_B[1][1]                            0.04 
_refine.aniso_B[2][2]                            0.04 
_refine.aniso_B[3][3]                            -0.06 
_refine.aniso_B[1][2]                            0.02 
_refine.aniso_B[1][3]                            ? 
_refine.aniso_B[2][3]                            ? 
_refine.solvent_model_details                    ? 
_refine.solvent_model_param_ksol                 ? 
_refine.solvent_model_param_bsol                 ? 
_refine.pdbx_solvent_vdw_probe_radii             1.4 
_refine.pdbx_solvent_ion_probe_radii             0.8 
_refine.pdbx_solvent_shrinkage_radii             0.8 
_refine.pdbx_ls_cross_valid_method               THROUGHOUT 
_refine.details                                  ? 
_refine.pdbx_starting_model                      'pdb entry 1SEM' 
_refine.pdbx_method_to_determine_struct          'MOLECULAR REPLACEMENT' 
_refine.pdbx_isotropic_thermal_model             ? 
_refine.pdbx_stereochemistry_target_values       ? 
_refine.pdbx_stereochem_target_val_spec_case     ? 
_refine.pdbx_R_Free_selection_details            RANDOM 
_refine.pdbx_overall_ESU_R                       0.3046 
_refine.pdbx_overall_ESU_R_Free                  0.1528 
_refine.overall_SU_ML                            0.1122 
_refine.overall_SU_B                             9.0032 
_refine.ls_redundancy_reflns_obs                 ? 
_refine.B_iso_min                                ? 
_refine.B_iso_max                                ? 
_refine.overall_SU_R_Cruickshank_DPI             ? 
_refine.overall_SU_R_free                        ? 
_refine.ls_wR_factor_R_free                      ? 
_refine.ls_wR_factor_R_work                      ? 
_refine.overall_FOM_free_R_set                   ? 
_refine.overall_FOM_work_R_set                   ? 
_refine.pdbx_refine_id                           'X-RAY DIFFRACTION' 
_refine.pdbx_diffrn_id                           1 
_refine.pdbx_TLS_residual_ADP_flag               ? 
_refine.pdbx_overall_phase_error                 ? 
_refine.pdbx_overall_SU_R_free_Cruickshank_DPI   ? 
_refine.pdbx_overall_SU_R_Blow_DPI               ? 
_refine.pdbx_overall_SU_R_free_Blow_DPI          ? 
# 
_refine_hist.pdbx_refine_id                   'X-RAY DIFFRACTION' 
_refine_hist.cycle_id                         LAST 
_refine_hist.pdbx_number_atoms_protein        1052 
_refine_hist.pdbx_number_atoms_nucleic_acid   0 
_refine_hist.pdbx_number_atoms_ligand         0 
_refine_hist.number_atoms_solvent             164 
_refine_hist.number_atoms_total               1216 
_refine_hist.d_res_high                       1.85 
_refine_hist.d_res_low                        26.17 
# 
loop_
_refine_ls_restr.type 
_refine_ls_restr.dev_ideal 
_refine_ls_restr.dev_ideal_target 
_refine_ls_restr.weight 
_refine_ls_restr.number 
_refine_ls_restr.pdbx_refine_id 
_refine_ls_restr.pdbx_restraint_function 
r_bond_refined_d             0.00 0.021  ? 1083 'X-RAY DIFFRACTION' ? 
r_bond_other_d               ?    ?      ? ?    'X-RAY DIFFRACTION' ? 
r_angle_refined_deg          1.04 1.892  ? 1465 'X-RAY DIFFRACTION' ? 
r_angle_other_deg            ?    ?      ? ?    'X-RAY DIFFRACTION' ? 
r_dihedral_angle_1_deg       3.05 3.000  ? 129  'X-RAY DIFFRACTION' ? 
r_dihedral_angle_2_deg       20.3 15.000 ? 189  'X-RAY DIFFRACTION' ? 
r_dihedral_angle_3_deg       0.07 0.200  ? 145  'X-RAY DIFFRACTION' ? 
r_dihedral_angle_4_deg       0.00 0.020  ? 853  'X-RAY DIFFRACTION' ? 
r_chiral_restr               ?    ?      ? ?    'X-RAY DIFFRACTION' ? 
r_gen_planes_refined         0.23 0.300  ? 496  'X-RAY DIFFRACTION' ? 
r_gen_planes_other           ?    ?      ? ?    'X-RAY DIFFRACTION' ? 
r_nbd_refined                ?    ?      ? ?    'X-RAY DIFFRACTION' ? 
r_nbd_other                  0.18 0.500  ? 209  'X-RAY DIFFRACTION' ? 
r_nbtor_refined              ?    ?      ? ?    'X-RAY DIFFRACTION' ? 
r_nbtor_other                0.26 0.300  ? 63   'X-RAY DIFFRACTION' ? 
r_xyhbond_nbd_refined        ?    ?      ? ?    'X-RAY DIFFRACTION' ? 
r_xyhbond_nbd_other          0.05 0.500  ? 1    'X-RAY DIFFRACTION' ? 
r_metal_ion_refined          ?    ?      ? ?    'X-RAY DIFFRACTION' ? 
r_metal_ion_other            ?    ?      ? ?    'X-RAY DIFFRACTION' ? 
r_symmetry_vdw_refined       ?    ?      ? ?    'X-RAY DIFFRACTION' ? 
r_symmetry_vdw_other         ?    ?      ? ?    'X-RAY DIFFRACTION' ? 
r_symmetry_hbond_refined     ?    ?      ? ?    'X-RAY DIFFRACTION' ? 
r_symmetry_hbond_other       ?    ?      ? ?    'X-RAY DIFFRACTION' ? 
r_symmetry_metal_ion_refined ?    ?      ? ?    'X-RAY DIFFRACTION' ? 
r_symmetry_metal_ion_other   ?    ?      ? ?    'X-RAY DIFFRACTION' ? 
r_mcbond_it                  ?    ?      ? ?    'X-RAY DIFFRACTION' ? 
r_mcbond_other               ?    ?      ? ?    'X-RAY DIFFRACTION' ? 
r_mcangle_it                 ?    ?      ? ?    'X-RAY DIFFRACTION' ? 
r_scbond_it                  ?    ?      ? ?    'X-RAY DIFFRACTION' ? 
r_scangle_it                 ?    ?      ? ?    'X-RAY DIFFRACTION' ? 
r_rigid_bond_restr           ?    ?      ? ?    'X-RAY DIFFRACTION' ? 
r_sphericity_free            ?    ?      ? ?    'X-RAY DIFFRACTION' ? 
r_sphericity_bonded          ?    ?      ? ?    'X-RAY DIFFRACTION' ? 
# 
_struct.entry_id                  2AK5 
_struct.title                     'beta PIX-SH3 complexed with a Cbl-b peptide' 
_struct.pdbx_model_details        ? 
_struct.pdbx_CASP_flag            ? 
_struct.pdbx_model_type_details   ? 
# 
_struct_keywords.entry_id        2AK5 
_struct_keywords.pdbx_keywords   ENDOCYTOSIS/EXOCYTOSIS 
_struct_keywords.text            
'adaptor proteins, Cin85, PIX/COOL, Cbl, protein-protein interaction, endocytosis, ENDOCYTOSIS-EXOCYTOSIS COMPLEX' 
# 
loop_
_struct_asym.id 
_struct_asym.pdbx_blank_PDB_chainid_flag 
_struct_asym.pdbx_modified 
_struct_asym.entity_id 
_struct_asym.details 
A N N 1 ? 
B N N 1 ? 
C N N 2 ? 
D N N 3 ? 
E N N 3 ? 
F N N 3 ? 
# 
_struct_mon_prot_cis.pdbx_id                1 
_struct_mon_prot_cis.label_comp_id          PRO 
_struct_mon_prot_cis.label_seq_id           63 
_struct_mon_prot_cis.label_asym_id          B 
_struct_mon_prot_cis.label_alt_id           . 
_struct_mon_prot_cis.pdbx_PDB_ins_code      ? 
_struct_mon_prot_cis.auth_comp_id           PRO 
_struct_mon_prot_cis.auth_seq_id            65 
_struct_mon_prot_cis.auth_asym_id           B 
_struct_mon_prot_cis.pdbx_label_comp_id_2   SER 
_struct_mon_prot_cis.pdbx_label_seq_id_2    64 
_struct_mon_prot_cis.pdbx_label_asym_id_2   B 
_struct_mon_prot_cis.pdbx_PDB_ins_code_2    ? 
_struct_mon_prot_cis.pdbx_auth_comp_id_2    SER 
_struct_mon_prot_cis.pdbx_auth_seq_id_2     66 
_struct_mon_prot_cis.pdbx_auth_asym_id_2    B 
_struct_mon_prot_cis.pdbx_PDB_model_num     1 
_struct_mon_prot_cis.pdbx_omega_angle       -1.94 
# 
loop_
_struct_sheet.id 
_struct_sheet.type 
_struct_sheet.number_strands 
_struct_sheet.details 
A ? 5 ? 
B ? 5 ? 
# 
loop_
_struct_sheet_order.sheet_id 
_struct_sheet_order.range_id_1 
_struct_sheet_order.range_id_2 
_struct_sheet_order.offset 
_struct_sheet_order.sense 
A 1 2 ? anti-parallel 
A 2 3 ? anti-parallel 
A 3 4 ? anti-parallel 
A 4 5 ? anti-parallel 
B 1 2 ? anti-parallel 
B 2 3 ? anti-parallel 
B 3 4 ? anti-parallel 
B 4 5 ? anti-parallel 
# 
loop_
_struct_sheet_range.sheet_id 
_struct_sheet_range.id 
_struct_sheet_range.beg_label_comp_id 
_struct_sheet_range.beg_label_asym_id 
_struct_sheet_range.beg_label_seq_id 
_struct_sheet_range.pdbx_beg_PDB_ins_code 
_struct_sheet_range.end_label_comp_id 
_struct_sheet_range.end_label_asym_id 
_struct_sheet_range.end_label_seq_id 
_struct_sheet_range.pdbx_end_PDB_ins_code 
_struct_sheet_range.beg_auth_comp_id 
_struct_sheet_range.beg_auth_asym_id 
_struct_sheet_range.beg_auth_seq_id 
_struct_sheet_range.end_auth_comp_id 
_struct_sheet_range.end_auth_asym_id 
_struct_sheet_range.end_auth_seq_id 
A 1 ARG A 49 ? PRO A 54 ? ARG A 51 PRO A 56 
A 2 TRP A 41 ? HIS A 46 ? TRP A 43 HIS A 48 
A 3 VAL A 30 ? ARG A 35 ? VAL A 32 ARG A 37 
A 4 VAL A 8  ? ALA A 11 ? VAL A 10 ALA A 13 
A 5 VAL A 58 ? GLU A 60 ? VAL A 60 GLU A 62 
B 1 ARG B 49 ? PRO B 54 ? ARG B 51 PRO B 56 
B 2 TRP B 41 ? HIS B 46 ? TRP B 43 HIS B 48 
B 3 VAL B 30 ? ARG B 35 ? VAL B 32 ARG B 37 
B 4 VAL B 8  ? ALA B 11 ? VAL B 10 ALA B 13 
B 5 VAL B 58 ? GLU B 60 ? VAL B 60 GLU B 62 
# 
loop_
_pdbx_struct_sheet_hbond.sheet_id 
_pdbx_struct_sheet_hbond.range_id_1 
_pdbx_struct_sheet_hbond.range_id_2 
_pdbx_struct_sheet_hbond.range_1_label_atom_id 
_pdbx_struct_sheet_hbond.range_1_label_comp_id 
_pdbx_struct_sheet_hbond.range_1_label_asym_id 
_pdbx_struct_sheet_hbond.range_1_label_seq_id 
_pdbx_struct_sheet_hbond.range_1_PDB_ins_code 
_pdbx_struct_sheet_hbond.range_1_auth_atom_id 
_pdbx_struct_sheet_hbond.range_1_auth_comp_id 
_pdbx_struct_sheet_hbond.range_1_auth_asym_id 
_pdbx_struct_sheet_hbond.range_1_auth_seq_id 
_pdbx_struct_sheet_hbond.range_2_label_atom_id 
_pdbx_struct_sheet_hbond.range_2_label_comp_id 
_pdbx_struct_sheet_hbond.range_2_label_asym_id 
_pdbx_struct_sheet_hbond.range_2_label_seq_id 
_pdbx_struct_sheet_hbond.range_2_PDB_ins_code 
_pdbx_struct_sheet_hbond.range_2_auth_atom_id 
_pdbx_struct_sheet_hbond.range_2_auth_comp_id 
_pdbx_struct_sheet_hbond.range_2_auth_asym_id 
_pdbx_struct_sheet_hbond.range_2_auth_seq_id 
A 1 2 O GLY A 51 ? O GLY A 53 N GLY A 44 ? N GLY A 46 
A 2 3 O GLU A 43 ? O GLU A 45 N THR A 34 ? N THR A 36 
A 3 4 O ILE A 31 ? O ILE A 33 N VAL A 9  ? N VAL A 11 
A 4 5 N ARG A 10 ? N ARG A 12 O ARG A 59 ? O ARG A 61 
B 1 2 O PHE B 53 ? O PHE B 55 N TRP B 42 ? N TRP B 44 
B 2 3 O THR B 45 ? O THR B 47 N HIS B 32 ? N HIS B 34 
B 3 4 O ILE B 31 ? O ILE B 33 N VAL B 9  ? N VAL B 11 
B 4 5 N ARG B 10 ? N ARG B 12 O ARG B 59 ? O ARG B 61 
# 
_atom_sites.entry_id                    2AK5 
_atom_sites.fract_transf_matrix[1][1]   -0.00700469 
_atom_sites.fract_transf_matrix[1][2]   0.01433044 
_atom_sites.fract_transf_matrix[1][3]   0.00478599 
_atom_sites.fract_transf_matrix[2][1]   -0.01612017 
_atom_sites.fract_transf_matrix[2][2]   0.00040812 
_atom_sites.fract_transf_matrix[2][3]   0.00415884 
_atom_sites.fract_transf_matrix[3][1]   0.00413022 
_atom_sites.fract_transf_matrix[3][2]   -0.00344058 
_atom_sites.fract_transf_matrix[3][3]   0.01634684 
_atom_sites.fract_transf_vector[1]      0.387367 
_atom_sites.fract_transf_vector[2]      0.432419 
_atom_sites.fract_transf_vector[3]      0.344939 
# 
loop_
_atom_type.symbol 
C 
N 
O 
# 
loop_
_atom_site.group_PDB 
_atom_site.id 
_atom_site.type_symbol 
_atom_site.label_atom_id 
_atom_site.label_alt_id 
_atom_site.label_comp_id 
_atom_site.label_asym_id 
_atom_site.label_entity_id 
_atom_site.label_seq_id 
_atom_site.pdbx_PDB_ins_code 
_atom_site.Cartn_x 
_atom_site.Cartn_y 
_atom_site.Cartn_z 
_atom_site.occupancy 
_atom_site.B_iso_or_equiv 
_atom_site.pdbx_formal_charge 
_atom_site.auth_seq_id 
_atom_site.auth_comp_id 
_atom_site.auth_asym_id 
_atom_site.auth_atom_id 
_atom_site.pdbx_PDB_model_num 
ATOM   1    N N   . ASN A 1 4  ? 17.190  7.604   0.561   1.00 42.28 ? 6   ASN A N   1 
ATOM   2    C CA  . ASN A 1 4  ? 16.968  8.242   -0.770  1.00 42.02 ? 6   ASN A CA  1 
ATOM   3    C C   . ASN A 1 4  ? 16.217  9.561   -0.645  1.00 41.40 ? 6   ASN A C   1 
ATOM   4    O O   . ASN A 1 4  ? 16.820  10.636  -0.674  1.00 41.55 ? 6   ASN A O   1 
ATOM   5    C CB  . ASN A 1 4  ? 16.211  7.293   -1.703  1.00 42.39 ? 6   ASN A CB  1 
ATOM   6    C CG  . ASN A 1 4  ? 16.160  7.793   -3.136  1.00 43.31 ? 6   ASN A CG  1 
ATOM   7    O OD1 . ASN A 1 4  ? 16.233  8.997   -3.393  1.00 44.60 ? 6   ASN A OD1 1 
ATOM   8    N ND2 . ASN A 1 4  ? 16.033  6.867   -4.080  1.00 43.80 ? 6   ASN A ND2 1 
ATOM   9    N N   . SER A 1 5  ? 14.898  9.477   -0.510  1.00 40.50 ? 7   SER A N   1 
ATOM   10   C CA  . SER A 1 5  ? 14.086  10.680  -0.392  1.00 39.31 ? 7   SER A CA  1 
ATOM   11   C C   . SER A 1 5  ? 14.083  11.216  1.026   1.00 38.45 ? 7   SER A C   1 
ATOM   12   O O   . SER A 1 5  ? 13.783  10.496  1.978   1.00 38.42 ? 7   SER A O   1 
ATOM   13   C CB  . SER A 1 5  ? 12.650  10.428  -0.848  1.00 39.33 ? 7   SER A CB  1 
ATOM   14   O OG  . SER A 1 5  ? 11.856  11.589  -0.649  1.00 38.84 ? 7   SER A OG  1 
ATOM   15   N N   . GLN A 1 6  ? 14.424  12.490  1.158   1.00 37.35 ? 8   GLN A N   1 
ATOM   16   C CA  . GLN A 1 6  ? 14.412  13.151  2.451   1.00 36.40 ? 8   GLN A CA  1 
ATOM   17   C C   . GLN A 1 6  ? 13.258  14.140  2.488   1.00 35.41 ? 8   GLN A C   1 
ATOM   18   O O   . GLN A 1 6  ? 13.193  15.001  3.363   1.00 35.36 ? 8   GLN A O   1 
ATOM   19   C CB  . GLN A 1 6  ? 15.735  13.871  2.690   1.00 36.45 ? 8   GLN A CB  1 
ATOM   20   C CG  . GLN A 1 6  ? 16.916  12.931  2.853   1.00 37.25 ? 8   GLN A CG  1 
ATOM   21   C CD  . GLN A 1 6  ? 18.183  13.665  3.235   1.00 38.06 ? 8   GLN A CD  1 
ATOM   22   O OE1 . GLN A 1 6  ? 19.185  13.044  3.594   1.00 38.68 ? 8   GLN A OE1 1 
ATOM   23   N NE2 . GLN A 1 6  ? 18.140  14.989  3.164   1.00 38.30 ? 8   GLN A NE2 1 
ATOM   24   N N   . LEU A 1 7  ? 12.348  14.011  1.529   1.00 34.39 ? 9   LEU A N   1 
ATOM   25   C CA  . LEU A 1 7  ? 11.210  14.918  1.434   1.00 33.44 ? 9   LEU A CA  1 
ATOM   26   C C   . LEU A 1 7  ? 10.009  14.454  2.251   1.00 32.71 ? 9   LEU A C   1 
ATOM   27   O O   . LEU A 1 7  ? 9.503   13.347  2.064   1.00 32.53 ? 9   LEU A O   1 
ATOM   28   C CB  . LEU A 1 7  ? 10.800  15.117  -0.029  1.00 33.47 ? 9   LEU A CB  1 
ATOM   29   C CG  . LEU A 1 7  ? 9.635   16.083  -0.233  1.00 33.55 ? 9   LEU A CG  1 
ATOM   30   C CD1 . LEU A 1 7  ? 9.941   17.408  0.443   1.00 33.75 ? 9   LEU A CD1 1 
ATOM   31   C CD2 . LEU A 1 7  ? 9.343   16.290  -1.716  1.00 33.69 ? 9   LEU A CD2 1 
ATOM   32   N N   . VAL A 1 8  ? 9.556   15.314  3.158   1.00 31.95 ? 10  VAL A N   1 
ATOM   33   C CA  . VAL A 1 8  ? 8.395   15.018  3.986   1.00 31.35 ? 10  VAL A CA  1 
ATOM   34   C C   . VAL A 1 8  ? 7.398   16.168  3.902   1.00 31.00 ? 10  VAL A C   1 
ATOM   35   O O   . VAL A 1 8  ? 7.777   17.334  3.986   1.00 31.05 ? 10  VAL A O   1 
ATOM   36   C CB  . VAL A 1 8  ? 8.786   14.785  5.459   1.00 31.26 ? 10  VAL A CB  1 
ATOM   37   C CG1 . VAL A 1 8  ? 7.559   14.458  6.294   1.00 31.12 ? 10  VAL A CG1 1 
ATOM   38   C CG2 . VAL A 1 8  ? 9.814   13.674  5.570   1.00 31.08 ? 10  VAL A CG2 1 
ATOM   39   N N   . VAL A 1 9  ? 6.123   15.841  3.721   1.00 30.59 ? 11  VAL A N   1 
ATOM   40   C CA  . VAL A 1 9  ? 5.094   16.866  3.619   1.00 30.48 ? 11  VAL A CA  1 
ATOM   41   C C   . VAL A 1 9  ? 3.982   16.629  4.629   1.00 30.33 ? 11  VAL A C   1 
ATOM   42   O O   . VAL A 1 9  ? 3.868   15.543  5.196   1.00 30.20 ? 11  VAL A O   1 
ATOM   43   C CB  . VAL A 1 9  ? 4.466   16.916  2.210   1.00 30.38 ? 11  VAL A CB  1 
ATOM   44   C CG1 . VAL A 1 9  ? 5.511   17.254  1.163   1.00 30.67 ? 11  VAL A CG1 1 
ATOM   45   C CG2 . VAL A 1 9  ? 3.778   15.597  1.889   1.00 30.59 ? 11  VAL A CG2 1 
ATOM   46   N N   . ARG A 1 10 ? 3.167   17.654  4.848   1.00 30.45 ? 12  ARG A N   1 
ATOM   47   C CA  . ARG A 1 10 ? 2.036   17.566  5.762   1.00 30.75 ? 12  ARG A CA  1 
ATOM   48   C C   . ARG A 1 10 ? 0.736   17.783  5.008   1.00 30.55 ? 12  ARG A C   1 
ATOM   49   O O   . ARG A 1 10 ? 0.643   18.669  4.159   1.00 30.49 ? 12  ARG A O   1 
ATOM   50   C CB  . ARG A 1 10 ? 2.160   18.590  6.895   1.00 31.21 ? 12  ARG A CB  1 
ATOM   51   C CG  . ARG A 1 10 ? 0.836   18.956  7.538   1.00 32.82 ? 12  ARG A CG  1 
ATOM   52   C CD  . ARG A 1 10 ? 0.929   19.391  8.989   1.00 35.21 ? 12  ARG A CD  1 
ATOM   53   N NE  . ARG A 1 10 ? 2.144   20.146  9.283   1.00 36.91 ? 12  ARG A NE  1 
ATOM   54   C CZ  . ARG A 1 10 ? 3.028   19.789  10.202  1.00 37.84 ? 12  ARG A CZ  1 
ATOM   55   N NH1 . ARG A 1 10 ? 4.110   20.527  10.412  1.00 38.63 ? 12  ARG A NH1 1 
ATOM   56   N NH2 . ARG A 1 10 ? 2.830   18.686  10.912  1.00 38.51 ? 12  ARG A NH2 1 
ATOM   57   N N   . ALA A 1 11 ? -0.263  16.964  5.319   1.00 30.40 ? 13  ALA A N   1 
ATOM   58   C CA  . ALA A 1 11 ? -1.560  17.054  4.666   1.00 30.35 ? 13  ALA A CA  1 
ATOM   59   C C   . ALA A 1 11 ? -2.290  18.332  5.067   1.00 30.43 ? 13  ALA A C   1 
ATOM   60   O O   . ALA A 1 11 ? -2.492  18.590  6.255   1.00 30.15 ? 13  ALA A O   1 
ATOM   61   C CB  . ALA A 1 11 ? -2.404  15.838  5.008   1.00 30.12 ? 13  ALA A CB  1 
ATOM   62   N N   . LYS A 1 12 ? -2.687  19.115  4.067   1.00 30.54 ? 14  LYS A N   1 
ATOM   63   C CA  . LYS A 1 12 ? -3.416  20.360  4.294   1.00 30.72 ? 14  LYS A CA  1 
ATOM   64   C C   . LYS A 1 12 ? -4.903  20.092  4.503   1.00 30.50 ? 14  LYS A C   1 
ATOM   65   O O   . LYS A 1 12 ? -5.584  20.847  5.195   1.00 30.56 ? 14  LYS A O   1 
ATOM   66   C CB  . LYS A 1 12 ? -3.233  21.314  3.111   1.00 30.99 ? 14  LYS A CB  1 
ATOM   67   C CG  . LYS A 1 12 ? -1.834  21.887  2.954   1.00 32.09 ? 14  LYS A CG  1 
ATOM   68   C CD  . LYS A 1 12 ? -1.749  22.754  1.705   1.00 34.15 ? 14  LYS A CD  1 
ATOM   69   C CE  . LYS A 1 12 ? -2.729  23.920  1.765   1.00 35.25 ? 14  LYS A CE  1 
ATOM   70   N NZ  . LYS A 1 12 ? -2.719  24.730  0.509   1.00 36.05 ? 14  LYS A NZ  1 
ATOM   71   N N   . PHE A 1 13 ? -5.411  19.030  3.882   1.00 30.18 ? 15  PHE A N   1 
ATOM   72   C CA  . PHE A 1 13 ? -6.813  18.654  4.014   1.00 29.77 ? 15  PHE A CA  1 
ATOM   73   C C   . PHE A 1 13 ? -6.950  17.143  4.040   1.00 29.42 ? 15  PHE A C   1 
ATOM   74   O O   . PHE A 1 13 ? -6.001  16.415  3.732   1.00 29.34 ? 15  PHE A O   1 
ATOM   75   C CB  . PHE A 1 13 ? -7.652  19.145  2.821   1.00 30.13 ? 15  PHE A CB  1 
ATOM   76   C CG  . PHE A 1 13 ? -7.187  20.437  2.222   1.00 30.39 ? 15  PHE A CG  1 
ATOM   77   C CD1 . PHE A 1 13 ? -6.217  20.446  1.236   1.00 30.93 ? 15  PHE A CD1 1 
ATOM   78   C CD2 . PHE A 1 13 ? -7.751  21.640  2.616   1.00 30.84 ? 15  PHE A CD2 1 
ATOM   79   C CE1 . PHE A 1 13 ? -5.794  21.638  0.670   1.00 31.18 ? 15  PHE A CE1 1 
ATOM   80   C CE2 . PHE A 1 13 ? -7.335  22.832  2.059   1.00 30.51 ? 15  PHE A CE2 1 
ATOM   81   C CZ  . PHE A 1 13 ? -6.357  22.834  1.087   1.00 31.34 ? 15  PHE A CZ  1 
ATOM   82   N N   . ASN A 1 14 ? -8.145  16.681  4.392   1.00 28.80 ? 16  ASN A N   1 
ATOM   83   C CA  . ASN A 1 14 ? -8.469  15.267  4.320   1.00 28.69 ? 16  ASN A CA  1 
ATOM   84   C C   . ASN A 1 14 ? -8.446  14.869  2.845   1.00 28.21 ? 16  ASN A C   1 
ATOM   85   O O   . ASN A 1 14 ? -8.831  15.655  1.977   1.00 27.73 ? 16  ASN A O   1 
ATOM   86   C CB  . ASN A 1 14 ? -9.875  15.003  4.877   1.00 29.00 ? 16  ASN A CB  1 
ATOM   87   C CG  . ASN A 1 14 ? -9.953  15.122  6.393   1.00 29.94 ? 16  ASN A CG  1 
ATOM   88   O OD1 . ASN A 1 14 ? -11.036 15.024  6.980   1.00 31.34 ? 16  ASN A OD1 1 
ATOM   89   N ND2 . ASN A 1 14 ? -8.814  15.323  7.034   1.00 29.80 ? 16  ASN A ND2 1 
ATOM   90   N N   . PHE A 1 15 ? -7.973  13.666  2.554   1.00 27.64 ? 17  PHE A N   1 
ATOM   91   C CA  . PHE A 1 15 ? -8.011  13.160  1.191   1.00 27.54 ? 17  PHE A CA  1 
ATOM   92   C C   . PHE A 1 15 ? -8.604  11.763  1.210   1.00 27.76 ? 17  PHE A C   1 
ATOM   93   O O   . PHE A 1 15 ? -8.140  10.889  1.947   1.00 27.47 ? 17  PHE A O   1 
ATOM   94   C CB  . PHE A 1 15 ? -6.627  13.143  0.539   1.00 27.35 ? 17  PHE A CB  1 
ATOM   95   C CG  . PHE A 1 15 ? -6.592  12.402  -0.777  1.00 26.69 ? 17  PHE A CG  1 
ATOM   96   C CD1 . PHE A 1 15 ? -7.414  12.786  -1.828  1.00 26.09 ? 17  PHE A CD1 1 
ATOM   97   C CD2 . PHE A 1 15 ? -5.753  11.314  -0.951  1.00 26.01 ? 17  PHE A CD2 1 
ATOM   98   C CE1 . PHE A 1 15 ? -7.398  12.097  -3.037  1.00 26.26 ? 17  PHE A CE1 1 
ATOM   99   C CE2 . PHE A 1 15 ? -5.722  10.622  -2.153  1.00 25.91 ? 17  PHE A CE2 1 
ATOM   100  C CZ  . PHE A 1 15 ? -6.548  11.014  -3.199  1.00 26.52 ? 17  PHE A CZ  1 
ATOM   101  N N   . GLN A 1 16 ? -9.647  11.565  0.411   1.00 28.01 ? 18  GLN A N   1 
ATOM   102  C CA  . GLN A 1 16 ? -10.325 10.282  0.345   1.00 28.30 ? 18  GLN A CA  1 
ATOM   103  C C   . GLN A 1 16 ? -10.001 9.612   -0.984  1.00 28.32 ? 18  GLN A C   1 
ATOM   104  O O   . GLN A 1 16 ? -10.196 10.206  -2.042  1.00 28.24 ? 18  GLN A O   1 
ATOM   105  C CB  . GLN A 1 16 ? -11.830 10.487  0.468   1.00 28.58 ? 18  GLN A CB  1 
ATOM   106  C CG  . GLN A 1 16 ? -12.565 9.342   1.114   1.00 29.50 ? 18  GLN A CG  1 
ATOM   107  N N   . GLN A 1 17 ? -9.517  8.374   -0.931  1.00 28.32 ? 19  GLN A N   1 
ATOM   108  C CA  . GLN A 1 17 ? -9.158  7.652   -2.146  1.00 28.55 ? 19  GLN A CA  1 
ATOM   109  C C   . GLN A 1 17 ? -10.358 7.396   -3.041  1.00 28.30 ? 19  GLN A C   1 
ATOM   110  O O   . GLN A 1 17 ? -11.465 7.126   -2.573  1.00 28.01 ? 19  GLN A O   1 
ATOM   111  C CB  . GLN A 1 17 ? -8.501  6.313   -1.819  1.00 28.86 ? 19  GLN A CB  1 
ATOM   112  C CG  . GLN A 1 17 ? -9.466  5.255   -1.324  1.00 30.50 ? 19  GLN A CG  1 
ATOM   113  C CD  . GLN A 1 17 ? -8.817  3.892   -1.197  1.00 32.66 ? 19  GLN A CD  1 
ATOM   114  O OE1 . GLN A 1 17 ? -7.995  3.509   -2.030  1.00 33.90 ? 19  GLN A OE1 1 
ATOM   115  N NE2 . GLN A 1 17 ? -9.177  3.157   -0.153  1.00 34.39 ? 19  GLN A NE2 1 
ATOM   116  N N   . THR A 1 18 ? -10.116 7.464   -4.338  1.00 28.20 ? 20  THR A N   1 
ATOM   117  C CA  . THR A 1 18 ? -11.148 7.201   -5.314  1.00 28.27 ? 20  THR A CA  1 
ATOM   118  C C   . THR A 1 18 ? -10.663 6.109   -6.268  1.00 27.96 ? 20  THR A C   1 
ATOM   119  O O   . THR A 1 18 ? -11.388 5.660   -7.159  1.00 28.26 ? 20  THR A O   1 
ATOM   120  C CB  . THR A 1 18 ? -11.504 8.511   -6.028  1.00 28.42 ? 20  THR A CB  1 
ATOM   121  O OG1 . THR A 1 18 ? -12.739 9.016   -5.493  1.00 29.18 ? 20  THR A OG1 1 
ATOM   122  C CG2 . THR A 1 18 ? -11.803 8.266   -7.455  1.00 28.96 ? 20  THR A CG2 1 
ATOM   123  N N   . ASN A 1 19 ? -9.425  5.680   -6.061  1.00 27.41 ? 21  ASN A N   1 
ATOM   124  C CA  . ASN A 1 19 ? -8.856  4.590   -6.841  1.00 26.83 ? 21  ASN A CA  1 
ATOM   125  C C   . ASN A 1 19 ? -8.018  3.695   -5.943  1.00 25.96 ? 21  ASN A C   1 
ATOM   126  O O   . ASN A 1 19 ? -7.516  4.130   -4.909  1.00 25.59 ? 21  ASN A O   1 
ATOM   127  C CB  . ASN A 1 19 ? -8.028  5.115   -8.005  1.00 27.29 ? 21  ASN A CB  1 
ATOM   128  C CG  . ASN A 1 19 ? -8.517  4.586   -9.338  1.00 29.21 ? 21  ASN A CG  1 
ATOM   129  O OD1 . ASN A 1 19 ? -8.261  3.434   -9.703  1.00 31.27 ? 21  ASN A OD1 1 
ATOM   130  N ND2 . ASN A 1 19 ? -9.252  5.418   -10.064 1.00 29.80 ? 21  ASN A ND2 1 
ATOM   131  N N   . GLU A 1 20 ? -7.870  2.441   -6.343  1.00 25.17 ? 22  GLU A N   1 
ATOM   132  C CA  . GLU A 1 20 ? -7.169  1.461   -5.525  1.00 24.60 ? 22  GLU A CA  1 
ATOM   133  C C   . GLU A 1 20 ? -5.755  1.877   -5.099  1.00 23.94 ? 22  GLU A C   1 
ATOM   134  O O   . GLU A 1 20 ? -5.333  1.563   -3.987  1.00 23.79 ? 22  GLU A O   1 
ATOM   135  C CB  . GLU A 1 20 ? -7.136  0.103   -6.239  1.00 24.74 ? 22  GLU A CB  1 
ATOM   136  C CG  . GLU A 1 20 ? -8.475  -0.616  -6.271  1.00 25.41 ? 22  GLU A CG  1 
ATOM   137  N N   . ASP A 1 21 ? -5.035  2.581   -5.971  1.00 23.35 ? 23  ASP A N   1 
ATOM   138  C CA  . ASP A 1 21 ? -3.641  2.947   -5.695  1.00 22.97 ? 23  ASP A CA  1 
ATOM   139  C C   . ASP A 1 21 ? -3.460  4.310   -5.030  1.00 22.65 ? 23  ASP A C   1 
ATOM   140  O O   . ASP A 1 21 ? -2.353  4.847   -4.991  1.00 22.09 ? 23  ASP A O   1 
ATOM   141  C CB  . ASP A 1 21 ? -2.808  2.899   -6.979  1.00 23.07 ? 23  ASP A CB  1 
ATOM   142  C CG  . ASP A 1 21 ? -3.212  3.967   -7.981  1.00 23.27 ? 23  ASP A CG  1 
ATOM   143  O OD1 . ASP A 1 21 ? -4.321  4.534   -7.857  1.00 22.77 ? 23  ASP A OD1 1 
ATOM   144  O OD2 . ASP A 1 21 ? -2.484  4.298   -8.939  1.00 24.08 ? 23  ASP A OD2 1 
ATOM   145  N N   . GLU A 1 22 ? -4.545  4.868   -4.518  1.00 22.52 ? 24  GLU A N   1 
ATOM   146  C CA  . GLU A 1 22 ? -4.467  6.166   -3.873  1.00 22.77 ? 24  GLU A CA  1 
ATOM   147  C C   . GLU A 1 22 ? -4.295  6.042   -2.362  1.00 22.93 ? 24  GLU A C   1 
ATOM   148  O O   . GLU A 1 22 ? -4.755  5.072   -1.748  1.00 23.22 ? 24  GLU A O   1 
ATOM   149  C CB  . GLU A 1 22 ? -5.661  7.042   -4.266  1.00 22.49 ? 24  GLU A CB  1 
ATOM   150  C CG  . GLU A 1 22 ? -5.536  7.589   -5.684  1.00 22.89 ? 24  GLU A CG  1 
ATOM   151  C CD  . GLU A 1 22 ? -6.814  8.213   -6.215  1.00 23.13 ? 24  GLU A CD  1 
ATOM   152  O OE1 . GLU A 1 22 ? -7.787  8.354   -5.448  1.00 23.62 ? 24  GLU A OE1 1 
ATOM   153  O OE2 . GLU A 1 22 ? -6.849  8.545   -7.415  1.00 23.38 ? 24  GLU A OE2 1 
ATOM   154  N N   . LEU A 1 23 ? -3.595  7.019   -1.790  1.00 23.13 ? 25  LEU A N   1 
ATOM   155  C CA  . LEU A 1 23 ? -3.264  7.067   -0.372  1.00 23.35 ? 25  LEU A CA  1 
ATOM   156  C C   . LEU A 1 23 ? -4.174  8.036   0.378   1.00 23.75 ? 25  LEU A C   1 
ATOM   157  O O   . LEU A 1 23 ? -3.921  9.236   0.387   1.00 23.69 ? 25  LEU A O   1 
ATOM   158  C CB  . LEU A 1 23 ? -1.814  7.529   -0.201  1.00 23.20 ? 25  LEU A CB  1 
ATOM   159  C CG  . LEU A 1 23 ? -1.293  7.630   1.234   1.00 23.06 ? 25  LEU A CG  1 
ATOM   160  C CD1 . LEU A 1 23 ? -1.151  6.237   1.814   1.00 23.66 ? 25  LEU A CD1 1 
ATOM   161  C CD2 . LEU A 1 23 ? 0.028   8.393   1.305   1.00 22.32 ? 25  LEU A CD2 1 
ATOM   162  N N   . SER A 1 24 ? -5.224  7.515   1.001   1.00 24.06 ? 26  SER A N   1 
ATOM   163  C CA  . SER A 1 24 ? -6.124  8.347   1.787   1.00 24.75 ? 26  SER A CA  1 
ATOM   164  C C   . SER A 1 24 ? -5.409  8.806   3.049   1.00 24.79 ? 26  SER A C   1 
ATOM   165  O O   . SER A 1 24 ? -4.601  8.074   3.614   1.00 24.92 ? 26  SER A O   1 
ATOM   166  C CB  . SER A 1 24 ? -7.376  7.569   2.179   1.00 24.84 ? 26  SER A CB  1 
ATOM   167  O OG  . SER A 1 24 ? -8.125  7.185   1.039   1.00 26.28 ? 26  SER A OG  1 
ATOM   168  N N   . PHE A 1 25 ? -5.703  10.026  3.484   1.00 24.84 ? 27  PHE A N   1 
ATOM   169  C CA  . PHE A 1 25 ? -5.112  10.556  4.704   1.00 24.71 ? 27  PHE A CA  1 
ATOM   170  C C   . PHE A 1 25 ? -5.975  11.661  5.303   1.00 25.00 ? 27  PHE A C   1 
ATOM   171  O O   . PHE A 1 25 ? -6.893  12.169  4.653   1.00 24.33 ? 27  PHE A O   1 
ATOM   172  C CB  . PHE A 1 25 ? -3.663  11.027  4.486   1.00 24.81 ? 27  PHE A CB  1 
ATOM   173  C CG  . PHE A 1 25 ? -3.487  12.027  3.365   1.00 25.39 ? 27  PHE A CG  1 
ATOM   174  C CD1 . PHE A 1 25 ? -4.065  13.287  3.427   1.00 25.54 ? 27  PHE A CD1 1 
ATOM   175  C CD2 . PHE A 1 25 ? -2.721  11.706  2.258   1.00 25.70 ? 27  PHE A CD2 1 
ATOM   176  C CE1 . PHE A 1 25 ? -3.891  14.197  2.406   1.00 25.79 ? 27  PHE A CE1 1 
ATOM   177  C CE2 . PHE A 1 25 ? -2.541  12.619  1.227   1.00 26.00 ? 27  PHE A CE2 1 
ATOM   178  C CZ  . PHE A 1 25 ? -3.128  13.865  1.302   1.00 25.94 ? 27  PHE A CZ  1 
ATOM   179  N N   . SER A 1 26 ? -5.675  12.008  6.551   1.00 25.24 ? 28  SER A N   1 
ATOM   180  C CA  . SER A 1 26 ? -6.390  13.060  7.266   1.00 25.84 ? 28  SER A CA  1 
ATOM   181  C C   . SER A 1 26 ? -5.556  14.321  7.310   1.00 25.79 ? 28  SER A C   1 
ATOM   182  O O   . SER A 1 26 ? -4.323  14.262  7.296   1.00 25.78 ? 28  SER A O   1 
ATOM   183  C CB  . SER A 1 26 ? -6.687  12.619  8.701   1.00 26.00 ? 28  SER A CB  1 
ATOM   184  O OG  . SER A 1 26 ? -7.553  11.502  8.716   1.00 27.16 ? 28  SER A OG  1 
ATOM   185  N N   . LYS A 1 27 ? -6.223  15.470  7.362   1.00 25.84 ? 29  LYS A N   1 
ATOM   186  C CA  . LYS A 1 27 ? -5.518  16.736  7.468   1.00 25.98 ? 29  LYS A CA  1 
ATOM   187  C C   . LYS A 1 27 ? -4.534  16.666  8.633   1.00 25.73 ? 29  LYS A C   1 
ATOM   188  O O   . LYS A 1 27 ? -4.883  16.218  9.720   1.00 25.69 ? 29  LYS A O   1 
ATOM   189  C CB  . LYS A 1 27 ? -6.510  17.878  7.692   1.00 26.35 ? 29  LYS A CB  1 
ATOM   190  C CG  . LYS A 1 27 ? -5.858  19.209  8.015   1.00 27.00 ? 29  LYS A CG  1 
ATOM   191  C CD  . LYS A 1 27 ? -6.905  20.308  8.124   1.00 28.92 ? 29  LYS A CD  1 
ATOM   192  C CE  . LYS A 1 27 ? -6.267  21.639  8.471   1.00 30.15 ? 29  LYS A CE  1 
ATOM   193  N NZ  . LYS A 1 27 ? -5.309  22.070  7.422   1.00 31.01 ? 29  LYS A NZ  1 
ATOM   194  N N   . GLY A 1 28 ? -3.301  17.097  8.397   1.00 25.74 ? 30  GLY A N   1 
ATOM   195  C CA  . GLY A 1 28 ? -2.287  17.084  9.430   1.00 25.79 ? 30  GLY A CA  1 
ATOM   196  C C   . GLY A 1 28 ? -1.434  15.828  9.457   1.00 25.61 ? 30  GLY A C   1 
ATOM   197  O O   . GLY A 1 28 ? -0.515  15.709  10.263  1.00 25.70 ? 30  GLY A O   1 
ATOM   198  N N   . ASP A 1 29 ? -1.735  14.879  8.579   1.00 25.58 ? 31  ASP A N   1 
ATOM   199  C CA  . ASP A 1 29 ? -0.934  13.663  8.517   1.00 25.44 ? 31  ASP A CA  1 
ATOM   200  C C   . ASP A 1 29 ? 0.439   13.997  7.951   1.00 25.23 ? 31  ASP A C   1 
ATOM   201  O O   . ASP A 1 29 ? 0.585   14.926  7.157   1.00 25.10 ? 31  ASP A O   1 
ATOM   202  C CB  . ASP A 1 29 ? -1.623  12.585  7.673   1.00 25.41 ? 31  ASP A CB  1 
ATOM   203  C CG  . ASP A 1 29 ? -2.604  11.751  8.478   1.00 25.41 ? 31  ASP A CG  1 
ATOM   204  O OD1 . ASP A 1 29 ? -2.552  11.802  9.727   1.00 25.87 ? 31  ASP A OD1 1 
ATOM   205  O OD2 . ASP A 1 29 ? -3.451  10.998  7.956   1.00 25.20 ? 31  ASP A OD2 1 
ATOM   206  N N   . VAL A 1 30 ? 1.443   13.245  8.381   1.00 25.15 ? 32  VAL A N   1 
ATOM   207  C CA  . VAL A 1 30 ? 2.810   13.434  7.921   1.00 25.32 ? 32  VAL A CA  1 
ATOM   208  C C   . VAL A 1 30 ? 3.122   12.364  6.890   1.00 25.31 ? 32  VAL A C   1 
ATOM   209  O O   . VAL A 1 30 ? 3.097   11.171  7.196   1.00 25.39 ? 32  VAL A O   1 
ATOM   210  C CB  . VAL A 1 30 ? 3.805   13.349  9.090   1.00 25.36 ? 32  VAL A CB  1 
ATOM   211  C CG1 . VAL A 1 30 ? 5.237   13.344  8.581   1.00 25.45 ? 32  VAL A CG1 1 
ATOM   212  C CG2 . VAL A 1 30 ? 3.580   14.508  10.053  1.00 25.78 ? 32  VAL A CG2 1 
ATOM   213  N N   . ILE A 1 31 ? 3.415   12.801  5.670   1.00 25.29 ? 33  ILE A N   1 
ATOM   214  C CA  . ILE A 1 31 ? 3.639   11.893  4.555   1.00 25.46 ? 33  ILE A CA  1 
ATOM   215  C C   . ILE A 1 31 ? 5.068   11.942  4.021   1.00 25.43 ? 33  ILE A C   1 
ATOM   216  O O   . ILE A 1 31 ? 5.595   13.010  3.723   1.00 25.68 ? 33  ILE A O   1 
ATOM   217  C CB  . ILE A 1 31 ? 2.632   12.214  3.435   1.00 25.47 ? 33  ILE A CB  1 
ATOM   218  C CG1 . ILE A 1 31 ? 1.204   12.105  3.977   1.00 25.78 ? 33  ILE A CG1 1 
ATOM   219  C CG2 . ILE A 1 31 ? 2.814   11.275  2.246   1.00 25.40 ? 33  ILE A CG2 1 
ATOM   220  C CD1 . ILE A 1 31 ? 0.266   13.127  3.392   1.00 27.55 ? 33  ILE A CD1 1 
ATOM   221  N N   . HIS A 1 32 ? 5.694   10.778  3.916   1.00 25.26 ? 34  HIS A N   1 
ATOM   222  C CA  . HIS A 1 32 ? 7.040   10.695  3.372   1.00 25.46 ? 34  HIS A CA  1 
ATOM   223  C C   . HIS A 1 32 ? 6.944   10.504  1.862   1.00 25.70 ? 34  HIS A C   1 
ATOM   224  O O   . HIS A 1 32 ? 6.543   9.438   1.393   1.00 25.62 ? 34  HIS A O   1 
ATOM   225  C CB  . HIS A 1 32 ? 7.798   9.530   3.999   1.00 25.22 ? 34  HIS A CB  1 
ATOM   226  C CG  . HIS A 1 32 ? 9.221   9.424   3.544   1.00 24.85 ? 34  HIS A CG  1 
ATOM   227  N ND1 . HIS A 1 32 ? 10.002  8.317   3.799   1.00 24.80 ? 34  HIS A ND1 1 
ATOM   228  C CD2 . HIS A 1 32 ? 10.004  10.289  2.859   1.00 24.54 ? 34  HIS A CD2 1 
ATOM   229  C CE1 . HIS A 1 32 ? 11.205  8.505   3.286   1.00 24.88 ? 34  HIS A CE1 1 
ATOM   230  N NE2 . HIS A 1 32 ? 11.232  9.694   2.711   1.00 24.41 ? 34  HIS A NE2 1 
ATOM   231  N N   . VAL A 1 33 ? 7.304   11.542  1.115   1.00 26.31 ? 35  VAL A N   1 
ATOM   232  C CA  . VAL A 1 33 ? 7.232   11.515  -0.345  1.00 27.02 ? 35  VAL A CA  1 
ATOM   233  C C   . VAL A 1 33 ? 8.254   10.574  -0.959  1.00 27.78 ? 35  VAL A C   1 
ATOM   234  O O   . VAL A 1 33 ? 9.445   10.667  -0.671  1.00 27.95 ? 35  VAL A O   1 
ATOM   235  C CB  . VAL A 1 33 ? 7.409   12.917  -0.939  1.00 26.91 ? 35  VAL A CB  1 
ATOM   236  C CG1 . VAL A 1 33 ? 7.341   12.869  -2.470  1.00 27.16 ? 35  VAL A CG1 1 
ATOM   237  C CG2 . VAL A 1 33 ? 6.352   13.856  -0.374  1.00 26.76 ? 35  VAL A CG2 1 
ATOM   238  N N   . THR A 1 34 ? 7.777   9.665   -1.806  1.00 28.44 ? 36  THR A N   1 
ATOM   239  C CA  . THR A 1 34 ? 8.646   8.696   -2.463  1.00 29.17 ? 36  THR A CA  1 
ATOM   240  C C   . THR A 1 34 ? 8.981   9.107   -3.891  1.00 29.93 ? 36  THR A C   1 
ATOM   241  O O   . THR A 1 34 ? 10.035  8.748   -4.422  1.00 30.43 ? 36  THR A O   1 
ATOM   242  C CB  . THR A 1 34 ? 8.013   7.301   -2.434  1.00 29.10 ? 36  THR A CB  1 
ATOM   243  O OG1 . THR A 1 34 ? 6.614   7.407   -2.734  1.00 28.81 ? 36  THR A OG1 1 
ATOM   244  C CG2 . THR A 1 34 ? 8.033   6.750   -1.015  1.00 28.86 ? 36  THR A CG2 1 
ATOM   245  N N   . ARG A 1 35 ? 8.078   9.843   -4.524  1.00 30.58 ? 37  ARG A N   1 
ATOM   246  C CA  . ARG A 1 35 ? 8.364   10.385  -5.845  1.00 31.29 ? 37  ARG A CA  1 
ATOM   247  C C   . ARG A 1 35 ? 7.613   11.671  -6.156  1.00 31.49 ? 37  ARG A C   1 
ATOM   248  O O   . ARG A 1 35 ? 6.397   11.780  -5.941  1.00 31.27 ? 37  ARG A O   1 
ATOM   249  C CB  . ARG A 1 35 ? 8.221   9.346   -6.978  1.00 31.62 ? 37  ARG A CB  1 
ATOM   250  C CG  . ARG A 1 35 ? 7.179   8.277   -6.795  1.00 32.55 ? 37  ARG A CG  1 
ATOM   251  C CD  . ARG A 1 35 ? 7.296   7.114   -7.793  1.00 33.10 ? 37  ARG A CD  1 
ATOM   252  N NE  . ARG A 1 35 ? 7.263   7.563   -9.188  1.00 33.49 ? 37  ARG A NE  1 
ATOM   253  C CZ  . ARG A 1 35 ? 6.720   6.868   -10.185 1.00 34.44 ? 37  ARG A CZ  1 
ATOM   254  N NH1 . ARG A 1 35 ? 6.733   7.351   -11.422 1.00 34.64 ? 37  ARG A NH1 1 
ATOM   255  N NH2 . ARG A 1 35 ? 6.161   5.687   -9.950  1.00 34.86 ? 37  ARG A NH2 1 
ATOM   256  N N   . VAL A 1 36 ? 8.367   12.653  -6.631  1.00 31.81 ? 38  VAL A N   1 
ATOM   257  C CA  . VAL A 1 36 ? 7.806   13.918  -7.063  1.00 32.10 ? 38  VAL A CA  1 
ATOM   258  C C   . VAL A 1 36 ? 7.559   13.779  -8.553  1.00 32.36 ? 38  VAL A C   1 
ATOM   259  O O   . VAL A 1 36 ? 8.467   13.431  -9.315  1.00 32.26 ? 38  VAL A O   1 
ATOM   260  C CB  . VAL A 1 36 ? 8.772   15.087  -6.810  1.00 32.15 ? 38  VAL A CB  1 
ATOM   261  C CG1 . VAL A 1 36 ? 8.255   16.359  -7.472  1.00 32.19 ? 38  VAL A CG1 1 
ATOM   262  C CG2 . VAL A 1 36 ? 8.975   15.297  -5.316  1.00 32.19 ? 38  VAL A CG2 1 
ATOM   263  N N   . GLU A 1 37 ? 6.324   14.027  -8.963  1.00 32.66 ? 39  GLU A N   1 
ATOM   264  C CA  . GLU A 1 37 ? 5.957   13.871  -10.359 1.00 33.28 ? 39  GLU A CA  1 
ATOM   265  C C   . GLU A 1 37 ? 5.034   14.997  -10.784 1.00 32.93 ? 39  GLU A C   1 
ATOM   266  O O   . GLU A 1 37 ? 4.186   15.437  -10.014 1.00 32.89 ? 39  GLU A O   1 
ATOM   267  C CB  . GLU A 1 37 ? 5.251   12.530  -10.567 1.00 33.65 ? 39  GLU A CB  1 
ATOM   268  C CG  . GLU A 1 37 ? 5.647   11.797  -11.838 1.00 35.43 ? 39  GLU A CG  1 
ATOM   269  C CD  . GLU A 1 37 ? 7.034   11.183  -11.750 1.00 37.38 ? 39  GLU A CD  1 
ATOM   270  O OE1 . GLU A 1 37 ? 8.020   11.901  -12.007 1.00 38.12 ? 39  GLU A OE1 1 
ATOM   271  O OE2 . GLU A 1 37 ? 7.145   9.984   -11.420 1.00 38.96 ? 39  GLU A OE2 1 
ATOM   272  N N   . GLU A 1 38 ? 5.204   15.466  -12.013 1.00 32.85 ? 40  GLU A N   1 
ATOM   273  C CA  . GLU A 1 38 ? 4.320   16.493  -12.549 1.00 32.60 ? 40  GLU A CA  1 
ATOM   274  C C   . GLU A 1 38 ? 2.986   15.830  -12.880 1.00 32.43 ? 40  GLU A C   1 
ATOM   275  O O   . GLU A 1 38 ? 2.927   14.617  -13.091 1.00 32.69 ? 40  GLU A O   1 
ATOM   276  N N   . GLY A 1 39 ? 1.918   16.618  -12.911 1.00 31.94 ? 41  GLY A N   1 
ATOM   277  C CA  . GLY A 1 39 ? 0.610   16.083  -13.235 1.00 31.58 ? 41  GLY A CA  1 
ATOM   278  C C   . GLY A 1 39 ? -0.422  16.292  -12.146 1.00 30.96 ? 41  GLY A C   1 
ATOM   279  O O   . GLY A 1 39 ? -1.611  16.092  -12.368 1.00 31.24 ? 41  GLY A O   1 
ATOM   280  N N   . GLY A 1 40 ? 0.025   16.688  -10.961 1.00 30.36 ? 42  GLY A N   1 
ATOM   281  C CA  . GLY A 1 40 ? -0.897  16.929  -9.867  1.00 29.45 ? 42  GLY A CA  1 
ATOM   282  C C   . GLY A 1 40 ? -0.959  15.801  -8.856  1.00 28.76 ? 42  GLY A C   1 
ATOM   283  O O   . GLY A 1 40 ? -1.730  15.867  -7.900  1.00 28.98 ? 42  GLY A O   1 
ATOM   284  N N   . TRP A 1 41 ? -0.152  14.765  -9.066  1.00 28.12 ? 43  TRP A N   1 
ATOM   285  C CA  . TRP A 1 41 ? -0.137  13.617  -8.166  1.00 27.39 ? 43  TRP A CA  1 
ATOM   286  C C   . TRP A 1 41 ? 1.270   13.154  -7.805  1.00 27.30 ? 43  TRP A C   1 
ATOM   287  O O   . TRP A 1 41 ? 2.132   12.983  -8.671  1.00 27.41 ? 43  TRP A O   1 
ATOM   288  C CB  . TRP A 1 41 ? -0.934  12.443  -8.754  1.00 26.96 ? 43  TRP A CB  1 
ATOM   289  C CG  . TRP A 1 41 ? -2.398  12.725  -8.938  1.00 25.32 ? 43  TRP A CG  1 
ATOM   290  C CD1 . TRP A 1 41 ? -2.976  13.384  -9.982  1.00 24.58 ? 43  TRP A CD1 1 
ATOM   291  C CD2 . TRP A 1 41 ? -3.473  12.339  -8.066  1.00 24.09 ? 43  TRP A CD2 1 
ATOM   292  N NE1 . TRP A 1 41 ? -4.337  13.440  -9.813  1.00 23.89 ? 43  TRP A NE1 1 
ATOM   293  C CE2 . TRP A 1 41 ? -4.669  12.813  -8.642  1.00 23.64 ? 43  TRP A CE2 1 
ATOM   294  C CE3 . TRP A 1 41 ? -3.547  11.647  -6.853  1.00 23.17 ? 43  TRP A CE3 1 
ATOM   295  C CZ2 . TRP A 1 41 ? -5.916  12.613  -8.055  1.00 23.05 ? 43  TRP A CZ2 1 
ATOM   296  C CZ3 . TRP A 1 41 ? -4.788  11.454  -6.268  1.00 22.97 ? 43  TRP A CZ3 1 
ATOM   297  C CH2 . TRP A 1 41 ? -5.955  11.935  -6.870  1.00 23.02 ? 43  TRP A CH2 1 
ATOM   298  N N   . TRP A 1 42 ? 1.494   12.954  -6.511  1.00 27.11 ? 44  TRP A N   1 
ATOM   299  C CA  . TRP A 1 42 ? 2.769   12.465  -6.012  1.00 26.92 ? 44  TRP A CA  1 
ATOM   300  C C   . TRP A 1 42 ? 2.550   11.144  -5.298  1.00 26.40 ? 44  TRP A C   1 
ATOM   301  O O   . TRP A 1 42 ? 1.438   10.822  -4.881  1.00 26.58 ? 44  TRP A O   1 
ATOM   302  C CB  . TRP A 1 42 ? 3.374   13.443  -5.002  1.00 27.23 ? 44  TRP A CB  1 
ATOM   303  C CG  . TRP A 1 42 ? 3.953   14.704  -5.560  1.00 27.80 ? 44  TRP A CG  1 
ATOM   304  C CD1 . TRP A 1 42 ? 3.963   15.112  -6.866  1.00 28.28 ? 44  TRP A CD1 1 
ATOM   305  C CD2 . TRP A 1 42 ? 4.610   15.734  -4.815  1.00 28.56 ? 44  TRP A CD2 1 
ATOM   306  N NE1 . TRP A 1 42 ? 4.588   16.332  -6.973  1.00 28.57 ? 44  TRP A NE1 1 
ATOM   307  C CE2 . TRP A 1 42 ? 4.993   16.737  -5.727  1.00 28.96 ? 44  TRP A CE2 1 
ATOM   308  C CE3 . TRP A 1 42 ? 4.915   15.909  -3.458  1.00 29.13 ? 44  TRP A CE3 1 
ATOM   309  C CZ2 . TRP A 1 42 ? 5.665   17.897  -5.331  1.00 29.69 ? 44  TRP A CZ2 1 
ATOM   310  C CZ3 . TRP A 1 42 ? 5.582   17.061  -3.064  1.00 29.38 ? 44  TRP A CZ3 1 
ATOM   311  C CH2 . TRP A 1 42 ? 5.950   18.040  -3.999  1.00 29.79 ? 44  TRP A CH2 1 
ATOM   312  N N   . GLU A 1 43 ? 3.624   10.383  -5.145  1.00 25.97 ? 45  GLU A N   1 
ATOM   313  C CA  . GLU A 1 43 ? 3.554   9.120   -4.433  1.00 25.24 ? 45  GLU A CA  1 
ATOM   314  C C   . GLU A 1 43 ? 4.185   9.303   -3.058  1.00 24.76 ? 45  GLU A C   1 
ATOM   315  O O   . GLU A 1 43 ? 5.221   9.960   -2.924  1.00 24.84 ? 45  GLU A O   1 
ATOM   316  C CB  . GLU A 1 43 ? 4.278   8.024   -5.210  1.00 25.29 ? 45  GLU A CB  1 
ATOM   317  C CG  . GLU A 1 43 ? 4.018   6.620   -4.686  1.00 25.36 ? 45  GLU A CG  1 
ATOM   318  C CD  . GLU A 1 43 ? 5.002   5.604   -5.229  1.00 25.03 ? 45  GLU A CD  1 
ATOM   319  O OE1 . GLU A 1 43 ? 6.205   5.725   -4.924  1.00 25.70 ? 45  GLU A OE1 1 
ATOM   320  O OE2 . GLU A 1 43 ? 4.569   4.687   -5.958  1.00 24.07 ? 45  GLU A OE2 1 
ATOM   321  N N   . GLY A 1 44 ? 3.555   8.740   -2.034  1.00 24.35 ? 46  GLY A N   1 
ATOM   322  C CA  . GLY A 1 44 ? 4.081   8.855   -0.685  1.00 23.58 ? 46  GLY A CA  1 
ATOM   323  C C   . GLY A 1 44 ? 3.713   7.716   0.234   1.00 22.94 ? 46  GLY A C   1 
ATOM   324  O O   . GLY A 1 44 ? 2.918   6.846   -0.118  1.00 22.54 ? 46  GLY A O   1 
ATOM   325  N N   . THR A 1 45 ? 4.279   7.745   1.436   1.00 22.36 ? 47  THR A N   1 
ATOM   326  C CA  . THR A 1 45 ? 4.045   6.710   2.424   1.00 22.15 ? 47  THR A CA  1 
ATOM   327  C C   . THR A 1 45 ? 3.551   7.271   3.746   1.00 22.07 ? 47  THR A C   1 
ATOM   328  O O   . THR A 1 45 ? 4.164   8.172   4.316   1.00 21.90 ? 47  THR A O   1 
ATOM   329  C CB  . THR A 1 45 ? 5.335   5.929   2.696   1.00 22.22 ? 47  THR A CB  1 
ATOM   330  O OG1 . THR A 1 45 ? 5.890   5.454   1.462   1.00 22.10 ? 47  THR A OG1 1 
ATOM   331  C CG2 . THR A 1 45 ? 5.032   4.655   3.501   1.00 22.49 ? 47  THR A CG2 1 
ATOM   332  N N   . HIS A 1 46 ? 2.440   6.723   4.220   1.00 21.70 ? 48  HIS A N   1 
ATOM   333  C CA  . HIS A 1 46 ? 1.894   7.048   5.529   1.00 21.79 ? 48  HIS A CA  1 
ATOM   334  C C   . HIS A 1 46 ? 1.326   5.766   6.117   1.00 21.53 ? 48  HIS A C   1 
ATOM   335  O O   . HIS A 1 46 ? 0.588   5.053   5.443   1.00 21.74 ? 48  HIS A O   1 
ATOM   336  C CB  . HIS A 1 46 ? 0.798   8.112   5.441   1.00 21.63 ? 48  HIS A CB  1 
ATOM   337  C CG  . HIS A 1 46 ? 0.057   8.306   6.729   1.00 21.52 ? 48  HIS A CG  1 
ATOM   338  N ND1 . HIS A 1 46 ? 0.458   9.214   7.689   1.00 22.26 ? 48  HIS A ND1 1 
ATOM   339  C CD2 . HIS A 1 46 ? -1.046  7.699   7.222   1.00 20.46 ? 48  HIS A CD2 1 
ATOM   340  C CE1 . HIS A 1 46 ? -0.373  9.160   8.713   1.00 20.94 ? 48  HIS A CE1 1 
ATOM   341  N NE2 . HIS A 1 46 ? -1.299  8.256   8.451   1.00 20.91 ? 48  HIS A NE2 1 
ATOM   342  N N   . ASN A 1 47 ? 1.663   5.479   7.372   1.00 21.58 ? 49  ASN A N   1 
ATOM   343  C CA  . ASN A 1 47 ? 1.246   4.240   8.022   1.00 21.60 ? 49  ASN A CA  1 
ATOM   344  C C   . ASN A 1 47 ? 1.753   3.007   7.271   1.00 21.49 ? 49  ASN A C   1 
ATOM   345  O O   . ASN A 1 47 ? 1.090   1.979   7.240   1.00 21.37 ? 49  ASN A O   1 
ATOM   346  C CB  . ASN A 1 47 ? -0.282  4.172   8.185   1.00 21.70 ? 49  ASN A CB  1 
ATOM   347  C CG  . ASN A 1 47 ? -0.774  4.886   9.433   1.00 22.24 ? 49  ASN A CG  1 
ATOM   348  O OD1 . ASN A 1 47 ? -1.972  5.190   9.572   1.00 23.57 ? 49  ASN A OD1 1 
ATOM   349  N ND2 . ASN A 1 47 ? 0.135   5.144   10.353  1.00 21.02 ? 49  ASN A ND2 1 
ATOM   350  N N   . GLY A 1 48 ? 2.920   3.127   6.644   1.00 21.44 ? 50  GLY A N   1 
ATOM   351  C CA  . GLY A 1 48 ? 3.508   2.008   5.924   1.00 21.76 ? 50  GLY A CA  1 
ATOM   352  C C   . GLY A 1 48 ? 2.844   1.686   4.601   1.00 21.91 ? 50  GLY A C   1 
ATOM   353  O O   . GLY A 1 48 ? 3.217   0.730   3.919   1.00 21.80 ? 50  GLY A O   1 
ATOM   354  N N   . ARG A 1 49 ? 1.836   2.465   4.236   1.00 21.97 ? 51  ARG A N   1 
ATOM   355  C CA  . ARG A 1 49 ? 1.189   2.243   2.960   1.00 22.56 ? 51  ARG A CA  1 
ATOM   356  C C   . ARG A 1 49 ? 1.645   3.307   1.963   1.00 22.44 ? 51  ARG A C   1 
ATOM   357  O O   . ARG A 1 49 ? 1.767   4.495   2.292   1.00 22.27 ? 51  ARG A O   1 
ATOM   358  C CB  . ARG A 1 49 ? -0.335  2.114   3.108   1.00 22.96 ? 51  ARG A CB  1 
ATOM   359  C CG  . ARG A 1 49 ? -1.057  3.380   3.335   1.00 23.93 ? 51  ARG A CG  1 
ATOM   360  C CD  . ARG A 1 49 ? -2.075  3.355   4.472   1.00 23.49 ? 51  ARG A CD  1 
ATOM   361  N NE  . ARG A 1 49 ? -2.108  4.701   5.009   1.00 22.97 ? 51  ARG A NE  1 
ATOM   362  C CZ  . ARG A 1 49 ? -2.998  5.617   4.688   1.00 22.59 ? 51  ARG A CZ  1 
ATOM   363  N NH1 . ARG A 1 49 ? -3.989  5.335   3.854   1.00 22.66 ? 51  ARG A NH1 1 
ATOM   364  N NH2 . ARG A 1 49 ? -2.897  6.826   5.210   1.00 23.27 ? 51  ARG A NH2 1 
ATOM   365  N N   . THR A 1 50 ? 1.953   2.858   0.755   1.00 22.21 ? 52  THR A N   1 
ATOM   366  C CA  . THR A 1 50 ? 2.463   3.746   -0.277  1.00 22.14 ? 52  THR A CA  1 
ATOM   367  C C   . THR A 1 50 ? 1.442   3.863   -1.398  1.00 22.21 ? 52  THR A C   1 
ATOM   368  O O   . THR A 1 50 ? 0.919   2.863   -1.884  1.00 21.74 ? 52  THR A O   1 
ATOM   369  C CB  . THR A 1 50 ? 3.810   3.223   -0.796  1.00 22.29 ? 52  THR A CB  1 
ATOM   370  O OG1 . THR A 1 50 ? 4.776   3.285   0.265   1.00 22.50 ? 52  THR A OG1 1 
ATOM   371  C CG2 . THR A 1 50 ? 4.381   4.166   -1.847  1.00 22.63 ? 52  THR A CG2 1 
ATOM   372  N N   . GLY A 1 51 ? 1.131   5.094   -1.778  1.00 22.21 ? 53  GLY A N   1 
ATOM   373  C CA  . GLY A 1 51 ? 0.140   5.321   -2.805  1.00 22.34 ? 53  GLY A CA  1 
ATOM   374  C C   . GLY A 1 51 ? 0.160   6.748   -3.304  1.00 22.64 ? 53  GLY A C   1 
ATOM   375  O O   . GLY A 1 51 ? 0.989   7.564   -2.886  1.00 22.59 ? 53  GLY A O   1 
ATOM   376  N N   . TRP A 1 52 ? -0.779  7.054   -4.186  1.00 22.63 ? 54  TRP A N   1 
ATOM   377  C CA  . TRP A 1 52 ? -0.811  8.354   -4.826  1.00 23.08 ? 54  TRP A CA  1 
ATOM   378  C C   . TRP A 1 52 ? -1.793  9.316   -4.171  1.00 23.06 ? 54  TRP A C   1 
ATOM   379  O O   . TRP A 1 52 ? -2.869  8.927   -3.714  1.00 23.03 ? 54  TRP A O   1 
ATOM   380  C CB  . TRP A 1 52 ? -1.069  8.191   -6.329  1.00 23.24 ? 54  TRP A CB  1 
ATOM   381  C CG  . TRP A 1 52 ? 0.042   7.421   -6.993  1.00 23.85 ? 54  TRP A CG  1 
ATOM   382  C CD1 . TRP A 1 52 ? 0.176   6.058   -7.065  1.00 24.26 ? 54  TRP A CD1 1 
ATOM   383  C CD2 . TRP A 1 52 ? 1.195   7.969   -7.635  1.00 24.18 ? 54  TRP A CD2 1 
ATOM   384  N NE1 . TRP A 1 52 ? 1.335   5.732   -7.729  1.00 24.41 ? 54  TRP A NE1 1 
ATOM   385  C CE2 . TRP A 1 52 ? 1.980   6.887   -8.088  1.00 24.29 ? 54  TRP A CE2 1 
ATOM   386  C CE3 . TRP A 1 52 ? 1.644   9.272   -7.888  1.00 24.23 ? 54  TRP A CE3 1 
ATOM   387  C CZ2 . TRP A 1 52 ? 3.177   7.069   -8.774  1.00 24.67 ? 54  TRP A CZ2 1 
ATOM   388  C CZ3 . TRP A 1 52 ? 2.835   9.448   -8.565  1.00 24.21 ? 54  TRP A CZ3 1 
ATOM   389  C CH2 . TRP A 1 52 ? 3.587   8.355   -9.002  1.00 24.46 ? 54  TRP A CH2 1 
ATOM   390  N N   . PHE A 1 53 ? -1.391  10.577  -4.102  1.00 23.50 ? 55  PHE A N   1 
ATOM   391  C CA  . PHE A 1 53 ? -2.210  11.605  -3.482  1.00 23.81 ? 55  PHE A CA  1 
ATOM   392  C C   . PHE A 1 53 ? -2.022  12.913  -4.251  1.00 24.09 ? 55  PHE A C   1 
ATOM   393  O O   . PHE A 1 53 ? -1.052  13.062  -4.993  1.00 24.01 ? 55  PHE A O   1 
ATOM   394  C CB  . PHE A 1 53 ? -1.830  11.766  -2.002  1.00 23.87 ? 55  PHE A CB  1 
ATOM   395  C CG  . PHE A 1 53 ? -0.407  12.191  -1.781  1.00 23.45 ? 55  PHE A CG  1 
ATOM   396  C CD1 . PHE A 1 53 ? -0.063  13.537  -1.774  1.00 22.96 ? 55  PHE A CD1 1 
ATOM   397  C CD2 . PHE A 1 53 ? 0.589   11.250  -1.580  1.00 23.01 ? 55  PHE A CD2 1 
ATOM   398  C CE1 . PHE A 1 53 ? 1.247   13.937  -1.580  1.00 22.75 ? 55  PHE A CE1 1 
ATOM   399  C CE2 . PHE A 1 53 ? 1.906   11.643  -1.388  1.00 23.34 ? 55  PHE A CE2 1 
ATOM   400  C CZ  . PHE A 1 53 ? 2.235   12.988  -1.382  1.00 23.21 ? 55  PHE A CZ  1 
ATOM   401  N N   . PRO A 1 54 ? -2.949  13.851  -4.098  1.00 24.60 ? 56  PRO A N   1 
ATOM   402  C CA  . PRO A 1 54 ? -2.856  15.129  -4.807  1.00 25.29 ? 56  PRO A CA  1 
ATOM   403  C C   . PRO A 1 54 ? -1.738  15.992  -4.236  1.00 25.93 ? 56  PRO A C   1 
ATOM   404  O O   . PRO A 1 54 ? -1.747  16.255  -3.035  1.00 26.10 ? 56  PRO A O   1 
ATOM   405  C CB  . PRO A 1 54 ? -4.211  15.786  -4.532  1.00 25.22 ? 56  PRO A CB  1 
ATOM   406  C CG  . PRO A 1 54 ? -5.077  14.705  -3.982  1.00 24.86 ? 56  PRO A CG  1 
ATOM   407  C CD  . PRO A 1 54 ? -4.153  13.772  -3.256  1.00 24.45 ? 56  PRO A CD  1 
ATOM   408  N N   . SER A 1 55 ? -0.801  16.425  -5.080  1.00 26.67 ? 57  SER A N   1 
ATOM   409  C CA  . SER A 1 55 ? 0.327   17.244  -4.635  1.00 27.28 ? 57  SER A CA  1 
ATOM   410  C C   . SER A 1 55 ? -0.098  18.620  -4.113  1.00 27.92 ? 57  SER A C   1 
ATOM   411  O O   . SER A 1 55 ? 0.629   19.252  -3.343  1.00 27.88 ? 57  SER A O   1 
ATOM   412  C CB  . SER A 1 55 ? 1.366   17.393  -5.755  1.00 27.43 ? 57  SER A CB  1 
ATOM   413  O OG  . SER A 1 55 ? 0.766   17.841  -6.957  1.00 27.62 ? 57  SER A OG  1 
ATOM   414  N N   . ASN A 1 56 ? -1.275  19.075  -4.533  1.00 28.45 ? 58  ASN A N   1 
ATOM   415  C CA  . ASN A 1 56 ? -1.819  20.352  -4.076  1.00 29.09 ? 58  ASN A CA  1 
ATOM   416  C C   . ASN A 1 56 ? -2.569  20.190  -2.755  1.00 29.46 ? 58  ASN A C   1 
ATOM   417  O O   . ASN A 1 56 ? -3.247  21.108  -2.294  1.00 29.67 ? 58  ASN A O   1 
ATOM   418  C CB  . ASN A 1 56 ? -2.751  20.948  -5.135  1.00 28.97 ? 58  ASN A CB  1 
ATOM   419  C CG  . ASN A 1 56 ? -3.858  19.987  -5.538  1.00 29.17 ? 58  ASN A CG  1 
ATOM   420  O OD1 . ASN A 1 56 ? -3.653  18.774  -5.572  1.00 28.86 ? 58  ASN A OD1 1 
ATOM   421  N ND2 . ASN A 1 56 ? -5.037  20.524  -5.841  1.00 28.91 ? 58  ASN A ND2 1 
ATOM   422  N N   . TYR A 1 57 ? -2.455  19.012  -2.149  1.00 29.65 ? 59  TYR A N   1 
ATOM   423  C CA  . TYR A 1 57 ? -3.121  18.750  -0.876  1.00 29.94 ? 59  TYR A CA  1 
ATOM   424  C C   . TYR A 1 57 ? -2.116  18.723  0.261   1.00 30.56 ? 59  TYR A C   1 
ATOM   425  O O   . TYR A 1 57 ? -2.477  18.474  1.408   1.00 30.47 ? 59  TYR A O   1 
ATOM   426  C CB  . TYR A 1 57 ? -3.876  17.421  -0.909  1.00 29.62 ? 59  TYR A CB  1 
ATOM   427  C CG  . TYR A 1 57 ? -5.311  17.527  -1.359  1.00 28.52 ? 59  TYR A CG  1 
ATOM   428  C CD1 . TYR A 1 57 ? -5.637  18.107  -2.579  1.00 27.94 ? 59  TYR A CD1 1 
ATOM   429  C CD2 . TYR A 1 57 ? -6.342  17.053  -0.561  1.00 27.51 ? 59  TYR A CD2 1 
ATOM   430  C CE1 . TYR A 1 57 ? -6.951  18.201  -2.994  1.00 27.32 ? 59  TYR A CE1 1 
ATOM   431  C CE2 . TYR A 1 57 ? -7.659  17.144  -0.966  1.00 27.08 ? 59  TYR A CE2 1 
ATOM   432  C CZ  . TYR A 1 57 ? -7.955  17.719  -2.186  1.00 26.78 ? 59  TYR A CZ  1 
ATOM   433  O OH  . TYR A 1 57 ? -9.260  17.819  -2.595  1.00 26.82 ? 59  TYR A OH  1 
ATOM   434  N N   . VAL A 1 58 ? -0.851  18.970  -0.056  1.00 31.43 ? 60  VAL A N   1 
ATOM   435  C CA  . VAL A 1 58 ? 0.184   18.911  0.967   1.00 32.45 ? 60  VAL A CA  1 
ATOM   436  C C   . VAL A 1 58 ? 1.152   20.092  0.966   1.00 33.39 ? 60  VAL A C   1 
ATOM   437  O O   . VAL A 1 58 ? 1.312   20.803  -0.034  1.00 33.44 ? 60  VAL A O   1 
ATOM   438  C CB  . VAL A 1 58 ? 0.987   17.606  0.861   1.00 32.26 ? 60  VAL A CB  1 
ATOM   439  C CG1 . VAL A 1 58 ? 0.055   16.405  0.932   1.00 32.17 ? 60  VAL A CG1 1 
ATOM   440  C CG2 . VAL A 1 58 ? 1.801   17.586  -0.424  1.00 32.15 ? 60  VAL A CG2 1 
ATOM   441  N N   . ARG A 1 59 ? 1.804   20.278  2.107   1.00 34.46 ? 61  ARG A N   1 
ATOM   442  C CA  . ARG A 1 59 ? 2.767   21.350  2.289   1.00 35.77 ? 61  ARG A CA  1 
ATOM   443  C C   . ARG A 1 59 ? 4.081   20.747  2.768   1.00 36.41 ? 61  ARG A C   1 
ATOM   444  O O   . ARG A 1 59 ? 4.094   19.937  3.695   1.00 36.47 ? 61  ARG A O   1 
ATOM   445  C CB  . ARG A 1 59 ? 2.233   22.335  3.325   1.00 36.02 ? 61  ARG A CB  1 
ATOM   446  C CG  . ARG A 1 59 ? 2.656   23.773  3.112   1.00 36.79 ? 61  ARG A CG  1 
ATOM   447  C CD  . ARG A 1 59 ? 2.055   24.728  4.125   1.00 37.79 ? 61  ARG A CD  1 
ATOM   448  N NE  . ARG A 1 59 ? 0.636   24.459  4.347   1.00 38.68 ? 61  ARG A NE  1 
ATOM   449  N N   . GLU A 1 60 ? 5.188   21.128  2.137   1.00 37.25 ? 62  GLU A N   1 
ATOM   450  C CA  . GLU A 1 60 ? 6.487   20.601  2.534   1.00 38.11 ? 62  GLU A CA  1 
ATOM   451  C C   . GLU A 1 60 ? 6.841   20.992  3.968   1.00 38.53 ? 62  GLU A C   1 
ATOM   452  O O   . GLU A 1 60 ? 6.627   22.133  4.378   1.00 38.53 ? 62  GLU A O   1 
ATOM   453  C CB  . GLU A 1 60 ? 7.595   21.078  1.593   1.00 38.23 ? 62  GLU A CB  1 
ATOM   454  C CG  . GLU A 1 60 ? 8.949   20.484  1.940   1.00 39.18 ? 62  GLU A CG  1 
ATOM   455  C CD  . GLU A 1 60 ? 10.111  21.172  1.249   1.00 40.61 ? 62  GLU A CD  1 
ATOM   456  O OE1 . GLU A 1 60 ? 11.266  20.746  1.470   1.00 40.94 ? 62  GLU A OE1 1 
ATOM   457  O OE2 . GLU A 1 60 ? 9.877   22.134  0.488   1.00 41.69 ? 62  GLU A OE2 1 
ATOM   458  N N   . ILE A 1 61 ? 7.373   20.037  4.724   1.00 39.01 ? 63  ILE A N   1 
ATOM   459  C CA  . ILE A 1 61 ? 7.813   20.300  6.086   1.00 39.69 ? 63  ILE A CA  1 
ATOM   460  C C   . ILE A 1 61 ? 9.330   20.354  6.109   1.00 40.10 ? 63  ILE A C   1 
ATOM   461  O O   . ILE A 1 61 ? 10.002  19.336  5.951   1.00 40.17 ? 63  ILE A O   1 
ATOM   462  C CB  . ILE A 1 61 ? 7.325   19.214  7.054   1.00 39.76 ? 63  ILE A CB  1 
ATOM   463  C CG1 . ILE A 1 61 ? 5.815   19.022  6.940   1.00 40.03 ? 63  ILE A CG1 1 
ATOM   464  C CG2 . ILE A 1 61 ? 7.701   19.579  8.483   1.00 40.03 ? 63  ILE A CG2 1 
ATOM   465  C CD1 . ILE A 1 61 ? 5.271   18.000  7.906   1.00 39.97 ? 63  ILE A CD1 1 
ATOM   466  N N   . LYS A 1 62 ? 9.874   21.547  6.294   1.00 40.67 ? 64  LYS A N   1 
ATOM   467  C CA  . LYS A 1 62 ? 11.318  21.705  6.323   1.00 41.24 ? 64  LYS A CA  1 
ATOM   468  C C   . LYS A 1 62 ? 11.903  21.253  7.656   1.00 41.36 ? 64  LYS A C   1 
ATOM   469  O O   . LYS A 1 62 ? 11.292  21.432  8.710   1.00 41.26 ? 64  LYS A O   1 
ATOM   470  C CB  . LYS A 1 62 ? 11.697  23.156  6.035   1.00 41.38 ? 64  LYS A CB  1 
ATOM   471  C CG  . LYS A 1 62 ? 11.144  23.668  4.715   1.00 42.24 ? 64  LYS A CG  1 
ATOM   472  C CD  . LYS A 1 62 ? 11.305  25.170  4.593   1.00 43.29 ? 64  LYS A CD  1 
ATOM   473  C CE  . LYS A 1 62 ? 12.734  25.546  4.255   1.00 44.05 ? 64  LYS A CE  1 
ATOM   474  N NZ  . LYS A 1 62 ? 13.011  25.371  2.804   1.00 44.77 ? 64  LYS A NZ  1 
ATOM   475  N N   . PRO A 1 63 ? 13.071  20.624  7.591   1.00 41.64 ? 65  PRO A N   1 
ATOM   476  C CA  . PRO A 1 63 ? 13.802  20.196  8.788   1.00 41.88 ? 65  PRO A CA  1 
ATOM   477  C C   . PRO A 1 63 ? 14.064  21.364  9.728   1.00 42.16 ? 65  PRO A C   1 
ATOM   478  O O   . PRO A 1 63 ? 14.748  22.312  9.329   1.00 42.55 ? 65  PRO A O   1 
ATOM   479  C CB  . PRO A 1 63 ? 15.125  19.686  8.212   1.00 41.88 ? 65  PRO A CB  1 
ATOM   480  C CG  . PRO A 1 63 ? 15.170  20.267  6.836   1.00 41.90 ? 65  PRO A CG  1 
ATOM   481  C CD  . PRO A 1 63 ? 13.760  20.212  6.358   1.00 41.71 ? 65  PRO A CD  1 
ATOM   482  N N   . GLY B 1 1  ? -12.459 1.587   13.945  1.00 27.51 ? 3   GLY B N   1 
ATOM   483  C CA  . GLY B 1 1  ? -11.010 1.597   14.329  1.00 27.04 ? 3   GLY B CA  1 
ATOM   484  C C   . GLY B 1 1  ? -10.317 2.898   13.977  1.00 26.87 ? 3   GLY B C   1 
ATOM   485  O O   . GLY B 1 1  ? -10.975 3.892   13.660  1.00 27.29 ? 3   GLY B O   1 
ATOM   486  N N   . SER B 1 2  ? -8.986  2.895   14.037  1.00 26.09 ? 4   SER B N   1 
ATOM   487  C CA  . SER B 1 2  ? -8.190  4.067   13.696  1.00 25.47 ? 4   SER B CA  1 
ATOM   488  C C   . SER B 1 2  ? -8.203  4.286   12.183  1.00 25.14 ? 4   SER B C   1 
ATOM   489  O O   . SER B 1 2  ? -8.023  3.347   11.408  1.00 24.95 ? 4   SER B O   1 
ATOM   490  C CB  . SER B 1 2  ? -6.742  3.900   14.185  1.00 25.52 ? 4   SER B CB  1 
ATOM   491  O OG  . SER B 1 2  ? -6.693  3.372   15.500  1.00 24.64 ? 4   SER B OG  1 
ATOM   492  N N   . ALA B 1 3  ? -8.409  5.533   11.779  1.00 24.85 ? 5   ALA B N   1 
ATOM   493  C CA  . ALA B 1 3  ? -8.522  5.908   10.371  1.00 24.84 ? 5   ALA B CA  1 
ATOM   494  C C   . ALA B 1 3  ? -7.268  5.711   9.529   1.00 24.75 ? 5   ALA B C   1 
ATOM   495  O O   . ALA B 1 3  ? -6.145  5.978   9.972   1.00 24.71 ? 5   ALA B O   1 
ATOM   496  C CB  . ALA B 1 3  ? -8.999  7.359   10.260  1.00 24.79 ? 5   ALA B CB  1 
ATOM   497  N N   . ASN B 1 4  ? -7.473  5.258   8.297   1.00 24.64 ? 6   ASN B N   1 
ATOM   498  C CA  . ASN B 1 4  ? -6.385  5.096   7.345   1.00 24.36 ? 6   ASN B CA  1 
ATOM   499  C C   . ASN B 1 4  ? -5.286  4.174   7.860   1.00 24.21 ? 6   ASN B C   1 
ATOM   500  O O   . ASN B 1 4  ? -4.104  4.412   7.624   1.00 24.23 ? 6   ASN B O   1 
ATOM   501  C CB  . ASN B 1 4  ? -5.812  6.462   6.973   1.00 24.61 ? 6   ASN B CB  1 
ATOM   502  C CG  . ASN B 1 4  ? -6.891  7.451   6.571   1.00 24.93 ? 6   ASN B CG  1 
ATOM   503  O OD1 . ASN B 1 4  ? -7.028  8.525   7.168   1.00 25.40 ? 6   ASN B OD1 1 
ATOM   504  N ND2 . ASN B 1 4  ? -7.680  7.083   5.571   1.00 23.96 ? 6   ASN B ND2 1 
ATOM   505  N N   . SER B 1 5  ? -5.699  3.126   8.564   1.00 24.05 ? 7   SER B N   1 
ATOM   506  C CA  . SER B 1 5  ? -4.781  2.150   9.130   1.00 23.99 ? 7   SER B CA  1 
ATOM   507  C C   . SER B 1 5  ? -4.286  1.211   8.042   1.00 23.82 ? 7   SER B C   1 
ATOM   508  O O   . SER B 1 5  ? -4.974  0.975   7.047   1.00 23.47 ? 7   SER B O   1 
ATOM   509  C CB  . SER B 1 5  ? -5.468  1.346   10.234  1.00 24.43 ? 7   SER B CB  1 
ATOM   510  O OG  . SER B 1 5  ? -5.760  2.170   11.350  1.00 24.60 ? 7   SER B OG  1 
ATOM   511  N N   . GLN B 1 6  ? -3.081  0.692   8.229   1.00 23.41 ? 8   GLN B N   1 
ATOM   512  C CA  . GLN B 1 6  ? -2.511  -0.234  7.266   1.00 23.13 ? 8   GLN B CA  1 
ATOM   513  C C   . GLN B 1 6  ? -3.364  -1.493  7.230   1.00 22.81 ? 8   GLN B C   1 
ATOM   514  O O   . GLN B 1 6  ? -3.775  -2.008  8.271   1.00 22.28 ? 8   GLN B O   1 
ATOM   515  C CB  . GLN B 1 6  ? -1.063  -0.557  7.633   1.00 23.12 ? 8   GLN B CB  1 
ATOM   516  C CG  . GLN B 1 6  ? -0.286  -1.280  6.536   1.00 22.92 ? 8   GLN B CG  1 
ATOM   517  C CD  . GLN B 1 6  ? 1.172   -1.505  6.905   1.00 23.68 ? 8   GLN B CD  1 
ATOM   518  O OE1 . GLN B 1 6  ? 2.004   -1.753  6.031   1.00 24.35 ? 8   GLN B OE1 1 
ATOM   519  N NE2 . GLN B 1 6  ? 1.485   -1.418  8.196   1.00 22.89 ? 8   GLN B NE2 1 
ATOM   520  N N   . LEU B 1 7  ? -3.647  -1.969  6.022   1.00 22.83 ? 9   LEU B N   1 
ATOM   521  C CA  . LEU B 1 7  ? -4.464  -3.160  5.831   1.00 23.08 ? 9   LEU B CA  1 
ATOM   522  C C   . LEU B 1 7  ? -3.766  -4.432  6.299   1.00 23.36 ? 9   LEU B C   1 
ATOM   523  O O   . LEU B 1 7  ? -2.563  -4.599  6.113   1.00 23.24 ? 9   LEU B O   1 
ATOM   524  C CB  . LEU B 1 7  ? -4.821  -3.328  4.349   1.00 23.14 ? 9   LEU B CB  1 
ATOM   525  C CG  . LEU B 1 7  ? -5.889  -2.438  3.709   1.00 23.57 ? 9   LEU B CG  1 
ATOM   526  C CD1 . LEU B 1 7  ? -5.531  -0.961  3.795   1.00 23.78 ? 9   LEU B CD1 1 
ATOM   527  C CD2 . LEU B 1 7  ? -6.081  -2.850  2.255   1.00 24.12 ? 9   LEU B CD2 1 
ATOM   528  N N   . VAL B 1 8  ? -4.545  -5.330  6.891   1.00 23.77 ? 10  VAL B N   1 
ATOM   529  C CA  . VAL B 1 8  ? -4.052  -6.627  7.326   1.00 24.27 ? 10  VAL B CA  1 
ATOM   530  C C   . VAL B 1 8  ? -4.822  -7.678  6.550   1.00 24.24 ? 10  VAL B C   1 
ATOM   531  O O   . VAL B 1 8  ? -6.054  -7.679  6.563   1.00 24.13 ? 10  VAL B O   1 
ATOM   532  C CB  . VAL B 1 8  ? -4.321  -6.850  8.826   1.00 24.36 ? 10  VAL B CB  1 
ATOM   533  C CG1 . VAL B 1 8  ? -3.739  -8.174  9.285   1.00 25.05 ? 10  VAL B CG1 1 
ATOM   534  C CG2 . VAL B 1 8  ? -3.762  -5.706  9.643   1.00 24.80 ? 10  VAL B CG2 1 
ATOM   535  N N   . VAL B 1 9  ? -4.108  -8.579  5.879   1.00 24.33 ? 11  VAL B N   1 
ATOM   536  C CA  . VAL B 1 9  ? -4.765  -9.632  5.113   1.00 24.35 ? 11  VAL B CA  1 
ATOM   537  C C   . VAL B 1 9  ? -4.247  -11.010 5.502   1.00 25.02 ? 11  VAL B C   1 
ATOM   538  O O   . VAL B 1 9  ? -3.105  -11.159 5.943   1.00 24.69 ? 11  VAL B O   1 
ATOM   539  C CB  . VAL B 1 9  ? -4.584  -9.444  3.589   1.00 24.22 ? 11  VAL B CB  1 
ATOM   540  C CG1 . VAL B 1 9  ? -5.009  -8.043  3.166   1.00 23.33 ? 11  VAL B CG1 1 
ATOM   541  C CG2 . VAL B 1 9  ? -3.145  -9.733  3.171   1.00 23.84 ? 11  VAL B CG2 1 
ATOM   542  N N   . ARG B 1 10 ? -5.102  -12.014 5.343   1.00 25.65 ? 12  ARG B N   1 
ATOM   543  C CA  . ARG B 1 10 ? -4.724  -13.384 5.647   1.00 26.42 ? 12  ARG B CA  1 
ATOM   544  C C   . ARG B 1 10 ? -4.716  -14.233 4.384   1.00 26.66 ? 12  ARG B C   1 
ATOM   545  O O   . ARG B 1 10 ? -5.656  -14.190 3.594   1.00 26.46 ? 12  ARG B O   1 
ATOM   546  C CB  . ARG B 1 10 ? -5.672  -13.994 6.680   1.00 26.75 ? 12  ARG B CB  1 
ATOM   547  C CG  . ARG B 1 10 ? -5.108  -15.246 7.330   1.00 28.10 ? 12  ARG B CG  1 
ATOM   548  C CD  . ARG B 1 10 ? -6.127  -16.074 8.075   1.00 29.79 ? 12  ARG B CD  1 
ATOM   549  N NE  . ARG B 1 10 ? -7.084  -15.258 8.814   1.00 31.55 ? 12  ARG B NE  1 
ATOM   550  C CZ  . ARG B 1 10 ? -6.954  -14.910 10.084  1.00 32.89 ? 12  ARG B CZ  1 
ATOM   551  N NH1 . ARG B 1 10 ? -7.897  -14.175 10.670  1.00 33.51 ? 12  ARG B NH1 1 
ATOM   552  N NH2 . ARG B 1 10 ? -5.884  -15.287 10.775  1.00 32.95 ? 12  ARG B NH2 1 
ATOM   553  N N   . ALA B 1 11 ? -3.643  -14.996 4.201   1.00 27.15 ? 13  ALA B N   1 
ATOM   554  C CA  . ALA B 1 11 ? -3.507  -15.884 3.050   1.00 27.69 ? 13  ALA B CA  1 
ATOM   555  C C   . ALA B 1 11 ? -4.562  -16.991 3.080   1.00 28.19 ? 13  ALA B C   1 
ATOM   556  O O   . ALA B 1 11 ? -4.750  -17.652 4.103   1.00 28.19 ? 13  ALA B O   1 
ATOM   557  C CB  . ALA B 1 11 ? -2.120  -16.485 3.024   1.00 27.75 ? 13  ALA B CB  1 
ATOM   558  N N   . LYS B 1 12 ? -5.237  -17.188 1.953   1.00 28.91 ? 14  LYS B N   1 
ATOM   559  C CA  . LYS B 1 12 ? -6.295  -18.193 1.832   1.00 29.62 ? 14  LYS B CA  1 
ATOM   560  C C   . LYS B 1 12 ? -5.825  -19.436 1.087   1.00 29.78 ? 14  LYS B C   1 
ATOM   561  O O   . LYS B 1 12 ? -6.499  -20.469 1.090   1.00 29.78 ? 14  LYS B O   1 
ATOM   562  C CB  . LYS B 1 12 ? -7.512  -17.593 1.122   1.00 29.92 ? 14  LYS B CB  1 
ATOM   563  C CG  . LYS B 1 12 ? -8.664  -17.241 2.042   1.00 31.32 ? 14  LYS B CG  1 
ATOM   564  C CD  . LYS B 1 12 ? -8.193  -16.564 3.310   1.00 32.61 ? 14  LYS B CD  1 
ATOM   565  C CE  . LYS B 1 12 ? -9.198  -16.752 4.438   1.00 33.82 ? 14  LYS B CE  1 
ATOM   566  N NZ  . LYS B 1 12 ? -8.943  -17.986 5.239   1.00 34.20 ? 14  LYS B NZ  1 
ATOM   567  N N   . PHE B 1 13 ? -4.675  -19.316 0.434   1.00 30.05 ? 15  PHE B N   1 
ATOM   568  C CA  . PHE B 1 13 ? -4.074  -20.400 -0.329  1.00 30.48 ? 15  PHE B CA  1 
ATOM   569  C C   . PHE B 1 13 ? -2.564  -20.261 -0.239  1.00 30.75 ? 15  PHE B C   1 
ATOM   570  O O   . PHE B 1 13 ? -2.058  -19.163 -0.001  1.00 30.70 ? 15  PHE B O   1 
ATOM   571  C CB  . PHE B 1 13 ? -4.481  -20.306 -1.803  1.00 30.53 ? 15  PHE B CB  1 
ATOM   572  C CG  . PHE B 1 13 ? -5.966  -20.274 -2.026  1.00 31.11 ? 15  PHE B CG  1 
ATOM   573  C CD1 . PHE B 1 13 ? -6.639  -19.066 -2.134  1.00 31.33 ? 15  PHE B CD1 1 
ATOM   574  C CD2 . PHE B 1 13 ? -6.688  -21.451 -2.131  1.00 31.44 ? 15  PHE B CD2 1 
ATOM   575  C CE1 . PHE B 1 13 ? -8.006  -19.033 -2.334  1.00 31.66 ? 15  PHE B CE1 1 
ATOM   576  C CE2 . PHE B 1 13 ? -8.059  -21.427 -2.335  1.00 31.81 ? 15  PHE B CE2 1 
ATOM   577  C CZ  . PHE B 1 13 ? -8.719  -20.217 -2.437  1.00 31.67 ? 15  PHE B CZ  1 
ATOM   578  N N   . ASN B 1 14 ? -1.840  -21.361 -0.428  1.00 30.98 ? 16  ASN B N   1 
ATOM   579  C CA  . ASN B 1 14 ? -0.383  -21.296 -0.459  1.00 31.38 ? 16  ASN B CA  1 
ATOM   580  C C   . ASN B 1 14 ? 0.050   -20.579 -1.719  1.00 31.46 ? 16  ASN B C   1 
ATOM   581  O O   . ASN B 1 14 ? -0.622  -20.651 -2.741  1.00 31.59 ? 16  ASN B O   1 
ATOM   582  C CB  . ASN B 1 14 ? 0.249   -22.691 -0.479  1.00 31.49 ? 16  ASN B CB  1 
ATOM   583  C CG  . ASN B 1 14 ? -0.103  -23.510 0.736   1.00 32.15 ? 16  ASN B CG  1 
ATOM   584  O OD1 . ASN B 1 14 ? -0.209  -24.735 0.661   1.00 33.81 ? 16  ASN B OD1 1 
ATOM   585  N ND2 . ASN B 1 14 ? -0.278  -22.848 1.864   1.00 31.73 ? 16  ASN B ND2 1 
ATOM   586  N N   . PHE B 1 15 ? 1.183   -19.895 -1.654  1.00 31.60 ? 17  PHE B N   1 
ATOM   587  C CA  . PHE B 1 15 ? 1.712   -19.241 -2.834  1.00 31.83 ? 17  PHE B CA  1 
ATOM   588  C C   . PHE B 1 15 ? 3.226   -19.312 -2.879  1.00 32.13 ? 17  PHE B C   1 
ATOM   589  O O   . PHE B 1 15 ? 3.907   -18.979 -1.910  1.00 31.86 ? 17  PHE B O   1 
ATOM   590  C CB  . PHE B 1 15 ? 1.264   -17.781 -2.910  1.00 31.73 ? 17  PHE B CB  1 
ATOM   591  C CG  . PHE B 1 15 ? 1.794   -17.061 -4.111  1.00 31.51 ? 17  PHE B CG  1 
ATOM   592  C CD1 . PHE B 1 15 ? 1.313   -17.353 -5.376  1.00 31.38 ? 17  PHE B CD1 1 
ATOM   593  C CD2 . PHE B 1 15 ? 2.793   -16.109 -3.982  1.00 31.37 ? 17  PHE B CD2 1 
ATOM   594  C CE1 . PHE B 1 15 ? 1.805   -16.697 -6.490  1.00 31.04 ? 17  PHE B CE1 1 
ATOM   595  C CE2 . PHE B 1 15 ? 3.291   -15.452 -5.094  1.00 30.98 ? 17  PHE B CE2 1 
ATOM   596  C CZ  . PHE B 1 15 ? 2.796   -15.745 -6.346  1.00 30.92 ? 17  PHE B CZ  1 
ATOM   597  N N   . GLN B 1 16 ? 3.744   -19.760 -4.015  1.00 32.69 ? 18  GLN B N   1 
ATOM   598  C CA  . GLN B 1 16 ? 5.176   -19.807 -4.241  1.00 33.45 ? 18  GLN B CA  1 
ATOM   599  C C   . GLN B 1 16 ? 5.532   -18.696 -5.213  1.00 33.70 ? 18  GLN B C   1 
ATOM   600  O O   . GLN B 1 16 ? 4.926   -18.585 -6.277  1.00 33.64 ? 18  GLN B O   1 
ATOM   601  C CB  . GLN B 1 16 ? 5.582   -21.161 -4.826  1.00 33.44 ? 18  GLN B CB  1 
ATOM   602  C CG  . GLN B 1 16 ? 6.972   -21.181 -5.436  1.00 34.37 ? 18  GLN B CG  1 
ATOM   603  C CD  . GLN B 1 16 ? 8.063   -20.979 -4.407  1.00 35.11 ? 18  GLN B CD  1 
ATOM   604  O OE1 . GLN B 1 16 ? 8.055   -21.617 -3.352  1.00 35.71 ? 18  GLN B OE1 1 
ATOM   605  N NE2 . GLN B 1 16 ? 9.003   -20.091 -4.705  1.00 35.70 ? 18  GLN B NE2 1 
ATOM   606  N N   . GLN B 1 17 ? 6.514   -17.878 -4.846  1.00 34.28 ? 19  GLN B N   1 
ATOM   607  C CA  . GLN B 1 17 ? 6.953   -16.768 -5.685  1.00 34.84 ? 19  GLN B CA  1 
ATOM   608  C C   . GLN B 1 17 ? 7.441   -17.234 -7.053  1.00 35.18 ? 19  GLN B C   1 
ATOM   609  O O   . GLN B 1 17 ? 8.205   -18.195 -7.161  1.00 35.20 ? 19  GLN B O   1 
ATOM   610  C CB  . GLN B 1 17 ? 8.061   -15.983 -4.986  1.00 35.03 ? 19  GLN B CB  1 
ATOM   611  C CG  . GLN B 1 17 ? 9.328   -16.791 -4.751  1.00 35.63 ? 19  GLN B CG  1 
ATOM   612  C CD  . GLN B 1 17 ? 10.205  -16.196 -3.676  1.00 36.45 ? 19  GLN B CD  1 
ATOM   613  O OE1 . GLN B 1 17 ? 9.809   -16.135 -2.513  1.00 37.52 ? 19  GLN B OE1 1 
ATOM   614  N NE2 . GLN B 1 17 ? 11.397  -15.761 -4.056  1.00 36.47 ? 19  GLN B NE2 1 
ATOM   615  N N   . THR B 1 18 ? 6.997   -16.544 -8.097  1.00 35.33 ? 20  THR B N   1 
ATOM   616  C CA  . THR B 1 18 ? 7.396   -16.879 -9.455  1.00 35.63 ? 20  THR B CA  1 
ATOM   617  C C   . THR B 1 18 ? 8.493   -15.938 -9.929  1.00 35.77 ? 20  THR B C   1 
ATOM   618  O O   . THR B 1 18 ? 9.106   -16.149 -10.978 1.00 35.96 ? 20  THR B O   1 
ATOM   619  C CB  . THR B 1 18 ? 6.184   -16.827 -10.396 1.00 35.72 ? 20  THR B CB  1 
ATOM   620  O OG1 . THR B 1 18 ? 5.604   -15.514 -10.371 1.00 35.89 ? 20  THR B OG1 1 
ATOM   621  C CG2 . THR B 1 18 ? 5.071   -17.707 -9.854  1.00 35.50 ? 20  THR B CG2 1 
ATOM   622  N N   . ASN B 1 19 ? 8.730   -14.897 -9.139  1.00 35.73 ? 21  ASN B N   1 
ATOM   623  C CA  . ASN B 1 19 ? 9.763   -13.911 -9.422  1.00 35.75 ? 21  ASN B CA  1 
ATOM   624  C C   . ASN B 1 19 ? 10.445  -13.507 -8.117  1.00 35.48 ? 21  ASN B C   1 
ATOM   625  O O   . ASN B 1 19 ? 9.902   -13.729 -7.034  1.00 35.53 ? 21  ASN B O   1 
ATOM   626  C CB  . ASN B 1 19 ? 9.175   -12.695 -10.147 1.00 35.98 ? 21  ASN B CB  1 
ATOM   627  C CG  . ASN B 1 19 ? 8.621   -13.043 -11.524 1.00 36.67 ? 21  ASN B CG  1 
ATOM   628  O OD1 . ASN B 1 19 ? 7.421   -13.289 -11.684 1.00 37.54 ? 21  ASN B OD1 1 
ATOM   629  N ND2 . ASN B 1 19 ? 9.493   -13.066 -12.526 1.00 36.54 ? 21  ASN B ND2 1 
ATOM   630  N N   . GLU B 1 20 ? 11.636  -12.926 -8.218  1.00 35.13 ? 22  GLU B N   1 
ATOM   631  C CA  . GLU B 1 20 ? 12.401  -12.544 -7.035  1.00 34.83 ? 22  GLU B CA  1 
ATOM   632  C C   . GLU B 1 20 ? 11.695  -11.511 -6.154  1.00 34.53 ? 22  GLU B C   1 
ATOM   633  O O   . GLU B 1 20 ? 11.874  -11.500 -4.934  1.00 34.50 ? 22  GLU B O   1 
ATOM   634  C CB  . GLU B 1 20 ? 13.780  -12.015 -7.440  1.00 34.96 ? 22  GLU B CB  1 
ATOM   635  N N   . ASP B 1 21 ? 10.888  -10.653 -6.770  1.00 34.04 ? 23  ASP B N   1 
ATOM   636  C CA  . ASP B 1 21 ? 10.201  -9.593  -6.032  1.00 33.51 ? 23  ASP B CA  1 
ATOM   637  C C   . ASP B 1 21 ? 8.821   -10.015 -5.539  1.00 32.90 ? 23  ASP B C   1 
ATOM   638  O O   . ASP B 1 21 ? 8.009   -9.180  -5.129  1.00 32.57 ? 23  ASP B O   1 
ATOM   639  C CB  . ASP B 1 21 ? 10.091  -8.334  -6.887  1.00 33.75 ? 23  ASP B CB  1 
ATOM   640  C CG  . ASP B 1 21 ? 9.223   -8.534  -8.105  1.00 34.40 ? 23  ASP B CG  1 
ATOM   641  O OD1 . ASP B 1 21 ? 9.110   -7.588  -8.908  1.00 35.32 ? 23  ASP B OD1 1 
ATOM   642  O OD2 . ASP B 1 21 ? 8.617   -9.599  -8.354  1.00 35.20 ? 23  ASP B OD2 1 
ATOM   643  N N   . GLU B 1 22 ? 8.555   -11.314 -5.589  1.00 32.16 ? 24  GLU B N   1 
ATOM   644  C CA  . GLU B 1 22 ? 7.285   -11.840 -5.119  1.00 31.51 ? 24  GLU B CA  1 
ATOM   645  C C   . GLU B 1 22 ? 7.449   -12.521 -3.773  1.00 31.21 ? 24  GLU B C   1 
ATOM   646  O O   . GLU B 1 22 ? 8.514   -13.034 -3.449  1.00 30.93 ? 24  GLU B O   1 
ATOM   647  C CB  . GLU B 1 22 ? 6.676   -12.800 -6.139  1.00 31.44 ? 24  GLU B CB  1 
ATOM   648  C CG  . GLU B 1 22 ? 6.072   -12.097 -7.344  1.00 30.88 ? 24  GLU B CG  1 
ATOM   649  C CD  . GLU B 1 22 ? 5.697   -13.059 -8.456  1.00 30.41 ? 24  GLU B CD  1 
ATOM   650  O OE1 . GLU B 1 22 ? 5.456   -14.252 -8.164  1.00 29.63 ? 24  GLU B OE1 1 
ATOM   651  O OE2 . GLU B 1 22 ? 5.644   -12.619 -9.622  1.00 29.92 ? 24  GLU B OE2 1 
ATOM   652  N N   . LEU B 1 23 ? 6.380   -12.506 -2.988  1.00 30.99 ? 25  LEU B N   1 
ATOM   653  C CA  . LEU B 1 23 ? 6.393   -13.104 -1.673  1.00 30.90 ? 25  LEU B CA  1 
ATOM   654  C C   . LEU B 1 23 ? 6.042   -14.580 -1.805  1.00 30.77 ? 25  LEU B C   1 
ATOM   655  O O   . LEU B 1 23 ? 5.433   -14.998 -2.787  1.00 30.81 ? 25  LEU B O   1 
ATOM   656  C CB  . LEU B 1 23 ? 5.350   -12.407 -0.804  1.00 31.02 ? 25  LEU B CB  1 
ATOM   657  C CG  . LEU B 1 23 ? 5.676   -11.965 0.620   1.00 31.32 ? 25  LEU B CG  1 
ATOM   658  C CD1 . LEU B 1 23 ? 6.966   -11.152 0.668   1.00 31.29 ? 25  LEU B CD1 1 
ATOM   659  C CD2 . LEU B 1 23 ? 4.504   -11.157 1.158   1.00 31.29 ? 25  LEU B CD2 1 
ATOM   660  N N   . SER B 1 24 ? 6.468   -15.370 -0.832  1.00 30.46 ? 26  SER B N   1 
ATOM   661  C CA  . SER B 1 24 ? 6.045   -16.755 -0.734  1.00 30.28 ? 26  SER B CA  1 
ATOM   662  C C   . SER B 1 24 ? 5.398   -16.877 0.628   1.00 29.96 ? 26  SER B C   1 
ATOM   663  O O   . SER B 1 24 ? 5.941   -16.394 1.622   1.00 29.94 ? 26  SER B O   1 
ATOM   664  C CB  . SER B 1 24 ? 7.224   -17.722 -0.839  1.00 30.24 ? 26  SER B CB  1 
ATOM   665  O OG  . SER B 1 24 ? 7.695   -17.800 -2.168  1.00 30.51 ? 26  SER B OG  1 
ATOM   666  N N   . PHE B 1 25 ? 4.232   -17.503 0.680   1.00 29.60 ? 27  PHE B N   1 
ATOM   667  C CA  . PHE B 1 25 ? 3.537   -17.661 1.945   1.00 29.40 ? 27  PHE B CA  1 
ATOM   668  C C   . PHE B 1 25 ? 2.666   -18.901 1.942   1.00 29.12 ? 27  PHE B C   1 
ATOM   669  O O   . PHE B 1 25 ? 2.466   -19.535 0.904   1.00 29.02 ? 27  PHE B O   1 
ATOM   670  C CB  . PHE B 1 25 ? 2.693   -16.425 2.273   1.00 29.48 ? 27  PHE B CB  1 
ATOM   671  C CG  . PHE B 1 25 ? 1.772   -16.003 1.160   1.00 29.83 ? 27  PHE B CG  1 
ATOM   672  C CD1 . PHE B 1 25 ? 0.554   -16.636 0.969   1.00 29.68 ? 27  PHE B CD1 1 
ATOM   673  C CD2 . PHE B 1 25 ? 2.122   -14.965 0.313   1.00 30.56 ? 27  PHE B CD2 1 
ATOM   674  C CE1 . PHE B 1 25 ? -0.301  -16.248 -0.053  1.00 29.61 ? 27  PHE B CE1 1 
ATOM   675  C CE2 . PHE B 1 25 ? 1.274   -14.568 -0.712  1.00 30.47 ? 27  PHE B CE2 1 
ATOM   676  C CZ  . PHE B 1 25 ? 0.059   -15.214 -0.894  1.00 30.29 ? 27  PHE B CZ  1 
ATOM   677  N N   . SER B 1 26 ? 2.157   -19.238 3.117   1.00 28.85 ? 28  SER B N   1 
ATOM   678  C CA  . SER B 1 26 ? 1.302   -20.396 3.280   1.00 28.75 ? 28  SER B CA  1 
ATOM   679  C C   . SER B 1 26 ? -0.066  -19.953 3.748   1.00 28.46 ? 28  SER B C   1 
ATOM   680  O O   . SER B 1 26 ? -0.208  -18.899 4.363   1.00 28.23 ? 28  SER B O   1 
ATOM   681  C CB  . SER B 1 26 ? 1.905   -21.361 4.304   1.00 28.90 ? 28  SER B CB  1 
ATOM   682  O OG  . SER B 1 26 ? 3.137   -21.875 3.836   1.00 29.07 ? 28  SER B OG  1 
ATOM   683  N N   . LYS B 1 27 ? -1.076  -20.759 3.449   1.00 28.12 ? 29  LYS B N   1 
ATOM   684  C CA  . LYS B 1 27 ? -2.422  -20.462 3.902   1.00 28.01 ? 29  LYS B CA  1 
ATOM   685  C C   . LYS B 1 27 ? -2.386  -20.204 5.405   1.00 27.73 ? 29  LYS B C   1 
ATOM   686  O O   . LYS B 1 27 ? -1.725  -20.929 6.155   1.00 27.70 ? 29  LYS B O   1 
ATOM   687  C CB  . LYS B 1 27 ? -3.353  -21.634 3.576   1.00 28.05 ? 29  LYS B CB  1 
ATOM   688  C CG  . LYS B 1 27 ? -4.778  -21.450 4.049   1.00 28.77 ? 29  LYS B CG  1 
ATOM   689  C CD  . LYS B 1 27 ? -5.653  -22.611 3.589   1.00 29.29 ? 29  LYS B CD  1 
ATOM   690  C CE  . LYS B 1 27 ? -7.085  -22.430 4.050   1.00 30.20 ? 29  LYS B CE  1 
ATOM   691  N NZ  . LYS B 1 27 ? -7.957  -23.564 3.594   1.00 30.99 ? 29  LYS B NZ  1 
ATOM   692  N N   . GLY B 1 28 ? -3.077  -19.158 5.843   1.00 27.42 ? 30  GLY B N   1 
ATOM   693  C CA  . GLY B 1 28 ? -3.099  -18.804 7.250   1.00 27.37 ? 30  GLY B CA  1 
ATOM   694  C C   . GLY B 1 28 ? -2.140  -17.670 7.576   1.00 27.20 ? 30  GLY B C   1 
ATOM   695  O O   . GLY B 1 28 ? -2.330  -16.951 8.560   1.00 27.51 ? 30  GLY B O   1 
ATOM   696  N N   . ASP B 1 29 ? -1.115  -17.503 6.744   1.00 26.95 ? 31  ASP B N   1 
ATOM   697  C CA  . ASP B 1 29 ? -0.119  -16.453 6.964   1.00 26.36 ? 31  ASP B CA  1 
ATOM   698  C C   . ASP B 1 29 ? -0.736  -15.058 6.927   1.00 26.01 ? 31  ASP B C   1 
ATOM   699  O O   . ASP B 1 29 ? -1.670  -14.796 6.178   1.00 25.55 ? 31  ASP B O   1 
ATOM   700  C CB  . ASP B 1 29 ? 1.012   -16.544 5.945   1.00 26.47 ? 31  ASP B CB  1 
ATOM   701  C CG  . ASP B 1 29 ? 1.993   -17.658 6.259   1.00 26.78 ? 31  ASP B CG  1 
ATOM   702  O OD1 . ASP B 1 29 ? 1.907   -18.245 7.357   1.00 27.40 ? 31  ASP B OD1 1 
ATOM   703  O OD2 . ASP B 1 29 ? 2.885   -18.010 5.468   1.00 26.56 ? 31  ASP B OD2 1 
ATOM   704  N N   . VAL B 1 30 ? -0.181  -14.169 7.741   1.00 25.70 ? 32  VAL B N   1 
ATOM   705  C CA  . VAL B 1 30 ? -0.650  -12.796 7.845   1.00 25.36 ? 32  VAL B CA  1 
ATOM   706  C C   . VAL B 1 30 ? 0.314   -11.849 7.126   1.00 25.14 ? 32  VAL B C   1 
ATOM   707  O O   . VAL B 1 30 ? 1.526   -11.891 7.359   1.00 25.05 ? 32  VAL B O   1 
ATOM   708  C CB  . VAL B 1 30 ? -0.755  -12.392 9.321   1.00 25.45 ? 32  VAL B CB  1 
ATOM   709  C CG1 . VAL B 1 30 ? -1.274  -10.959 9.459   1.00 25.89 ? 32  VAL B CG1 1 
ATOM   710  C CG2 . VAL B 1 30 ? -1.642  -13.381 10.071  1.00 25.10 ? 32  VAL B CG2 1 
ATOM   711  N N   . ILE B 1 31 ? -0.228  -11.004 6.250   1.00 24.59 ? 33  ILE B N   1 
ATOM   712  C CA  . ILE B 1 31 ? 0.575   -10.049 5.491   1.00 24.14 ? 33  ILE B CA  1 
ATOM   713  C C   . ILE B 1 31 ? 0.109   -8.615  5.755   1.00 23.95 ? 33  ILE B C   1 
ATOM   714  O O   . ILE B 1 31 ? -1.091  -8.343  5.798   1.00 23.83 ? 33  ILE B O   1 
ATOM   715  C CB  . ILE B 1 31 ? 0.479   -10.350 3.977   1.00 24.32 ? 33  ILE B CB  1 
ATOM   716  C CG1 . ILE B 1 31 ? 0.822   -11.814 3.684   1.00 24.37 ? 33  ILE B CG1 1 
ATOM   717  C CG2 . ILE B 1 31 ? 1.373   -9.402  3.171   1.00 24.27 ? 33  ILE B CG2 1 
ATOM   718  C CD1 . ILE B 1 31 ? 0.494   -12.238 2.265   1.00 24.80 ? 33  ILE B CD1 1 
ATOM   719  N N   . HIS B 1 32 ? 1.066   -7.712  5.953   1.00 23.55 ? 34  HIS B N   1 
ATOM   720  C CA  . HIS B 1 32 ? 0.777   -6.299  6.145   1.00 23.27 ? 34  HIS B CA  1 
ATOM   721  C C   . HIS B 1 32 ? 0.981   -5.624  4.794   1.00 22.99 ? 34  HIS B C   1 
ATOM   722  O O   . HIS B 1 32 ? 2.074   -5.650  4.242   1.00 23.21 ? 34  HIS B O   1 
ATOM   723  C CB  . HIS B 1 32 ? 1.700   -5.699  7.206   1.00 23.44 ? 34  HIS B CB  1 
ATOM   724  C CG  . HIS B 1 32 ? 1.521   -6.308  8.563   1.00 24.12 ? 34  HIS B CG  1 
ATOM   725  N ND1 . HIS B 1 32 ? 0.779   -5.706  9.556   1.00 24.61 ? 34  HIS B ND1 1 
ATOM   726  C CD2 . HIS B 1 32 ? 1.971   -7.475  9.083   1.00 24.40 ? 34  HIS B CD2 1 
ATOM   727  C CE1 . HIS B 1 32 ? 0.787   -6.471  10.634  1.00 25.34 ? 34  HIS B CE1 1 
ATOM   728  N NE2 . HIS B 1 32 ? 1.504   -7.550  10.374  1.00 25.27 ? 34  HIS B NE2 1 
ATOM   729  N N   . VAL B 1 33 ? -0.085  -5.041  4.261   1.00 22.76 ? 35  VAL B N   1 
ATOM   730  C CA  . VAL B 1 33 ? -0.074  -4.452  2.923   1.00 22.38 ? 35  VAL B CA  1 
ATOM   731  C C   . VAL B 1 33 ? 0.642   -3.103  2.821   1.00 22.58 ? 35  VAL B C   1 
ATOM   732  O O   . VAL B 1 33 ? 0.365   -2.190  3.596   1.00 22.04 ? 35  VAL B O   1 
ATOM   733  C CB  . VAL B 1 33 ? -1.515  -4.293  2.395   1.00 22.29 ? 35  VAL B CB  1 
ATOM   734  C CG1 . VAL B 1 33 ? -1.515  -3.731  0.976   1.00 22.26 ? 35  VAL B CG1 1 
ATOM   735  C CG2 . VAL B 1 33 ? -2.266  -5.627  2.455   1.00 21.76 ? 35  VAL B CG2 1 
ATOM   736  N N   . THR B 1 34 ? 1.547   -2.981  1.847   1.00 22.72 ? 36  THR B N   1 
ATOM   737  C CA  . THR B 1 34 ? 2.263   -1.727  1.609   1.00 23.06 ? 36  THR B CA  1 
ATOM   738  C C   . THR B 1 34 ? 1.757   -1.018  0.358   1.00 23.40 ? 36  THR B C   1 
ATOM   739  O O   . THR B 1 34 ? 1.763   0.211   0.287   1.00 23.41 ? 36  THR B O   1 
ATOM   740  C CB  . THR B 1 34 ? 3.770   -1.974  1.480   1.00 23.17 ? 36  THR B CB  1 
ATOM   741  O OG1 . THR B 1 34 ? 4.000   -3.029  0.537   1.00 23.05 ? 36  THR B OG1 1 
ATOM   742  C CG2 . THR B 1 34 ? 4.334   -2.518  2.784   1.00 23.32 ? 36  THR B CG2 1 
ATOM   743  N N   . ARG B 1 35 ? 1.338   -1.793  -0.638  1.00 23.66 ? 37  ARG B N   1 
ATOM   744  C CA  . ARG B 1 35 ? 0.794   -1.217  -1.862  1.00 23.97 ? 37  ARG B CA  1 
ATOM   745  C C   . ARG B 1 35 ? -0.453  -1.956  -2.329  1.00 24.10 ? 37  ARG B C   1 
ATOM   746  O O   . ARG B 1 35 ? -0.418  -3.163  -2.572  1.00 23.93 ? 37  ARG B O   1 
ATOM   747  C CB  . ARG B 1 35 ? 1.818   -1.236  -3.006  1.00 24.22 ? 37  ARG B CB  1 
ATOM   748  C CG  . ARG B 1 35 ? 3.003   -0.304  -2.874  1.00 25.08 ? 37  ARG B CG  1 
ATOM   749  C CD  . ARG B 1 35 ? 4.026   -0.485  -3.998  1.00 26.24 ? 37  ARG B CD  1 
ATOM   750  N NE  . ARG B 1 35 ? 5.186   0.392   -3.869  1.00 27.18 ? 37  ARG B NE  1 
ATOM   751  C CZ  . ARG B 1 35 ? 5.275   1.593   -4.426  1.00 27.86 ? 37  ARG B CZ  1 
ATOM   752  N NH1 . ARG B 1 35 ? 6.375   2.317   -4.267  1.00 28.73 ? 37  ARG B NH1 1 
ATOM   753  N NH2 . ARG B 1 35 ? 4.266   2.075   -5.139  1.00 27.95 ? 37  ARG B NH2 1 
ATOM   754  N N   . VAL B 1 36 ? -1.556  -1.224  -2.433  1.00 24.30 ? 38  VAL B N   1 
ATOM   755  C CA  . VAL B 1 36 ? -2.772  -1.755  -3.026  1.00 24.48 ? 38  VAL B CA  1 
ATOM   756  C C   . VAL B 1 36 ? -2.807  -1.216  -4.455  1.00 24.82 ? 38  VAL B C   1 
ATOM   757  O O   . VAL B 1 36 ? -2.668  -0.012  -4.676  1.00 24.86 ? 38  VAL B O   1 
ATOM   758  C CB  . VAL B 1 36 ? -4.040  -1.304  -2.262  1.00 24.47 ? 38  VAL B CB  1 
ATOM   759  C CG1 . VAL B 1 36 ? -5.299  -1.667  -3.043  1.00 24.45 ? 38  VAL B CG1 1 
ATOM   760  C CG2 . VAL B 1 36 ? -4.074  -1.925  -0.871  1.00 24.14 ? 38  VAL B CG2 1 
ATOM   761  N N   . GLU B 1 37 ? -2.946  -2.110  -5.427  1.00 25.08 ? 39  GLU B N   1 
ATOM   762  C CA  . GLU B 1 37 ? -3.011  -1.719  -6.826  1.00 25.64 ? 39  GLU B CA  1 
ATOM   763  C C   . GLU B 1 37 ? -4.002  -2.613  -7.548  1.00 25.61 ? 39  GLU B C   1 
ATOM   764  O O   . GLU B 1 37 ? -4.189  -3.772  -7.182  1.00 25.43 ? 39  GLU B O   1 
ATOM   765  C CB  . GLU B 1 37 ? -1.645  -1.873  -7.515  1.00 26.18 ? 39  GLU B CB  1 
ATOM   766  C CG  . GLU B 1 37 ? -0.563  -0.882  -7.114  1.00 27.80 ? 39  GLU B CG  1 
ATOM   767  C CD  . GLU B 1 37 ? 0.667   -0.963  -8.005  1.00 29.67 ? 39  GLU B CD  1 
ATOM   768  O OE1 . GLU B 1 37 ? 1.709   -0.375  -7.645  1.00 30.78 ? 39  GLU B OE1 1 
ATOM   769  O OE2 . GLU B 1 37 ? 0.599   -1.604  -9.073  1.00 30.84 ? 39  GLU B OE2 1 
ATOM   770  N N   . GLU B 1 38 ? -4.636  -2.078  -8.579  1.00 25.73 ? 40  GLU B N   1 
ATOM   771  C CA  . GLU B 1 38 ? -5.510  -2.885  -9.407  1.00 25.88 ? 40  GLU B CA  1 
ATOM   772  C C   . GLU B 1 38 ? -4.610  -3.729  -10.309 1.00 25.95 ? 40  GLU B C   1 
ATOM   773  O O   . GLU B 1 38 ? -3.432  -3.409  -10.504 1.00 26.06 ? 40  GLU B O   1 
ATOM   774  C CB  . GLU B 1 38 ? -6.408  -1.989  -10.254 1.00 26.12 ? 40  GLU B CB  1 
ATOM   775  C CG  . GLU B 1 38 ? -5.646  -1.200  -11.301 1.00 26.34 ? 40  GLU B CG  1 
ATOM   776  N N   . GLY B 1 39 ? -5.152  -4.802  -10.864 1.00 26.04 ? 41  GLY B N   1 
ATOM   777  C CA  . GLY B 1 39 ? -4.368  -5.649  -11.745 1.00 25.97 ? 41  GLY B CA  1 
ATOM   778  C C   . GLY B 1 39 ? -4.071  -7.020  -11.163 1.00 25.75 ? 41  GLY B C   1 
ATOM   779  O O   . GLY B 1 39 ? -3.403  -7.835  -11.805 1.00 26.12 ? 41  GLY B O   1 
ATOM   780  N N   . GLY B 1 40 ? -4.529  -7.259  -9.939  1.00 25.23 ? 42  GLY B N   1 
ATOM   781  C CA  . GLY B 1 40 ? -4.395  -8.571  -9.318  1.00 24.88 ? 42  GLY B CA  1 
ATOM   782  C C   . GLY B 1 40 ? -3.166  -8.822  -8.466  1.00 24.44 ? 42  GLY B C   1 
ATOM   783  O O   . GLY B 1 40 ? -2.951  -9.946  -7.994  1.00 24.75 ? 42  GLY B O   1 
ATOM   784  N N   . TRP B 1 41 ? -2.348  -7.795  -8.269  1.00 23.60 ? 43  TRP B N   1 
ATOM   785  C CA  . TRP B 1 41 ? -1.148  -7.944  -7.458  1.00 23.38 ? 43  TRP B CA  1 
ATOM   786  C C   . TRP B 1 41 ? -1.002  -6.795  -6.474  1.00 23.12 ? 43  TRP B C   1 
ATOM   787  O O   . TRP B 1 41 ? -1.111  -5.631  -6.857  1.00 23.02 ? 43  TRP B O   1 
ATOM   788  C CB  . TRP B 1 41 ? 0.093   -8.040  -8.343  1.00 23.31 ? 43  TRP B CB  1 
ATOM   789  C CG  . TRP B 1 41 ? 0.131   -9.298  -9.148  1.00 23.78 ? 43  TRP B CG  1 
ATOM   790  C CD1 . TRP B 1 41 ? -0.526  -9.548  -10.320 1.00 24.03 ? 43  TRP B CD1 1 
ATOM   791  C CD2 . TRP B 1 41 ? 0.848   -10.493 -8.828  1.00 24.04 ? 43  TRP B CD2 1 
ATOM   792  N NE1 . TRP B 1 41 ? -0.256  -10.826 -10.749 1.00 24.23 ? 43  TRP B NE1 1 
ATOM   793  C CE2 . TRP B 1 41 ? 0.591   -11.426 -9.853  1.00 24.42 ? 43  TRP B CE2 1 
ATOM   794  C CE3 . TRP B 1 41 ? 1.690   -10.870 -7.776  1.00 24.11 ? 43  TRP B CE3 1 
ATOM   795  C CZ2 . TRP B 1 41 ? 1.149   -12.707 -9.859  1.00 24.32 ? 43  TRP B CZ2 1 
ATOM   796  C CZ3 . TRP B 1 41 ? 2.240   -12.142 -7.781  1.00 24.23 ? 43  TRP B CZ3 1 
ATOM   797  C CH2 . TRP B 1 41 ? 1.963   -13.044 -8.817  1.00 24.44 ? 43  TRP B CH2 1 
ATOM   798  N N   . TRP B 1 42 ? -0.787  -7.143  -5.210  1.00 22.84 ? 44  TRP B N   1 
ATOM   799  C CA  . TRP B 1 42 ? -0.578  -6.174  -4.138  1.00 23.02 ? 44  TRP B CA  1 
ATOM   800  C C   . TRP B 1 42 ? 0.810   -6.388  -3.558  1.00 23.02 ? 44  TRP B C   1 
ATOM   801  O O   . TRP B 1 42 ? 1.400   -7.455  -3.733  1.00 22.71 ? 44  TRP B O   1 
ATOM   802  C CB  . TRP B 1 42 ? -1.592  -6.385  -3.017  1.00 23.06 ? 44  TRP B CB  1 
ATOM   803  C CG  . TRP B 1 42 ? -2.999  -5.933  -3.321  1.00 23.29 ? 44  TRP B CG  1 
ATOM   804  C CD1 . TRP B 1 42 ? -3.471  -5.440  -4.500  1.00 23.16 ? 44  TRP B CD1 1 
ATOM   805  C CD2 . TRP B 1 42 ? -4.109  -5.933  -2.415  1.00 24.55 ? 44  TRP B CD2 1 
ATOM   806  N NE1 . TRP B 1 42 ? -4.809  -5.148  -4.391  1.00 23.39 ? 44  TRP B NE1 1 
ATOM   807  C CE2 . TRP B 1 42 ? -5.224  -5.433  -3.117  1.00 24.35 ? 44  TRP B CE2 1 
ATOM   808  C CE3 . TRP B 1 42 ? -4.276  -6.310  -1.076  1.00 25.36 ? 44  TRP B CE3 1 
ATOM   809  C CZ2 . TRP B 1 42 ? -6.479  -5.295  -2.527  1.00 25.12 ? 44  TRP B CZ2 1 
ATOM   810  C CZ3 . TRP B 1 42 ? -5.520  -6.174  -0.493  1.00 26.25 ? 44  TRP B CZ3 1 
ATOM   811  C CH2 . TRP B 1 42 ? -6.610  -5.672  -1.219  1.00 25.86 ? 44  TRP B CH2 1 
ATOM   812  N N   . GLU B 1 43 ? 1.327   -5.386  -2.854  1.00 22.93 ? 45  GLU B N   1 
ATOM   813  C CA  . GLU B 1 43 ? 2.623   -5.507  -2.202  1.00 23.44 ? 45  GLU B CA  1 
ATOM   814  C C   . GLU B 1 43 ? 2.398   -5.528  -0.693  1.00 23.60 ? 45  GLU B C   1 
ATOM   815  O O   . GLU B 1 43 ? 1.515   -4.835  -0.180  1.00 23.58 ? 45  GLU B O   1 
ATOM   816  C CB  . GLU B 1 43 ? 3.553   -4.351  -2.599  1.00 23.58 ? 45  GLU B CB  1 
ATOM   817  C CG  . GLU B 1 43 ? 5.014   -4.567  -2.233  1.00 24.54 ? 45  GLU B CG  1 
ATOM   818  C CD  . GLU B 1 43 ? 5.813   -3.275  -2.245  1.00 25.53 ? 45  GLU B CD  1 
ATOM   819  O OE1 . GLU B 1 43 ? 5.431   -2.335  -1.514  1.00 25.28 ? 45  GLU B OE1 1 
ATOM   820  O OE2 . GLU B 1 43 ? 6.815   -3.197  -2.986  1.00 25.85 ? 45  GLU B OE2 1 
ATOM   821  N N   . GLY B 1 44 ? 3.172   -6.342  0.015   1.00 23.79 ? 46  GLY B N   1 
ATOM   822  C CA  . GLY B 1 44 ? 3.056   -6.434  1.457   1.00 24.05 ? 46  GLY B CA  1 
ATOM   823  C C   . GLY B 1 44 ? 4.310   -6.966  2.127   1.00 24.56 ? 46  GLY B C   1 
ATOM   824  O O   . GLY B 1 44 ? 5.272   -7.336  1.459   1.00 24.76 ? 46  GLY B O   1 
ATOM   825  N N   . THR B 1 45 ? 4.308   -6.988  3.453   1.00 25.00 ? 47  THR B N   1 
ATOM   826  C CA  . THR B 1 45 ? 5.443   -7.533  4.185   1.00 25.79 ? 47  THR B CA  1 
ATOM   827  C C   . THR B 1 45 ? 5.035   -8.785  4.940   1.00 26.25 ? 47  THR B C   1 
ATOM   828  O O   . THR B 1 45 ? 3.905   -8.909  5.412   1.00 25.69 ? 47  THR B O   1 
ATOM   829  C CB  . THR B 1 45 ? 6.037   -6.514  5.169   1.00 25.53 ? 47  THR B CB  1 
ATOM   830  O OG1 . THR B 1 45 ? 5.057   -6.173  6.155   1.00 25.75 ? 47  THR B OG1 1 
ATOM   831  C CG2 . THR B 1 45 ? 6.328   -5.208  4.472   1.00 25.88 ? 47  THR B CG2 1 
ATOM   832  N N   . HIS B 1 46 ? 5.981   -9.703  5.064   1.00 27.37 ? 48  HIS B N   1 
ATOM   833  C CA  . HIS B 1 46 ? 5.751   -10.945 5.772   1.00 28.72 ? 48  HIS B CA  1 
ATOM   834  C C   . HIS B 1 46 ? 7.091   -11.585 6.087   1.00 29.35 ? 48  HIS B C   1 
ATOM   835  O O   . HIS B 1 46 ? 7.967   -11.653 5.230   1.00 29.23 ? 48  HIS B O   1 
ATOM   836  C CB  . HIS B 1 46 ? 4.908   -11.896 4.922   1.00 29.12 ? 48  HIS B CB  1 
ATOM   837  C CG  . HIS B 1 46 ? 4.829   -13.282 5.473   1.00 30.16 ? 48  HIS B CG  1 
ATOM   838  N ND1 . HIS B 1 46 ? 5.523   -14.339 4.926   1.00 31.40 ? 48  HIS B ND1 1 
ATOM   839  C CD2 . HIS B 1 46 ? 4.153   -13.783 6.533   1.00 30.99 ? 48  HIS B CD2 1 
ATOM   840  C CE1 . HIS B 1 46 ? 5.271   -15.434 5.620   1.00 31.70 ? 48  HIS B CE1 1 
ATOM   841  N NE2 . HIS B 1 46 ? 4.443   -15.125 6.600   1.00 31.77 ? 48  HIS B NE2 1 
ATOM   842  N N   . ASN B 1 47 ? 7.251   -12.029 7.327   1.00 30.42 ? 49  ASN B N   1 
ATOM   843  C CA  . ASN B 1 47 ? 8.476   -12.699 7.752   1.00 31.36 ? 49  ASN B CA  1 
ATOM   844  C C   . ASN B 1 47 ? 9.766   -11.926 7.494   1.00 32.05 ? 49  ASN B C   1 
ATOM   845  O O   . ASN B 1 47 ? 10.803  -12.522 7.208   1.00 32.78 ? 49  ASN B O   1 
ATOM   846  N N   . GLY B 1 48 ? 9.704   -10.603 7.585   1.00 32.37 ? 50  GLY B N   1 
ATOM   847  C CA  . GLY B 1 48 ? 10.891  -9.788  7.408   1.00 32.40 ? 50  GLY B CA  1 
ATOM   848  C C   . GLY B 1 48 ? 11.160  -9.264  6.012   1.00 32.45 ? 50  GLY B C   1 
ATOM   849  O O   . GLY B 1 48 ? 12.097  -8.491  5.817   1.00 32.77 ? 50  GLY B O   1 
ATOM   850  N N   . ARG B 1 49 ? 10.363  -9.666  5.026   1.00 32.10 ? 51  ARG B N   1 
ATOM   851  C CA  . ARG B 1 49 ? 10.597  -9.149  3.682   1.00 32.01 ? 51  ARG B CA  1 
ATOM   852  C C   . ARG B 1 49 ? 9.367   -8.547  3.016   1.00 31.12 ? 51  ARG B C   1 
ATOM   853  O O   . ARG B 1 49 ? 8.235   -8.795  3.426   1.00 31.00 ? 51  ARG B O   1 
ATOM   854  C CB  . ARG B 1 49 ? 11.261  -10.190 2.775   1.00 32.56 ? 51  ARG B CB  1 
ATOM   855  C CG  . ARG B 1 49 ? 10.390  -11.359 2.387   1.00 34.21 ? 51  ARG B CG  1 
ATOM   856  C CD  . ARG B 1 49 ? 11.054  -12.299 1.390   1.00 36.69 ? 51  ARG B CD  1 
ATOM   857  N NE  . ARG B 1 49 ? 11.191  -11.671 0.078   1.00 38.96 ? 51  ARG B NE  1 
ATOM   858  C CZ  . ARG B 1 49 ? 10.828  -12.238 -1.063  1.00 40.01 ? 51  ARG B CZ  1 
ATOM   859  N NH1 . ARG B 1 49 ? 10.982  -11.586 -2.207  1.00 40.90 ? 51  ARG B NH1 1 
ATOM   860  N NH2 . ARG B 1 49 ? 10.311  -13.457 -1.067  1.00 40.58 ? 51  ARG B NH2 1 
ATOM   861  N N   . THR B 1 50 ? 9.624   -7.743  1.990   1.00 30.29 ? 52  THR B N   1 
ATOM   862  C CA  . THR B 1 50 ? 8.586   -7.043  1.249   1.00 29.63 ? 52  THR B CA  1 
ATOM   863  C C   . THR B 1 50 ? 8.518   -7.589  -0.164  1.00 28.96 ? 52  THR B C   1 
ATOM   864  O O   . THR B 1 50 ? 9.537   -7.688  -0.854  1.00 29.09 ? 52  THR B O   1 
ATOM   865  C CB  . THR B 1 50 ? 8.914   -5.543  1.202   1.00 29.78 ? 52  THR B CB  1 
ATOM   866  O OG1 . THR B 1 50 ? 8.937   -5.020  2.535   1.00 29.87 ? 52  THR B OG1 1 
ATOM   867  C CG2 . THR B 1 50 ? 7.799   -4.761  0.514   1.00 29.98 ? 52  THR B CG2 1 
ATOM   868  N N   . GLY B 1 51 ? 7.315   -7.940  -0.602  1.00 27.90 ? 53  GLY B N   1 
ATOM   869  C CA  . GLY B 1 51 ? 7.148   -8.458  -1.940  1.00 26.70 ? 53  GLY B CA  1 
ATOM   870  C C   . GLY B 1 51 ? 5.728   -8.425  -2.458  1.00 25.85 ? 53  GLY B C   1 
ATOM   871  O O   . GLY B 1 51 ? 4.776   -8.162  -1.721  1.00 25.35 ? 53  GLY B O   1 
ATOM   872  N N   . TRP B 1 52 ? 5.604   -8.719  -3.745  1.00 25.08 ? 54  TRP B N   1 
ATOM   873  C CA  . TRP B 1 52 ? 4.327   -8.725  -4.434  1.00 24.59 ? 54  TRP B CA  1 
ATOM   874  C C   . TRP B 1 52 ? 3.623   -10.069 -4.290  1.00 24.29 ? 54  TRP B C   1 
ATOM   875  O O   . TRP B 1 52 ? 4.267   -11.108 -4.142  1.00 24.45 ? 54  TRP B O   1 
ATOM   876  C CB  . TRP B 1 52 ? 4.536   -8.370  -5.905  1.00 24.46 ? 54  TRP B CB  1 
ATOM   877  C CG  . TRP B 1 52 ? 4.950   -6.943  -6.077  1.00 24.71 ? 54  TRP B CG  1 
ATOM   878  C CD1 . TRP B 1 52 ? 6.225   -6.454  -6.135  1.00 24.65 ? 54  TRP B CD1 1 
ATOM   879  C CD2 . TRP B 1 52 ? 4.082   -5.811  -6.165  1.00 24.41 ? 54  TRP B CD2 1 
ATOM   880  N NE1 . TRP B 1 52 ? 6.201   -5.086  -6.281  1.00 25.38 ? 54  TRP B NE1 1 
ATOM   881  C CE2 . TRP B 1 52 ? 4.897   -4.665  -6.300  1.00 25.12 ? 54  TRP B CE2 1 
ATOM   882  C CE3 . TRP B 1 52 ? 2.692   -5.648  -6.170  1.00 24.00 ? 54  TRP B CE3 1 
ATOM   883  C CZ2 . TRP B 1 52 ? 4.368   -3.381  -6.423  1.00 25.29 ? 54  TRP B CZ2 1 
ATOM   884  C CZ3 . TRP B 1 52 ? 2.168   -4.368  -6.289  1.00 24.53 ? 54  TRP B CZ3 1 
ATOM   885  C CH2 . TRP B 1 52 ? 3.006   -3.253  -6.416  1.00 24.76 ? 54  TRP B CH2 1 
ATOM   886  N N   . PHE B 1 53 ? 2.297   -10.040 -4.311  1.00 23.79 ? 55  PHE B N   1 
ATOM   887  C CA  . PHE B 1 53 ? 1.512   -11.258 -4.167  1.00 23.65 ? 55  PHE B CA  1 
ATOM   888  C C   . PHE B 1 53 ? 0.147   -11.090 -4.823  1.00 23.72 ? 55  PHE B C   1 
ATOM   889  O O   . PHE B 1 53 ? -0.327  -9.965  -5.017  1.00 23.44 ? 55  PHE B O   1 
ATOM   890  C CB  . PHE B 1 53 ? 1.369   -11.642 -2.688  1.00 23.31 ? 55  PHE B CB  1 
ATOM   891  C CG  . PHE B 1 53 ? 0.612   -10.632 -1.862  1.00 22.87 ? 55  PHE B CG  1 
ATOM   892  C CD1 . PHE B 1 53 ? -0.755  -10.762 -1.666  1.00 22.30 ? 55  PHE B CD1 1 
ATOM   893  C CD2 . PHE B 1 53 ? 1.273   -9.556  -1.278  1.00 22.82 ? 55  PHE B CD2 1 
ATOM   894  C CE1 . PHE B 1 53 ? -1.456  -9.835  -0.912  1.00 22.23 ? 55  PHE B CE1 1 
ATOM   895  C CE2 . PHE B 1 53 ? 0.579   -8.621  -0.528  1.00 22.44 ? 55  PHE B CE2 1 
ATOM   896  C CZ  . PHE B 1 53 ? -0.788  -8.762  -0.337  1.00 22.78 ? 55  PHE B CZ  1 
ATOM   897  N N   . PRO B 1 54 ? -0.459  -12.206 -5.209  1.00 23.83 ? 56  PRO B N   1 
ATOM   898  C CA  . PRO B 1 54 ? -1.778  -12.195 -5.850  1.00 23.95 ? 56  PRO B CA  1 
ATOM   899  C C   . PRO B 1 54 ? -2.857  -11.745 -4.875  1.00 23.92 ? 56  PRO B C   1 
ATOM   900  O O   . PRO B 1 54 ? -3.084  -12.401 -3.861  1.00 23.83 ? 56  PRO B O   1 
ATOM   901  C CB  . PRO B 1 54 ? -1.982  -13.666 -6.234  1.00 23.93 ? 56  PRO B CB  1 
ATOM   902  C CG  . PRO B 1 54 ? -1.136  -14.395 -5.241  1.00 24.23 ? 56  PRO B CG  1 
ATOM   903  C CD  . PRO B 1 54 ? 0.102   -13.567 -5.121  1.00 23.88 ? 56  PRO B CD  1 
ATOM   904  N N   . SER B 1 55 ? -3.517  -10.629 -5.178  1.00 24.27 ? 57  SER B N   1 
ATOM   905  C CA  . SER B 1 55 ? -4.530  -10.089 -4.274  1.00 24.37 ? 57  SER B CA  1 
ATOM   906  C C   . SER B 1 55 ? -5.712  -11.035 -4.108  1.00 24.70 ? 57  SER B C   1 
ATOM   907  O O   . SER B 1 55 ? -6.431  -10.961 -3.116  1.00 24.47 ? 57  SER B O   1 
ATOM   908  C CB  . SER B 1 55 ? -4.989  -8.689  -4.714  1.00 24.59 ? 57  SER B CB  1 
ATOM   909  O OG  . SER B 1 55 ? -5.414  -8.668  -6.065  1.00 24.67 ? 57  SER B OG  1 
ATOM   910  N N   . ASN B 1 56 ? -5.908  -11.927 -5.076  1.00 24.97 ? 58  ASN B N   1 
ATOM   911  C CA  . ASN B 1 56 ? -7.001  -12.891 -4.987  1.00 25.44 ? 58  ASN B CA  1 
ATOM   912  C C   . ASN B 1 56 ? -6.630  -14.129 -4.169  1.00 25.71 ? 58  ASN B C   1 
ATOM   913  O O   . ASN B 1 56 ? -7.420  -15.064 -4.055  1.00 25.84 ? 58  ASN B O   1 
ATOM   914  C CB  . ASN B 1 56 ? -7.521  -13.284 -6.372  1.00 25.23 ? 58  ASN B CB  1 
ATOM   915  C CG  . ASN B 1 56 ? -6.442  -13.863 -7.265  1.00 25.07 ? 58  ASN B CG  1 
ATOM   916  O OD1 . ASN B 1 56 ? -5.253  -13.737 -6.989  1.00 24.52 ? 58  ASN B OD1 1 
ATOM   917  N ND2 . ASN B 1 56 ? -6.859  -14.497 -8.353  1.00 24.91 ? 58  ASN B ND2 1 
ATOM   918  N N   . TYR B 1 57 ? -5.425  -14.130 -3.605  1.00 25.94 ? 59  TYR B N   1 
ATOM   919  C CA  . TYR B 1 57 ? -5.002  -15.213 -2.721  1.00 26.27 ? 59  TYR B CA  1 
ATOM   920  C C   . TYR B 1 57 ? -5.202  -14.845 -1.255  1.00 26.48 ? 59  TYR B C   1 
ATOM   921  O O   . TYR B 1 57 ? -4.957  -15.659 -0.363  1.00 26.58 ? 59  TYR B O   1 
ATOM   922  C CB  . TYR B 1 57 ? -3.541  -15.588 -2.963  1.00 26.20 ? 59  TYR B CB  1 
ATOM   923  C CG  . TYR B 1 57 ? -3.359  -16.650 -4.023  1.00 26.51 ? 59  TYR B CG  1 
ATOM   924  C CD1 . TYR B 1 57 ? -3.985  -16.542 -5.257  1.00 26.41 ? 59  TYR B CD1 1 
ATOM   925  C CD2 . TYR B 1 57 ? -2.560  -17.766 -3.787  1.00 26.75 ? 59  TYR B CD2 1 
ATOM   926  C CE1 . TYR B 1 57 ? -3.820  -17.512 -6.229  1.00 26.86 ? 59  TYR B CE1 1 
ATOM   927  C CE2 . TYR B 1 57 ? -2.391  -18.740 -4.752  1.00 26.69 ? 59  TYR B CE2 1 
ATOM   928  C CZ  . TYR B 1 57 ? -3.022  -18.608 -5.969  1.00 27.06 ? 59  TYR B CZ  1 
ATOM   929  O OH  . TYR B 1 57 ? -2.864  -19.571 -6.939  1.00 27.63 ? 59  TYR B OH  1 
ATOM   930  N N   . VAL B 1 58 ? -5.652  -13.619 -1.004  1.00 26.80 ? 60  VAL B N   1 
ATOM   931  C CA  . VAL B 1 58 ? -5.847  -13.156 0.366   1.00 26.95 ? 60  VAL B CA  1 
ATOM   932  C C   . VAL B 1 58 ? -7.231  -12.575 0.623   1.00 27.22 ? 60  VAL B C   1 
ATOM   933  O O   . VAL B 1 58 ? -7.985  -12.272 -0.299  1.00 27.02 ? 60  VAL B O   1 
ATOM   934  C CB  . VAL B 1 58 ? -4.797  -12.094 0.764   1.00 26.96 ? 60  VAL B CB  1 
ATOM   935  C CG1 . VAL B 1 58 ? -3.396  -12.594 0.475   1.00 26.83 ? 60  VAL B CG1 1 
ATOM   936  C CG2 . VAL B 1 58 ? -5.068  -10.773 0.044   1.00 26.78 ? 60  VAL B CG2 1 
ATOM   937  N N   . ARG B 1 59 ? -7.558  -12.438 1.900   1.00 27.63 ? 61  ARG B N   1 
ATOM   938  C CA  . ARG B 1 59 ? -8.816  -11.847 2.319   1.00 28.27 ? 61  ARG B CA  1 
ATOM   939  C C   . ARG B 1 59 ? -8.465  -10.875 3.428   1.00 28.42 ? 61  ARG B C   1 
ATOM   940  O O   . ARG B 1 59 ? -7.772  -11.242 4.375   1.00 28.31 ? 61  ARG B O   1 
ATOM   941  C CB  . ARG B 1 59 ? -9.769  -12.924 2.828   1.00 28.53 ? 61  ARG B CB  1 
ATOM   942  C CG  . ARG B 1 59 ? -11.140 -12.413 3.221   1.00 29.61 ? 61  ARG B CG  1 
ATOM   943  C CD  . ARG B 1 59 ? -12.125 -13.514 3.583   1.00 30.54 ? 61  ARG B CD  1 
ATOM   944  N N   . GLU B 1 60 ? -8.905  -9.629  3.304   1.00 28.57 ? 62  GLU B N   1 
ATOM   945  C CA  . GLU B 1 60 ? -8.577  -8.652  4.328   1.00 29.03 ? 62  GLU B CA  1 
ATOM   946  C C   . GLU B 1 60 ? -9.255  -8.955  5.650   1.00 29.55 ? 62  GLU B C   1 
ATOM   947  O O   . GLU B 1 60 ? -10.425 -9.320  5.685   1.00 29.53 ? 62  GLU B O   1 
ATOM   948  C CB  . GLU B 1 60 ? -8.955  -7.231  3.899   1.00 28.89 ? 62  GLU B CB  1 
ATOM   949  C CG  . GLU B 1 60 ? -8.551  -6.198  4.942   1.00 28.70 ? 62  GLU B CG  1 
ATOM   950  C CD  . GLU B 1 60 ? -9.106  -4.813  4.681   1.00 28.47 ? 62  GLU B CD  1 
ATOM   951  O OE1 . GLU B 1 60 ? -9.624  -4.570  3.569   1.00 28.14 ? 62  GLU B OE1 1 
ATOM   952  O OE2 . GLU B 1 60 ? -9.024  -3.968  5.604   1.00 27.91 ? 62  GLU B OE2 1 
ATOM   953  N N   . ILE B 1 61 ? -8.511  -8.817  6.742   1.00 30.31 ? 63  ILE B N   1 
ATOM   954  C CA  . ILE B 1 61 ? -9.118  -8.909  8.056   1.00 31.06 ? 63  ILE B CA  1 
ATOM   955  C C   . ILE B 1 61 ? -9.635  -7.499  8.339   1.00 31.72 ? 63  ILE B C   1 
ATOM   956  O O   . ILE B 1 61 ? -8.865  -6.590  8.638   1.00 31.66 ? 63  ILE B O   1 
ATOM   957  C CB  . ILE B 1 61 ? -8.104  -9.371  9.109   1.00 31.09 ? 63  ILE B CB  1 
ATOM   958  C CG1 . ILE B 1 61 ? -7.500  -10.712 8.685   1.00 31.38 ? 63  ILE B CG1 1 
ATOM   959  C CG2 . ILE B 1 61 ? -8.784  -9.500  10.465  1.00 30.80 ? 63  ILE B CG2 1 
ATOM   960  C CD1 . ILE B 1 61 ? -6.608  -11.352 9.724   1.00 32.00 ? 63  ILE B CD1 1 
ATOM   961  N N   . LYS B 1 62 ? -10.944 -7.323  8.214   1.00 32.72 ? 64  LYS B N   1 
ATOM   962  C CA  . LYS B 1 62 ? -11.561 -6.004  8.323   1.00 33.56 ? 64  LYS B CA  1 
ATOM   963  C C   . LYS B 1 62 ? -11.779 -5.485  9.739   1.00 33.90 ? 64  LYS B C   1 
ATOM   964  O O   . LYS B 1 62 ? -12.172 -6.225  10.634  1.00 33.84 ? 64  LYS B O   1 
ATOM   965  C CB  . LYS B 1 62 ? -12.920 -6.000  7.608   1.00 33.81 ? 64  LYS B CB  1 
ATOM   966  C CG  . LYS B 1 62 ? -12.915 -5.459  6.185   1.00 34.64 ? 64  LYS B CG  1 
ATOM   967  C CD  . LYS B 1 62 ? -12.451 -6.502  5.193   1.00 35.49 ? 64  LYS B CD  1 
ATOM   968  C CE  . LYS B 1 62 ? -13.046 -6.254  3.817   1.00 35.75 ? 64  LYS B CE  1 
ATOM   969  N NZ  . LYS B 1 62 ? -12.527 -5.016  3.160   1.00 36.27 ? 64  LYS B NZ  1 
ATOM   970  N N   . PRO B 1 63 ? -11.510 -4.200  9.924   1.00 34.49 ? 65  PRO B N   1 
ATOM   971  C CA  . PRO B 1 63 ? -11.909 -3.487  11.139  1.00 35.11 ? 65  PRO B CA  1 
ATOM   972  C C   . PRO B 1 63 ? -13.374 -3.098  10.914  1.00 35.73 ? 65  PRO B C   1 
ATOM   973  O O   . PRO B 1 63 ? -13.755 -3.062  9.752   1.00 36.03 ? 65  PRO B O   1 
ATOM   974  C CB  . PRO B 1 63 ? -11.039 -2.227  11.104  1.00 34.95 ? 65  PRO B CB  1 
ATOM   975  C CG  . PRO B 1 63 ? -10.092 -2.415  9.950   1.00 34.86 ? 65  PRO B CG  1 
ATOM   976  C CD  . PRO B 1 63 ? -10.764 -3.340  8.993   1.00 34.43 ? 65  PRO B CD  1 
ATOM   977  N N   . SER B 1 64 ? -14.188 -2.833  11.934  1.00 36.50 ? 66  SER B N   1 
ATOM   978  C CA  . SER B 1 64 ? -13.828 -2.911  13.333  1.00 36.95 ? 66  SER B CA  1 
ATOM   979  C C   . SER B 1 64 ? -14.859 -3.820  13.990  1.00 37.02 ? 66  SER B C   1 
ATOM   980  O O   . SER B 1 64 ? -14.748 -4.155  15.166  1.00 37.23 ? 66  SER B O   1 
ATOM   981  C CB  . SER B 1 64 ? -13.905 -1.525  13.986  1.00 37.11 ? 66  SER B CB  1 
ATOM   982  O OG  . SER B 1 64 ? -13.382 -0.514  13.153  1.00 37.46 ? 66  SER B OG  1 
ATOM   983  N N   . ARG C 2 1  ? -8.737  -26.243 -5.808  1.00 41.71 ? 904 ARG D N   1 
ATOM   984  C CA  . ARG C 2 1  ? -8.342  -25.484 -7.030  1.00 41.36 ? 904 ARG D CA  1 
ATOM   985  C C   . ARG C 2 1  ? -8.203  -23.990 -6.738  1.00 41.03 ? 904 ARG D C   1 
ATOM   986  O O   . ARG C 2 1  ? -9.185  -23.251 -6.775  1.00 41.01 ? 904 ARG D O   1 
ATOM   987  C CB  . ARG C 2 1  ? -9.360  -25.712 -8.147  1.00 41.55 ? 904 ARG D CB  1 
ATOM   988  C CG  . ARG C 2 1  ? -9.222  -24.755 -9.319  1.00 41.78 ? 904 ARG D CG  1 
ATOM   989  C CD  . ARG C 2 1  ? -10.261 -24.946 -10.408 1.00 42.30 ? 904 ARG D CD  1 
ATOM   990  N NE  . ARG C 2 1  ? -9.748  -25.739 -11.519 1.00 42.16 ? 904 ARG D NE  1 
ATOM   991  C CZ  . ARG C 2 1  ? -10.512 -26.407 -12.374 1.00 41.91 ? 904 ARG D CZ  1 
ATOM   992  N NH1 . ARG C 2 1  ? -11.833 -26.387 -12.244 1.00 42.15 ? 904 ARG D NH1 1 
ATOM   993  N NH2 . ARG C 2 1  ? -9.957  -27.099 -13.359 1.00 41.10 ? 904 ARG D NH2 1 
ATOM   994  N N   . PRO C 2 2  ? -6.983  -23.556 -6.431  1.00 40.65 ? 905 PRO D N   1 
ATOM   995  C CA  . PRO C 2 2  ? -6.714  -22.145 -6.128  1.00 40.26 ? 905 PRO D CA  1 
ATOM   996  C C   . PRO C 2 2  ? -6.998  -21.233 -7.317  1.00 39.88 ? 905 PRO D C   1 
ATOM   997  O O   . PRO C 2 2  ? -6.900  -21.660 -8.468  1.00 39.63 ? 905 PRO D O   1 
ATOM   998  C CB  . PRO C 2 2  ? -5.214  -22.146 -5.816  1.00 40.31 ? 905 PRO D CB  1 
ATOM   999  C CG  . PRO C 2 2  ? -4.705  -23.337 -6.530  1.00 40.59 ? 905 PRO D CG  1 
ATOM   1000 C CD  . PRO C 2 2  ? -5.768  -24.380 -6.306  1.00 40.72 ? 905 PRO D CD  1 
ATOM   1001 N N   . PRO C 2 3  ? -7.383  -19.993 -7.035  1.00 39.56 ? 906 PRO D N   1 
ATOM   1002 C CA  . PRO C 2 3  ? -7.628  -18.999 -8.082  1.00 39.26 ? 906 PRO D CA  1 
ATOM   1003 C C   . PRO C 2 3  ? -6.378  -18.783 -8.926  1.00 38.93 ? 906 PRO D C   1 
ATOM   1004 O O   . PRO C 2 3  ? -5.263  -19.033 -8.468  1.00 38.87 ? 906 PRO D O   1 
ATOM   1005 C CB  . PRO C 2 3  ? -7.942  -17.732 -7.280  1.00 39.22 ? 906 PRO D CB  1 
ATOM   1006 C CG  . PRO C 2 3  ? -7.366  -18.008 -5.934  1.00 39.52 ? 906 PRO D CG  1 
ATOM   1007 C CD  . PRO C 2 3  ? -7.668  -19.453 -5.696  1.00 39.60 ? 906 PRO D CD  1 
ATOM   1008 N N   . LYS C 2 4  ? -6.568  -18.332 -10.156 1.00 38.64 ? 907 LYS D N   1 
ATOM   1009 C CA  . LYS C 2 4  ? -5.449  -18.068 -11.042 1.00 38.51 ? 907 LYS D CA  1 
ATOM   1010 C C   . LYS C 2 4  ? -5.035  -16.607 -10.904 1.00 38.39 ? 907 LYS D C   1 
ATOM   1011 O O   . LYS C 2 4  ? -5.864  -15.705 -11.020 1.00 38.31 ? 907 LYS D O   1 
ATOM   1012 C CB  . LYS C 2 4  ? -5.843  -18.371 -12.489 1.00 38.40 ? 907 LYS D CB  1 
ATOM   1013 C CG  . LYS C 2 4  ? -4.746  -18.137 -13.512 1.00 38.69 ? 907 LYS D CG  1 
ATOM   1014 C CD  . LYS C 2 4  ? -3.818  -19.333 -13.623 1.00 39.15 ? 907 LYS D CD  1 
ATOM   1015 C CE  . LYS C 2 4  ? -2.931  -19.234 -14.860 1.00 39.25 ? 907 LYS D CE  1 
ATOM   1016 N NZ  . LYS C 2 4  ? -1.970  -20.377 -14.944 1.00 39.44 ? 907 LYS D NZ  1 
ATOM   1017 N N   . PRO C 2 5  ? -3.768  -16.373 -10.592 1.00 38.37 ? 908 PRO D N   1 
ATOM   1018 C CA  . PRO C 2 5  ? -3.243  -15.007 -10.528 1.00 38.41 ? 908 PRO D CA  1 
ATOM   1019 C C   . PRO C 2 5  ? -3.225  -14.410 -11.929 1.00 38.43 ? 908 PRO D C   1 
ATOM   1020 O O   . PRO C 2 5  ? -3.033  -15.140 -12.901 1.00 38.30 ? 908 PRO D O   1 
ATOM   1021 C CB  . PRO C 2 5  ? -1.807  -15.217 -10.039 1.00 38.46 ? 908 PRO D CB  1 
ATOM   1022 C CG  . PRO C 2 5  ? -1.486  -16.618 -10.467 1.00 38.58 ? 908 PRO D CG  1 
ATOM   1023 C CD  . PRO C 2 5  ? -2.756  -17.373 -10.204 1.00 38.46 ? 908 PRO D CD  1 
ATOM   1024 N N   . ARG C 2 6  ? -3.448  -13.106 -12.043 1.00 38.58 ? 909 ARG D N   1 
ATOM   1025 C CA  . ARG C 2 6  ? -3.354  -12.460 -13.340 1.00 38.80 ? 909 ARG D CA  1 
ATOM   1026 C C   . ARG C 2 6  ? -1.881  -12.305 -13.665 1.00 38.99 ? 909 ARG D C   1 
ATOM   1027 O O   . ARG C 2 6  ? -1.041  -12.323 -12.768 1.00 38.77 ? 909 ARG D O   1 
ATOM   1028 C CB  . ARG C 2 6  ? -3.999  -11.076 -13.318 1.00 38.82 ? 909 ARG D CB  1 
ATOM   1029 C CG  . ARG C 2 6  ? -5.434  -11.051 -12.861 1.00 38.87 ? 909 ARG D CG  1 
ATOM   1030 C CD  . ARG C 2 6  ? -6.060  -9.669  -12.905 1.00 39.14 ? 909 ARG D CD  1 
ATOM   1031 N NE  . ARG C 2 6  ? -6.847  -9.408  -11.706 1.00 39.48 ? 909 ARG D NE  1 
ATOM   1032 C CZ  . ARG C 2 6  ? -7.411  -8.245  -11.421 1.00 39.62 ? 909 ARG D CZ  1 
ATOM   1033 N NH1 . ARG C 2 6  ? -7.293  -7.223  -12.260 1.00 39.57 ? 909 ARG D NH1 1 
ATOM   1034 N NH2 . ARG C 2 6  ? -8.108  -8.108  -10.302 1.00 39.78 ? 909 ARG D NH2 1 
ATOM   1035 N N   . PRO C 2 7  ? -1.559  -12.186 -14.948 1.00 39.32 ? 910 PRO D N   1 
ATOM   1036 C CA  . PRO C 2 7  ? -0.185  -11.901 -15.355 1.00 39.61 ? 910 PRO D CA  1 
ATOM   1037 C C   . PRO C 2 7  ? 0.224   -10.565 -14.755 1.00 39.92 ? 910 PRO D C   1 
ATOM   1038 O O   . PRO C 2 7  ? -0.637  -9.728  -14.471 1.00 39.95 ? 910 PRO D O   1 
ATOM   1039 C CB  . PRO C 2 7  ? -0.288  -11.786 -16.874 1.00 39.58 ? 910 PRO D CB  1 
ATOM   1040 C CG  . PRO C 2 7  ? -1.494  -12.578 -17.224 1.00 39.50 ? 910 PRO D CG  1 
ATOM   1041 C CD  . PRO C 2 7  ? -2.460  -12.356 -16.100 1.00 39.40 ? 910 PRO D CD  1 
ATOM   1042 N N   . ARG C 2 8  ? 1.520   -10.370 -14.557 1.00 40.24 ? 911 ARG D N   1 
ATOM   1043 C CA  . ARG C 2 8  ? 2.014   -9.127  -13.990 1.00 40.58 ? 911 ARG D CA  1 
ATOM   1044 C C   . ARG C 2 8  ? 2.250   -8.091  -15.078 1.00 40.67 ? 911 ARG D C   1 
ATOM   1045 O O   . ARG C 2 8  ? 2.245   -8.417  -16.264 1.00 40.93 ? 911 ARG D O   1 
ATOM   1046 C CB  . ARG C 2 8  ? 3.299   -9.382  -13.209 1.00 40.69 ? 911 ARG D CB  1 
ATOM   1047 C CG  . ARG C 2 8  ? 3.087   -10.241 -11.982 1.00 41.08 ? 911 ARG D CG  1 
ATOM   1048 C CD  . ARG C 2 8  ? 4.235   -10.212 -11.003 1.00 41.55 ? 911 ARG D CD  1 
ATOM   1049 N NE  . ARG C 2 8  ? 4.612   -8.851  -10.639 1.00 41.64 ? 911 ARG D NE  1 
ATOM   1050 C CZ  . ARG C 2 8  ? 5.682   -8.551  -9.917  1.00 41.86 ? 911 ARG D CZ  1 
ATOM   1051 N NH1 . ARG C 2 8  ? 5.962   -7.287  -9.631  1.00 42.23 ? 911 ARG D NH1 1 
ATOM   1052 N NH2 . ARG C 2 8  ? 6.475   -9.518  -9.479  1.00 41.81 ? 911 ARG D NH2 1 
HETATM 1053 O O   . HOH D 3 .  ? -9.267  10.597  6.909   1.00 34.17 ? 67  HOH A O   1 
HETATM 1054 O O   . HOH D 3 .  ? -3.681  2.392   -1.844  1.00 22.49 ? 68  HOH A O   1 
HETATM 1055 O O   . HOH D 3 .  ? -6.003  4.681   0.733   1.00 26.40 ? 69  HOH A O   1 
HETATM 1056 O O   . HOH D 3 .  ? -9.649  10.734  4.225   1.00 29.85 ? 70  HOH A O   1 
HETATM 1057 O O   . HOH D 3 .  ? 5.920   3.923   -8.118  1.00 31.54 ? 71  HOH A O   1 
HETATM 1058 O O   . HOH D 3 .  ? -5.118  2.801   2.361   1.00 30.76 ? 72  HOH A O   1 
HETATM 1059 O O   . HOH D 3 .  ? 15.314  9.666   3.748   1.00 31.93 ? 73  HOH A O   1 
HETATM 1060 O O   . HOH D 3 .  ? -11.222 13.627  -0.708  1.00 33.24 ? 74  HOH A O   1 
HETATM 1061 O O   . HOH D 3 .  ? 11.130  17.369  3.968   1.00 33.56 ? 75  HOH A O   1 
HETATM 1062 O O   . HOH D 3 .  ? 5.060   1.166   1.857   1.00 31.29 ? 76  HOH A O   1 
HETATM 1063 O O   . HOH D 3 .  ? -4.977  1.028   0.465   1.00 33.02 ? 77  HOH A O   1 
HETATM 1064 O O   . HOH D 3 .  ? 1.074   24.785  0.416   1.00 46.46 ? 78  HOH A O   1 
HETATM 1065 O O   . HOH D 3 .  ? 8.577   5.209   2.376   1.00 39.71 ? 79  HOH A O   1 
HETATM 1066 O O   . HOH D 3 .  ? 4.855   4.831   7.505   1.00 30.88 ? 80  HOH A O   1 
HETATM 1067 O O   . HOH D 3 .  ? -4.062  17.367  -7.872  1.00 24.16 ? 81  HOH A O   1 
HETATM 1068 O O   . HOH D 3 .  ? 1.343   13.322  -11.250 1.00 30.31 ? 82  HOH A O   1 
HETATM 1069 O O   . HOH D 3 .  ? 2.067   17.455  -9.368  1.00 40.19 ? 83  HOH A O   1 
HETATM 1070 O O   . HOH D 3 .  ? -9.294  4.483   2.334   1.00 34.03 ? 84  HOH A O   1 
HETATM 1071 O O   . HOH D 3 .  ? 11.786  24.538  0.586   1.00 41.86 ? 85  HOH A O   1 
HETATM 1072 O O   . HOH D 3 .  ? 11.394  12.409  -9.583  1.00 34.35 ? 86  HOH A O   1 
HETATM 1073 O O   . HOH D 3 .  ? -11.201 16.706  -1.245  1.00 36.27 ? 87  HOH A O   1 
HETATM 1074 O O   . HOH D 3 .  ? -2.316  21.016  7.894   1.00 34.18 ? 88  HOH A O   1 
HETATM 1075 O O   . HOH D 3 .  ? 3.352   7.076   8.846   1.00 23.52 ? 89  HOH A O   1 
HETATM 1076 O O   . HOH D 3 .  ? -10.593 7.218   1.969   1.00 51.38 ? 90  HOH A O   1 
HETATM 1077 O O   . HOH D 3 .  ? -10.912 17.354  1.589   1.00 33.89 ? 91  HOH A O   1 
HETATM 1078 O O   . HOH D 3 .  ? 7.114   13.692  -13.586 1.00 30.07 ? 92  HOH A O   1 
HETATM 1079 O O   . HOH D 3 .  ? -9.956  18.780  5.233   1.00 30.51 ? 93  HOH A O   1 
HETATM 1080 O O   . HOH D 3 .  ? -8.745  11.321  10.909  1.00 33.39 ? 94  HOH A O   1 
HETATM 1081 O O   . HOH D 3 .  ? 0.951   11.185  10.414  1.00 21.80 ? 95  HOH A O   1 
HETATM 1082 O O   . HOH D 3 .  ? -1.138  11.543  12.262  1.00 32.24 ? 96  HOH A O   1 
HETATM 1083 O O   . HOH D 3 .  ? 4.521   8.852   6.920   1.00 22.53 ? 97  HOH A O   1 
HETATM 1084 O O   . HOH D 3 .  ? -12.177 12.018  4.104   1.00 45.50 ? 98  HOH A O   1 
HETATM 1085 O O   . HOH D 3 .  ? 5.342   18.488  -8.895  1.00 35.49 ? 99  HOH A O   1 
HETATM 1086 O O   . HOH D 3 .  ? -1.192  19.920  -11.793 1.00 43.26 ? 100 HOH A O   1 
HETATM 1087 O O   . HOH D 3 .  ? 8.783   24.022  6.891   1.00 46.68 ? 101 HOH A O   1 
HETATM 1088 O O   . HOH D 3 .  ? 13.864  22.383  11.882  1.00 46.10 ? 102 HOH A O   1 
HETATM 1089 O O   . HOH D 3 .  ? 13.784  17.966  2.188   1.00 49.26 ? 103 HOH A O   1 
HETATM 1090 O O   . HOH D 3 .  ? -8.755  0.863   -8.763  1.00 37.19 ? 104 HOH A O   1 
HETATM 1091 O O   . HOH D 3 .  ? -12.761 6.740   0.267   1.00 41.73 ? 105 HOH A O   1 
HETATM 1092 O O   . HOH D 3 .  ? 6.772   0.985   3.747   1.00 49.61 ? 106 HOH A O   1 
HETATM 1093 O O   . HOH D 3 .  ? 13.246  23.937  9.020   1.00 52.11 ? 107 HOH A O   1 
HETATM 1094 O O   . HOH D 3 .  ? -7.407  0.890   -1.966  1.00 35.19 ? 108 HOH A O   1 
HETATM 1095 O O   . HOH D 3 .  ? 8.693   1.426   1.760   1.00 46.74 ? 109 HOH A O   1 
HETATM 1096 O O   . HOH D 3 .  ? -10.344 3.325   -4.122  1.00 58.65 ? 110 HOH A O   1 
HETATM 1097 O O   . HOH D 3 .  ? -8.988  10.051  -7.301  1.00 48.98 ? 111 HOH A O   1 
HETATM 1098 O O   . HOH D 3 .  ? 15.060  22.846  3.814   1.00 57.28 ? 112 HOH A O   1 
HETATM 1099 O O   . HOH D 3 .  ? -9.861  10.848  -5.137  1.00 48.46 ? 113 HOH A O   1 
HETATM 1100 O O   . HOH D 3 .  ? -2.784  23.845  -2.071  1.00 56.21 ? 114 HOH A O   1 
HETATM 1101 O O   . HOH D 3 .  ? 7.154   -1.186  4.540   1.00 52.74 ? 115 HOH A O   1 
HETATM 1102 O O   . HOH D 3 .  ? 0.526   26.503  5.950   1.00 58.42 ? 116 HOH A O   1 
HETATM 1103 O O   . HOH D 3 .  ? 14.777  24.483  7.065   1.00 57.60 ? 117 HOH A O   1 
HETATM 1104 O O   . HOH D 3 .  ? -0.450  2.444   -9.769  1.00 46.77 ? 118 HOH A O   1 
HETATM 1105 O O   . HOH D 3 .  ? 6.798   24.812  3.132   1.00 55.58 ? 119 HOH A O   1 
HETATM 1106 O O   . HOH D 3 .  ? 15.053  8.010   -5.725  1.00 56.09 ? 120 HOH A O   1 
HETATM 1107 O O   . HOH D 3 .  ? 8.279   4.443   -5.097  1.00 48.42 ? 121 HOH A O   1 
HETATM 1108 O O   . HOH D 3 .  ? -9.717  -0.202  -2.716  1.00 53.21 ? 122 HOH A O   1 
HETATM 1109 O O   . HOH D 3 .  ? 8.548   22.811  -1.654  1.00 45.36 ? 123 HOH A O   1 
HETATM 1110 O O   . HOH D 3 .  ? 8.687   9.926   -14.241 1.00 52.28 ? 124 HOH A O   1 
HETATM 1111 O O   . HOH D 3 .  ? 3.281   22.703  8.837   1.00 53.55 ? 125 HOH A O   1 
HETATM 1112 O O   . HOH D 3 .  ? 1.163   19.622  -12.372 1.00 51.26 ? 126 HOH A O   1 
HETATM 1113 O O   . HOH D 3 .  ? -0.418  11.931  -12.757 1.00 46.36 ? 127 HOH A O   1 
HETATM 1114 O O   . HOH D 3 .  ? 7.636   2.386   -0.783  1.00 58.22 ? 128 HOH A O   1 
HETATM 1115 O O   . HOH D 3 .  ? -3.040  15.462  -14.431 1.00 52.96 ? 129 HOH A O   1 
HETATM 1116 O O   . HOH D 3 .  ? -7.066  0.059   0.201   1.00 42.07 ? 130 HOH A O   1 
HETATM 1117 O O   . HOH D 3 .  ? -8.312  7.512   -9.315  1.00 45.61 ? 131 HOH A O   1 
HETATM 1118 O O   . HOH D 3 .  ? -1.908  24.069  6.628   1.00 50.61 ? 132 HOH A O   1 
HETATM 1119 O O   . HOH D 3 .  ? -11.368 7.106   -9.967  1.00 59.43 ? 133 HOH A O   1 
HETATM 1120 O O   . HOH D 3 .  ? 0.364   26.518  1.930   1.00 58.67 ? 134 HOH A O   1 
HETATM 1121 O O   . HOH D 3 .  ? 4.733   20.112  13.303  1.00 54.59 ? 135 HOH A O   1 
HETATM 1122 O O   . HOH D 3 .  ? 16.198  22.115  11.359  1.00 62.08 ? 136 HOH A O   1 
HETATM 1123 O O   . HOH D 3 .  ? 6.306   21.816  -3.556  1.00 58.01 ? 137 HOH A O   1 
HETATM 1124 O O   . HOH E 3 .  ? -2.324  -1.025  3.742   1.00 20.19 ? 67  HOH B O   1 
HETATM 1125 O O   . HOH E 3 .  ? -9.379  -1.394  6.017   1.00 31.48 ? 68  HOH B O   1 
HETATM 1126 O O   . HOH E 3 .  ? 5.154   -8.055  8.412   1.00 27.78 ? 69  HOH B O   1 
HETATM 1127 O O   . HOH E 3 .  ? 4.851   -6.619  10.634  1.00 29.16 ? 70  HOH B O   1 
HETATM 1128 O O   . HOH E 3 .  ? -6.421  2.285   4.963   1.00 31.08 ? 71  HOH B O   1 
HETATM 1129 O O   . HOH E 3 .  ? 4.325   -4.279  9.788   1.00 28.62 ? 72  HOH B O   1 
HETATM 1130 O O   . HOH E 3 .  ? -6.628  -18.782 5.861   1.00 28.43 ? 73  HOH B O   1 
HETATM 1131 O O   . HOH E 3 .  ? -2.510  0.400   1.369   1.00 27.44 ? 74  HOH B O   1 
HETATM 1132 O O   . HOH E 3 .  ? -1.532  1.390   -1.021  1.00 25.09 ? 75  HOH B O   1 
HETATM 1133 O O   . HOH E 3 .  ? -0.456  1.688   -4.184  1.00 21.94 ? 76  HOH B O   1 
HETATM 1134 O O   . HOH E 3 .  ? -8.647  1.798   8.275   1.00 32.05 ? 77  HOH B O   1 
HETATM 1135 O O   . HOH E 3 .  ? -7.232  -4.562  7.526   1.00 26.76 ? 78  HOH B O   1 
HETATM 1136 O O   . HOH E 3 .  ? -4.050  -11.976 -9.288  1.00 30.79 ? 79  HOH B O   1 
HETATM 1137 O O   . HOH E 3 .  ? -4.054  -16.444 10.557  1.00 33.76 ? 80  HOH B O   1 
HETATM 1138 O O   . HOH E 3 .  ? -7.450  -0.547  7.613   1.00 29.04 ? 81  HOH B O   1 
HETATM 1139 O O   . HOH E 3 .  ? -9.957  -14.176 8.400   1.00 60.49 ? 82  HOH B O   1 
HETATM 1140 O O   . HOH E 3 .  ? -1.563  -5.239  -9.533  1.00 22.56 ? 83  HOH B O   1 
HETATM 1141 O O   . HOH E 3 .  ? -9.518  -5.500  0.950   1.00 31.90 ? 84  HOH B O   1 
HETATM 1142 O O   . HOH E 3 .  ? -8.126  4.384   4.213   1.00 36.76 ? 85  HOH B O   1 
HETATM 1143 O O   . HOH E 3 .  ? 3.793   -10.407 8.573   1.00 37.15 ? 86  HOH B O   1 
HETATM 1144 O O   . HOH E 3 .  ? -3.938  0.625   -9.276  1.00 31.35 ? 87  HOH B O   1 
HETATM 1145 O O   . HOH E 3 .  ? -6.286  -2.595  9.137   1.00 28.44 ? 88  HOH B O   1 
HETATM 1146 O O   . HOH E 3 .  ? -5.755  -6.247  -7.531  1.00 35.96 ? 89  HOH B O   1 
HETATM 1147 O O   . HOH E 3 .  ? 1.490   1.494   -5.913  1.00 30.98 ? 90  HOH B O   1 
HETATM 1148 O O   . HOH E 3 .  ? -7.063  -3.846  -5.910  1.00 32.32 ? 91  HOH B O   1 
HETATM 1149 O O   . HOH E 3 .  ? -10.399 7.579   5.070   1.00 38.74 ? 92  HOH B O   1 
HETATM 1150 O O   . HOH E 3 .  ? -3.583  -24.538 -2.996  1.00 41.83 ? 93  HOH B O   1 
HETATM 1151 O O   . HOH E 3 .  ? -9.933  -15.095 -8.506  1.00 33.22 ? 94  HOH B O   1 
HETATM 1152 O O   . HOH E 3 .  ? 8.628   -13.912 3.760   1.00 46.14 ? 95  HOH B O   1 
HETATM 1153 O O   . HOH E 3 .  ? -3.204  -23.745 -0.444  1.00 39.21 ? 96  HOH B O   1 
HETATM 1154 O O   . HOH E 3 .  ? 4.138   -21.566 -0.038  1.00 34.49 ? 97  HOH B O   1 
HETATM 1155 O O   . HOH E 3 .  ? 8.897   -5.064  -4.090  1.00 47.80 ? 98  HOH B O   1 
HETATM 1156 O O   . HOH E 3 .  ? -10.489 -2.333  2.383   1.00 41.18 ? 99  HOH B O   1 
HETATM 1157 O O   . HOH E 3 .  ? 11.803  -12.125 -12.273 1.00 61.67 ? 100 HOH B O   1 
HETATM 1158 O O   . HOH E 3 .  ? -4.038  5.520   11.460  0.50 34.05 ? 101 HOH B O   1 
HETATM 1159 O O   . HOH E 3 .  ? 3.987   0.079   8.437   0.50 38.60 ? 102 HOH B O   1 
HETATM 1160 O O   . HOH E 3 .  ? 5.082   -1.364  6.502   1.00 40.14 ? 103 HOH B O   1 
HETATM 1161 O O   . HOH E 3 .  ? 4.860   -3.952  7.239   1.00 41.43 ? 104 HOH B O   1 
HETATM 1162 O O   . HOH E 3 .  ? -1.977  -22.742 -4.126  1.00 31.87 ? 105 HOH B O   1 
HETATM 1163 O O   . HOH E 3 .  ? 9.257   -6.291  7.215   1.00 47.94 ? 106 HOH B O   1 
HETATM 1164 O O   . HOH E 3 .  ? -8.866  1.076   4.084   1.00 39.35 ? 107 HOH B O   1 
HETATM 1165 O O   . HOH E 3 .  ? -11.528 1.344   10.999  1.00 46.23 ? 108 HOH B O   1 
HETATM 1166 O O   . HOH E 3 .  ? -15.313 1.911   13.459  1.00 51.02 ? 109 HOH B O   1 
HETATM 1167 O O   . HOH E 3 .  ? 11.175  -3.942  -1.888  1.00 44.67 ? 110 HOH B O   1 
HETATM 1168 O O   . HOH E 3 .  ? -9.644  -15.080 6.950   1.00 39.83 ? 111 HOH B O   1 
HETATM 1169 O O   . HOH E 3 .  ? 10.743  -5.869  4.840   1.00 43.58 ? 112 HOH B O   1 
HETATM 1170 O O   . HOH E 3 .  ? 9.037   -14.412 0.797   1.00 39.96 ? 113 HOH B O   1 
HETATM 1171 O O   . HOH E 3 .  ? 3.338   -23.499 1.828   1.00 36.49 ? 114 HOH B O   1 
HETATM 1172 O O   . HOH E 3 .  ? 1.649   -20.816 -6.092  1.00 36.14 ? 115 HOH B O   1 
HETATM 1173 O O   . HOH E 3 .  ? 7.860   -8.189  8.311   1.00 42.91 ? 116 HOH B O   1 
HETATM 1174 O O   . HOH E 3 .  ? -8.220  -9.308  -6.241  1.00 41.49 ? 117 HOH B O   1 
HETATM 1175 O O   . HOH E 3 .  ? -0.337  -26.370 -1.769  1.00 41.23 ? 118 HOH B O   1 
HETATM 1176 O O   . HOH E 3 .  ? -15.791 -3.101  17.060  1.00 31.45 ? 119 HOH B O   1 
HETATM 1177 O O   . HOH E 3 .  ? 3.918   -0.292  -8.988  1.00 45.22 ? 120 HOH B O   1 
HETATM 1178 O O   . HOH E 3 .  ? 5.538   -12.245 9.527   1.00 45.87 ? 121 HOH B O   1 
HETATM 1179 O O   . HOH E 3 .  ? -10.097 -15.832 -4.171  1.00 49.23 ? 122 HOH B O   1 
HETATM 1180 O O   . HOH E 3 .  ? -11.368 -12.257 6.863   1.00 48.97 ? 123 HOH B O   1 
HETATM 1181 O O   . HOH E 3 .  ? -9.528  7.710   13.847  1.00 39.00 ? 124 HOH B O   1 
HETATM 1182 O O   . HOH E 3 .  ? 6.821   -0.364  -0.579  1.00 44.35 ? 125 HOH B O   1 
HETATM 1183 O O   . HOH E 3 .  ? -13.085 -9.844  8.128   1.00 41.60 ? 126 HOH B O   1 
HETATM 1184 O O   . HOH E 3 .  ? 7.697   -1.068  -3.764  1.00 56.17 ? 127 HOH B O   1 
HETATM 1185 O O   . HOH E 3 .  ? -10.222 -22.212 4.888   1.00 55.26 ? 128 HOH B O   1 
HETATM 1186 O O   . HOH E 3 .  ? -0.976  -3.972  8.376   1.00 40.87 ? 129 HOH B O   1 
HETATM 1187 O O   . HOH E 3 .  ? 9.590   -2.117  -1.403  1.00 44.94 ? 130 HOH B O   1 
HETATM 1188 O O   . HOH E 3 .  ? 3.452   -14.625 -11.421 1.00 50.26 ? 131 HOH B O   1 
HETATM 1189 O O   . HOH E 3 .  ? 7.963   -15.231 -14.470 1.00 55.70 ? 132 HOH B O   1 
HETATM 1190 O O   . HOH E 3 .  ? 3.454   -23.787 -2.144  1.00 49.52 ? 133 HOH B O   1 
HETATM 1191 O O   . HOH E 3 .  ? -11.220 -24.668 3.852   1.00 39.83 ? 134 HOH B O   1 
HETATM 1192 O O   . HOH E 3 .  ? -9.288  -2.853  -3.493  1.00 40.79 ? 135 HOH B O   1 
HETATM 1193 O O   . HOH E 3 .  ? 2.874   -19.999 -7.581  1.00 48.41 ? 136 HOH B O   1 
HETATM 1194 O O   . HOH E 3 .  ? -10.510 -10.951 -7.496  1.00 51.37 ? 137 HOH B O   1 
HETATM 1195 O O   . HOH E 3 .  ? -13.710 -14.327 7.423   1.00 53.57 ? 138 HOH B O   1 
HETATM 1196 O O   . HOH E 3 .  ? -6.253  -24.468 -0.455  1.00 53.53 ? 139 HOH B O   1 
HETATM 1197 O O   . HOH E 3 .  ? -11.824 -12.729 9.216   1.00 57.23 ? 140 HOH B O   1 
HETATM 1198 O O   . HOH E 3 .  ? -10.120 4.607   7.325   1.00 43.93 ? 141 HOH B O   1 
HETATM 1199 O O   . HOH E 3 .  ? -16.154 -0.810  16.761  1.00 36.09 ? 142 HOH B O   1 
HETATM 1200 O O   . HOH E 3 .  ? 8.829   -8.588  11.021  1.00 50.35 ? 143 HOH B O   1 
HETATM 1201 O O   . HOH E 3 .  ? -16.194 -0.976  13.882  1.00 52.27 ? 144 HOH B O   1 
HETATM 1202 O O   . HOH E 3 .  ? 6.884   -14.484 9.051   1.00 58.12 ? 145 HOH B O   1 
HETATM 1203 O O   . HOH E 3 .  ? 0.355   -22.711 7.223   1.00 54.86 ? 146 HOH B O   1 
HETATM 1204 O O   . HOH E 3 .  ? -11.921 -1.013  6.115   1.00 57.68 ? 147 HOH B O   1 
HETATM 1205 O O   . HOH E 3 .  ? 11.694  -15.989 -9.539  1.00 63.21 ? 148 HOH B O   1 
HETATM 1206 O O   . HOH F 3 .  ? -1.748  -21.158 -17.404 1.00 35.64 ? 37  HOH D O   1 
HETATM 1207 O O   . HOH F 3 .  ? -6.968  -11.146 -9.899  1.00 39.65 ? 79  HOH D O   1 
HETATM 1208 O O   . HOH F 3 .  ? -8.382  -5.407  -9.752  1.00 49.89 ? 109 HOH D O   1 
HETATM 1209 O O   . HOH F 3 .  ? -8.206  -25.343 -3.184  1.00 47.72 ? 125 HOH D O   1 
HETATM 1210 O O   . HOH F 3 .  ? 0.488   -14.564 -13.338 1.00 55.08 ? 126 HOH D O   1 
HETATM 1211 O O   . HOH F 3 .  ? 3.533   -5.904  -16.156 1.00 60.46 ? 134 HOH D O   1 
HETATM 1212 O O   . HOH F 3 .  ? -5.040  -22.390 -10.201 1.00 56.64 ? 136 HOH D O   1 
HETATM 1213 O O   . HOH F 3 .  ? 2.492   -6.939  -11.800 1.00 52.27 ? 139 HOH D O   1 
HETATM 1214 O O   . HOH F 3 .  ? -6.162  -24.166 -9.147  1.00 58.27 ? 157 HOH D O   1 
HETATM 1215 O O   . HOH F 3 .  ? -4.281  -22.730 -12.612 1.00 55.20 ? 159 HOH D O   1 
HETATM 1216 O O   . HOH F 3 .  ? 1.606   -5.268  -15.034 1.00 63.37 ? 164 HOH D O   1 
# 
loop_
_pdbx_poly_seq_scheme.asym_id 
_pdbx_poly_seq_scheme.entity_id 
_pdbx_poly_seq_scheme.seq_id 
_pdbx_poly_seq_scheme.mon_id 
_pdbx_poly_seq_scheme.ndb_seq_num 
_pdbx_poly_seq_scheme.pdb_seq_num 
_pdbx_poly_seq_scheme.auth_seq_num 
_pdbx_poly_seq_scheme.pdb_mon_id 
_pdbx_poly_seq_scheme.auth_mon_id 
_pdbx_poly_seq_scheme.pdb_strand_id 
_pdbx_poly_seq_scheme.pdb_ins_code 
_pdbx_poly_seq_scheme.hetero 
A 1 1  GLY 1  3   ?   ?   ?   A . n 
A 1 2  SER 2  4   ?   ?   ?   A . n 
A 1 3  ALA 3  5   ?   ?   ?   A . n 
A 1 4  ASN 4  6   6   ASN ASN A . n 
A 1 5  SER 5  7   7   SER SER A . n 
A 1 6  GLN 6  8   8   GLN GLN A . n 
A 1 7  LEU 7  9   9   LEU LEU A . n 
A 1 8  VAL 8  10  10  VAL VAL A . n 
A 1 9  VAL 9  11  11  VAL VAL A . n 
A 1 10 ARG 10 12  12  ARG ARG A . n 
A 1 11 ALA 11 13  13  ALA ALA A . n 
A 1 12 LYS 12 14  14  LYS LYS A . n 
A 1 13 PHE 13 15  15  PHE PHE A . n 
A 1 14 ASN 14 16  16  ASN ASN A . n 
A 1 15 PHE 15 17  17  PHE PHE A . n 
A 1 16 GLN 16 18  18  GLN GLN A . n 
A 1 17 GLN 17 19  19  GLN GLN A . n 
A 1 18 THR 18 20  20  THR THR A . n 
A 1 19 ASN 19 21  21  ASN ASN A . n 
A 1 20 GLU 20 22  22  GLU GLU A . n 
A 1 21 ASP 21 23  23  ASP ASP A . n 
A 1 22 GLU 22 24  24  GLU GLU A . n 
A 1 23 LEU 23 25  25  LEU LEU A . n 
A 1 24 SER 24 26  26  SER SER A . n 
A 1 25 PHE 25 27  27  PHE PHE A . n 
A 1 26 SER 26 28  28  SER SER A . n 
A 1 27 LYS 27 29  29  LYS LYS A . n 
A 1 28 GLY 28 30  30  GLY GLY A . n 
A 1 29 ASP 29 31  31  ASP ASP A . n 
A 1 30 VAL 30 32  32  VAL VAL A . n 
A 1 31 ILE 31 33  33  ILE ILE A . n 
A 1 32 HIS 32 34  34  HIS HIS A . n 
A 1 33 VAL 33 35  35  VAL VAL A . n 
A 1 34 THR 34 36  36  THR THR A . n 
A 1 35 ARG 35 37  37  ARG ARG A . n 
A 1 36 VAL 36 38  38  VAL VAL A . n 
A 1 37 GLU 37 39  39  GLU GLU A . n 
A 1 38 GLU 38 40  40  GLU GLU A . n 
A 1 39 GLY 39 41  41  GLY GLY A . n 
A 1 40 GLY 40 42  42  GLY GLY A . n 
A 1 41 TRP 41 43  43  TRP TRP A . n 
A 1 42 TRP 42 44  44  TRP TRP A . n 
A 1 43 GLU 43 45  45  GLU GLU A . n 
A 1 44 GLY 44 46  46  GLY GLY A . n 
A 1 45 THR 45 47  47  THR THR A . n 
A 1 46 HIS 46 48  48  HIS HIS A . n 
A 1 47 ASN 47 49  49  ASN ASN A . n 
A 1 48 GLY 48 50  50  GLY GLY A . n 
A 1 49 ARG 49 51  51  ARG ARG A . n 
A 1 50 THR 50 52  52  THR THR A . n 
A 1 51 GLY 51 53  53  GLY GLY A . n 
A 1 52 TRP 52 54  54  TRP TRP A . n 
A 1 53 PHE 53 55  55  PHE PHE A . n 
A 1 54 PRO 54 56  56  PRO PRO A . n 
A 1 55 SER 55 57  57  SER SER A . n 
A 1 56 ASN 56 58  58  ASN ASN A . n 
A 1 57 TYR 57 59  59  TYR TYR A . n 
A 1 58 VAL 58 60  60  VAL VAL A . n 
A 1 59 ARG 59 61  61  ARG ARG A . n 
A 1 60 GLU 60 62  62  GLU GLU A . n 
A 1 61 ILE 61 63  63  ILE ILE A . n 
A 1 62 LYS 62 64  64  LYS LYS A . n 
A 1 63 PRO 63 65  65  PRO PRO A . n 
A 1 64 SER 64 66  ?   ?   ?   A . n 
B 1 1  GLY 1  3   3   GLY GLY B . n 
B 1 2  SER 2  4   4   SER SER B . n 
B 1 3  ALA 3  5   5   ALA ALA B . n 
B 1 4  ASN 4  6   6   ASN ASN B . n 
B 1 5  SER 5  7   7   SER SER B . n 
B 1 6  GLN 6  8   8   GLN GLN B . n 
B 1 7  LEU 7  9   9   LEU LEU B . n 
B 1 8  VAL 8  10  10  VAL VAL B . n 
B 1 9  VAL 9  11  11  VAL VAL B . n 
B 1 10 ARG 10 12  12  ARG ARG B . n 
B 1 11 ALA 11 13  13  ALA ALA B . n 
B 1 12 LYS 12 14  14  LYS LYS B . n 
B 1 13 PHE 13 15  15  PHE PHE B . n 
B 1 14 ASN 14 16  16  ASN ASN B . n 
B 1 15 PHE 15 17  17  PHE PHE B . n 
B 1 16 GLN 16 18  18  GLN GLN B . n 
B 1 17 GLN 17 19  19  GLN GLN B . n 
B 1 18 THR 18 20  20  THR THR B . n 
B 1 19 ASN 19 21  21  ASN ASN B . n 
B 1 20 GLU 20 22  22  GLU GLU B . n 
B 1 21 ASP 21 23  23  ASP ASP B . n 
B 1 22 GLU 22 24  24  GLU GLU B . n 
B 1 23 LEU 23 25  25  LEU LEU B . n 
B 1 24 SER 24 26  26  SER SER B . n 
B 1 25 PHE 25 27  27  PHE PHE B . n 
B 1 26 SER 26 28  28  SER SER B . n 
B 1 27 LYS 27 29  29  LYS LYS B . n 
B 1 28 GLY 28 30  30  GLY GLY B . n 
B 1 29 ASP 29 31  31  ASP ASP B . n 
B 1 30 VAL 30 32  32  VAL VAL B . n 
B 1 31 ILE 31 33  33  ILE ILE B . n 
B 1 32 HIS 32 34  34  HIS HIS B . n 
B 1 33 VAL 33 35  35  VAL VAL B . n 
B 1 34 THR 34 36  36  THR THR B . n 
B 1 35 ARG 35 37  37  ARG ARG B . n 
B 1 36 VAL 36 38  38  VAL VAL B . n 
B 1 37 GLU 37 39  39  GLU GLU B . n 
B 1 38 GLU 38 40  40  GLU GLU B . n 
B 1 39 GLY 39 41  41  GLY GLY B . n 
B 1 40 GLY 40 42  42  GLY GLY B . n 
B 1 41 TRP 41 43  43  TRP TRP B . n 
B 1 42 TRP 42 44  44  TRP TRP B . n 
B 1 43 GLU 43 45  45  GLU GLU B . n 
B 1 44 GLY 44 46  46  GLY GLY B . n 
B 1 45 THR 45 47  47  THR THR B . n 
B 1 46 HIS 46 48  48  HIS HIS B . n 
B 1 47 ASN 47 49  49  ASN ASN B . n 
B 1 48 GLY 48 50  50  GLY GLY B . n 
B 1 49 ARG 49 51  51  ARG ARG B . n 
B 1 50 THR 50 52  52  THR THR B . n 
B 1 51 GLY 51 53  53  GLY GLY B . n 
B 1 52 TRP 52 54  54  TRP TRP B . n 
B 1 53 PHE 53 55  55  PHE PHE B . n 
B 1 54 PRO 54 56  56  PRO PRO B . n 
B 1 55 SER 55 57  57  SER SER B . n 
B 1 56 ASN 56 58  58  ASN ASN B . n 
B 1 57 TYR 57 59  59  TYR TYR B . n 
B 1 58 VAL 58 60  60  VAL VAL B . n 
B 1 59 ARG 59 61  61  ARG ARG B . n 
B 1 60 GLU 60 62  62  GLU GLU B . n 
B 1 61 ILE 61 63  63  ILE ILE B . n 
B 1 62 LYS 62 64  64  LYS LYS B . n 
B 1 63 PRO 63 65  65  PRO PRO B . n 
B 1 64 SER 64 66  66  SER SER B . n 
C 2 1  ARG 1  904 904 ARG ARG D . n 
C 2 2  PRO 2  905 905 PRO PRO D . n 
C 2 3  PRO 3  906 906 PRO PRO D . n 
C 2 4  LYS 4  907 907 LYS LYS D . n 
C 2 5  PRO 5  908 908 PRO PRO D . n 
C 2 6  ARG 6  909 909 ARG ARG D . n 
C 2 7  PRO 7  910 910 PRO PRO D . n 
C 2 8  ARG 8  911 911 ARG ARG D . n 
# 
loop_
_pdbx_nonpoly_scheme.asym_id 
_pdbx_nonpoly_scheme.entity_id 
_pdbx_nonpoly_scheme.mon_id 
_pdbx_nonpoly_scheme.ndb_seq_num 
_pdbx_nonpoly_scheme.pdb_seq_num 
_pdbx_nonpoly_scheme.auth_seq_num 
_pdbx_nonpoly_scheme.pdb_mon_id 
_pdbx_nonpoly_scheme.auth_mon_id 
_pdbx_nonpoly_scheme.pdb_strand_id 
_pdbx_nonpoly_scheme.pdb_ins_code 
D 3 HOH 1  67  2   HOH WAT A . 
D 3 HOH 2  68  3   HOH WAT A . 
D 3 HOH 3  69  4   HOH WAT A . 
D 3 HOH 4  70  7   HOH WAT A . 
D 3 HOH 5  71  10  HOH WAT A . 
D 3 HOH 6  72  11  HOH WAT A . 
D 3 HOH 7  73  16  HOH WAT A . 
D 3 HOH 8  74  17  HOH WAT A . 
D 3 HOH 9  75  20  HOH WAT A . 
D 3 HOH 10 76  21  HOH WAT A . 
D 3 HOH 11 77  23  HOH WAT A . 
D 3 HOH 12 78  25  HOH WAT A . 
D 3 HOH 13 79  31  HOH WAT A . 
D 3 HOH 14 80  36  HOH WAT A . 
D 3 HOH 15 81  39  HOH WAT A . 
D 3 HOH 16 82  41  HOH WAT A . 
D 3 HOH 17 83  43  HOH WAT A . 
D 3 HOH 18 84  47  HOH WAT A . 
D 3 HOH 19 85  48  HOH WAT A . 
D 3 HOH 20 86  51  HOH WAT A . 
D 3 HOH 21 87  54  HOH WAT A . 
D 3 HOH 22 88  55  HOH WAT A . 
D 3 HOH 23 89  56  HOH WAT A . 
D 3 HOH 24 90  57  HOH WAT A . 
D 3 HOH 25 91  58  HOH WAT A . 
D 3 HOH 26 92  60  HOH WAT A . 
D 3 HOH 27 93  62  HOH WAT A . 
D 3 HOH 28 94  63  HOH WAT A . 
D 3 HOH 29 95  64  HOH WAT A . 
D 3 HOH 30 96  65  HOH WAT A . 
D 3 HOH 31 97  70  HOH WAT A . 
D 3 HOH 32 98  77  HOH WAT A . 
D 3 HOH 33 99  78  HOH WAT A . 
D 3 HOH 34 100 81  HOH WAT A . 
D 3 HOH 35 101 82  HOH WAT A . 
D 3 HOH 36 102 87  HOH WAT A . 
D 3 HOH 37 103 88  HOH WAT A . 
D 3 HOH 38 104 89  HOH WAT A . 
D 3 HOH 39 105 91  HOH WAT A . 
D 3 HOH 40 106 94  HOH WAT A . 
D 3 HOH 41 107 96  HOH WAT A . 
D 3 HOH 42 108 97  HOH WAT A . 
D 3 HOH 43 109 101 HOH WAT A . 
D 3 HOH 44 110 111 HOH WAT A . 
D 3 HOH 45 111 114 HOH WAT A . 
D 3 HOH 46 112 115 HOH WAT A . 
D 3 HOH 47 113 116 HOH WAT A . 
D 3 HOH 48 114 117 HOH WAT A . 
D 3 HOH 49 115 118 HOH WAT A . 
D 3 HOH 50 116 119 HOH WAT A . 
D 3 HOH 51 117 120 HOH WAT A . 
D 3 HOH 52 118 121 HOH WAT A . 
D 3 HOH 53 119 123 HOH WAT A . 
D 3 HOH 54 120 124 HOH WAT A . 
D 3 HOH 55 121 131 HOH WAT A . 
D 3 HOH 56 122 132 HOH WAT A . 
D 3 HOH 57 123 133 HOH WAT A . 
D 3 HOH 58 124 137 HOH WAT A . 
D 3 HOH 59 125 140 HOH WAT A . 
D 3 HOH 60 126 141 HOH WAT A . 
D 3 HOH 61 127 142 HOH WAT A . 
D 3 HOH 62 128 143 HOH WAT A . 
D 3 HOH 63 129 145 HOH WAT A . 
D 3 HOH 64 130 147 HOH WAT A . 
D 3 HOH 65 131 149 HOH WAT A . 
D 3 HOH 66 132 150 HOH WAT A . 
D 3 HOH 67 133 153 HOH WAT A . 
D 3 HOH 68 134 155 HOH WAT A . 
D 3 HOH 69 135 156 HOH WAT A . 
D 3 HOH 70 136 158 HOH WAT A . 
D 3 HOH 71 137 160 HOH WAT A . 
E 3 HOH 1  67  1   HOH WAT B . 
E 3 HOH 2  68  5   HOH WAT B . 
E 3 HOH 3  69  6   HOH WAT B . 
E 3 HOH 4  70  8   HOH WAT B . 
E 3 HOH 5  71  9   HOH WAT B . 
E 3 HOH 6  72  12  HOH WAT B . 
E 3 HOH 7  73  13  HOH WAT B . 
E 3 HOH 8  74  14  HOH WAT B . 
E 3 HOH 9  75  15  HOH WAT B . 
E 3 HOH 10 76  18  HOH WAT B . 
E 3 HOH 11 77  19  HOH WAT B . 
E 3 HOH 12 78  22  HOH WAT B . 
E 3 HOH 13 79  24  HOH WAT B . 
E 3 HOH 14 80  26  HOH WAT B . 
E 3 HOH 15 81  27  HOH WAT B . 
E 3 HOH 16 82  28  HOH WAT B . 
E 3 HOH 17 83  29  HOH WAT B . 
E 3 HOH 18 84  30  HOH WAT B . 
E 3 HOH 19 85  32  HOH WAT B . 
E 3 HOH 20 86  33  HOH WAT B . 
E 3 HOH 21 87  34  HOH WAT B . 
E 3 HOH 22 88  35  HOH WAT B . 
E 3 HOH 23 89  38  HOH WAT B . 
E 3 HOH 24 90  40  HOH WAT B . 
E 3 HOH 25 91  42  HOH WAT B . 
E 3 HOH 26 92  44  HOH WAT B . 
E 3 HOH 27 93  45  HOH WAT B . 
E 3 HOH 28 94  46  HOH WAT B . 
E 3 HOH 29 95  49  HOH WAT B . 
E 3 HOH 30 96  50  HOH WAT B . 
E 3 HOH 31 97  52  HOH WAT B . 
E 3 HOH 32 98  53  HOH WAT B . 
E 3 HOH 33 99  59  HOH WAT B . 
E 3 HOH 34 100 61  HOH WAT B . 
E 3 HOH 35 101 66  HOH WAT B . 
E 3 HOH 36 102 67  HOH WAT B . 
E 3 HOH 37 103 68  HOH WAT B . 
E 3 HOH 38 104 69  HOH WAT B . 
E 3 HOH 39 105 71  HOH WAT B . 
E 3 HOH 40 106 72  HOH WAT B . 
E 3 HOH 41 107 73  HOH WAT B . 
E 3 HOH 42 108 74  HOH WAT B . 
E 3 HOH 43 109 75  HOH WAT B . 
E 3 HOH 44 110 76  HOH WAT B . 
E 3 HOH 45 111 80  HOH WAT B . 
E 3 HOH 46 112 83  HOH WAT B . 
E 3 HOH 47 113 84  HOH WAT B . 
E 3 HOH 48 114 85  HOH WAT B . 
E 3 HOH 49 115 86  HOH WAT B . 
E 3 HOH 50 116 90  HOH WAT B . 
E 3 HOH 51 117 92  HOH WAT B . 
E 3 HOH 52 118 93  HOH WAT B . 
E 3 HOH 53 119 95  HOH WAT B . 
E 3 HOH 54 120 98  HOH WAT B . 
E 3 HOH 55 121 99  HOH WAT B . 
E 3 HOH 56 122 100 HOH WAT B . 
E 3 HOH 57 123 102 HOH WAT B . 
E 3 HOH 58 124 103 HOH WAT B . 
E 3 HOH 59 125 104 HOH WAT B . 
E 3 HOH 60 126 105 HOH WAT B . 
E 3 HOH 61 127 106 HOH WAT B . 
E 3 HOH 62 128 107 HOH WAT B . 
E 3 HOH 63 129 108 HOH WAT B . 
E 3 HOH 64 130 110 HOH WAT B . 
E 3 HOH 65 131 112 HOH WAT B . 
E 3 HOH 66 132 113 HOH WAT B . 
E 3 HOH 67 133 122 HOH WAT B . 
E 3 HOH 68 134 127 HOH WAT B . 
E 3 HOH 69 135 128 HOH WAT B . 
E 3 HOH 70 136 129 HOH WAT B . 
E 3 HOH 71 137 130 HOH WAT B . 
E 3 HOH 72 138 135 HOH WAT B . 
E 3 HOH 73 139 138 HOH WAT B . 
E 3 HOH 74 140 144 HOH WAT B . 
E 3 HOH 75 141 146 HOH WAT B . 
E 3 HOH 76 142 148 HOH WAT B . 
E 3 HOH 77 143 151 HOH WAT B . 
E 3 HOH 78 144 152 HOH WAT B . 
E 3 HOH 79 145 154 HOH WAT B . 
E 3 HOH 80 146 161 HOH WAT B . 
E 3 HOH 81 147 162 HOH WAT B . 
E 3 HOH 82 148 163 HOH WAT B . 
F 3 HOH 1  37  37  HOH WAT D . 
F 3 HOH 2  79  79  HOH WAT D . 
F 3 HOH 3  109 109 HOH WAT D . 
F 3 HOH 4  125 125 HOH WAT D . 
F 3 HOH 5  126 126 HOH WAT D . 
F 3 HOH 6  134 134 HOH WAT D . 
F 3 HOH 7  136 136 HOH WAT D . 
F 3 HOH 8  139 139 HOH WAT D . 
F 3 HOH 9  157 157 HOH WAT D . 
F 3 HOH 10 159 159 HOH WAT D . 
F 3 HOH 11 164 164 HOH WAT D . 
# 
_pdbx_struct_assembly.id                   1 
_pdbx_struct_assembly.details              author_defined_assembly 
_pdbx_struct_assembly.method_details       ? 
_pdbx_struct_assembly.oligomeric_details   hexameric 
_pdbx_struct_assembly.oligomeric_count     6 
# 
_pdbx_struct_assembly_gen.assembly_id       1 
_pdbx_struct_assembly_gen.oper_expression   1,2 
_pdbx_struct_assembly_gen.asym_id_list      A,B,C,D,E,F 
# 
loop_
_pdbx_struct_oper_list.id 
_pdbx_struct_oper_list.type 
_pdbx_struct_oper_list.name 
_pdbx_struct_oper_list.symmetry_operation 
_pdbx_struct_oper_list.matrix[1][1] 
_pdbx_struct_oper_list.matrix[1][2] 
_pdbx_struct_oper_list.matrix[1][3] 
_pdbx_struct_oper_list.vector[1] 
_pdbx_struct_oper_list.matrix[2][1] 
_pdbx_struct_oper_list.matrix[2][2] 
_pdbx_struct_oper_list.matrix[2][3] 
_pdbx_struct_oper_list.vector[2] 
_pdbx_struct_oper_list.matrix[3][1] 
_pdbx_struct_oper_list.matrix[3][2] 
_pdbx_struct_oper_list.matrix[3][3] 
_pdbx_struct_oper_list.vector[3] 
1 'identity operation'         1_555 x,y,z           1.0000000000  0.0000000000 0.0000000000 0.0000000000   0.0000000000 1.0000000000 0.0000000000 0.0000000000   0.0000000000 0.0000000000 1.0000000000  0.0000000000   
2 'crystal symmetry operation' 5_565 x-y,-y+1,-z+1/3 -0.9892797386 0.1434243185 0.0274784214 -15.3672587056 0.1434243185 0.9188464149 0.3676285228 -29.6167616208 0.0274784214 0.3676285228 -0.9295666763 -24.1619451800 
# 
loop_
_pdbx_audit_revision_history.ordinal 
_pdbx_audit_revision_history.data_content_type 
_pdbx_audit_revision_history.major_revision 
_pdbx_audit_revision_history.minor_revision 
_pdbx_audit_revision_history.revision_date 
1 'Structure model' 1 0 2005-10-11 
2 'Structure model' 1 1 2008-04-30 
3 'Structure model' 1 2 2011-07-13 
4 'Structure model' 2 0 2023-08-23 
# 
_pdbx_audit_revision_details.ordinal             1 
_pdbx_audit_revision_details.revision_ordinal    1 
_pdbx_audit_revision_details.data_content_type   'Structure model' 
_pdbx_audit_revision_details.provider            repository 
_pdbx_audit_revision_details.type                'Initial release' 
_pdbx_audit_revision_details.description         ? 
_pdbx_audit_revision_details.details             ? 
# 
loop_
_pdbx_audit_revision_group.ordinal 
_pdbx_audit_revision_group.revision_ordinal 
_pdbx_audit_revision_group.data_content_type 
_pdbx_audit_revision_group.group 
1 2 'Structure model' 'Version format compliance' 
2 3 'Structure model' 'Version format compliance' 
3 4 'Structure model' 'Atomic model'              
4 4 'Structure model' 'Data collection'           
5 4 'Structure model' 'Database references'       
6 4 'Structure model' 'Refinement description'    
# 
loop_
_pdbx_audit_revision_category.ordinal 
_pdbx_audit_revision_category.revision_ordinal 
_pdbx_audit_revision_category.data_content_type 
_pdbx_audit_revision_category.category 
1 4 'Structure model' atom_site                     
2 4 'Structure model' chem_comp_atom                
3 4 'Structure model' chem_comp_bond                
4 4 'Structure model' database_2                    
5 4 'Structure model' pdbx_initial_refinement_model 
6 4 'Structure model' struct_ref_seq_dif            
# 
loop_
_pdbx_audit_revision_item.ordinal 
_pdbx_audit_revision_item.revision_ordinal 
_pdbx_audit_revision_item.data_content_type 
_pdbx_audit_revision_item.item 
1 4 'Structure model' '_atom_site.occupancy'                
2 4 'Structure model' '_database_2.pdbx_DOI'                
3 4 'Structure model' '_database_2.pdbx_database_accession' 
4 4 'Structure model' '_struct_ref_seq_dif.details'         
# 
loop_
_software.name 
_software.classification 
_software.version 
_software.citation_id 
_software.pdbx_ordinal 
DENZO     'data reduction' .      ? 1 
SCALEPACK 'data scaling'   .      ? 2 
MOLREP    phasing          .      ? 3 
REFMAC    refinement       5.1.24 ? 4 
# 
loop_
_pdbx_validate_close_contact.id 
_pdbx_validate_close_contact.PDB_model_num 
_pdbx_validate_close_contact.auth_atom_id_1 
_pdbx_validate_close_contact.auth_asym_id_1 
_pdbx_validate_close_contact.auth_comp_id_1 
_pdbx_validate_close_contact.auth_seq_id_1 
_pdbx_validate_close_contact.PDB_ins_code_1 
_pdbx_validate_close_contact.label_alt_id_1 
_pdbx_validate_close_contact.auth_atom_id_2 
_pdbx_validate_close_contact.auth_asym_id_2 
_pdbx_validate_close_contact.auth_comp_id_2 
_pdbx_validate_close_contact.auth_seq_id_2 
_pdbx_validate_close_contact.PDB_ins_code_2 
_pdbx_validate_close_contact.label_alt_id_2 
_pdbx_validate_close_contact.dist 
1 1 O   B HOH 82  ? ? O B HOH 111 ? ? 1.74 
2 1 O   B HOH 115 ? ? O B HOH 136 ? ? 2.09 
3 1 NH2 B ARG 12  ? ? O B HOH 80  ? ? 2.18 
# 
loop_
_pdbx_validate_symm_contact.id 
_pdbx_validate_symm_contact.PDB_model_num 
_pdbx_validate_symm_contact.auth_atom_id_1 
_pdbx_validate_symm_contact.auth_asym_id_1 
_pdbx_validate_symm_contact.auth_comp_id_1 
_pdbx_validate_symm_contact.auth_seq_id_1 
_pdbx_validate_symm_contact.PDB_ins_code_1 
_pdbx_validate_symm_contact.label_alt_id_1 
_pdbx_validate_symm_contact.site_symmetry_1 
_pdbx_validate_symm_contact.auth_atom_id_2 
_pdbx_validate_symm_contact.auth_asym_id_2 
_pdbx_validate_symm_contact.auth_comp_id_2 
_pdbx_validate_symm_contact.auth_seq_id_2 
_pdbx_validate_symm_contact.PDB_ins_code_2 
_pdbx_validate_symm_contact.label_alt_id_2 
_pdbx_validate_symm_contact.site_symmetry_2 
_pdbx_validate_symm_contact.dist 
1 1 O B HOH 102 ? ? 1_555 O B HOH 102 ? ? 4_556 0.30 
2 1 O B HOH 101 ? ? 1_555 O B HOH 101 ? ? 4_556 0.47 
3 1 O B HOH 124 ? ? 1_555 O B HOH 124 ? ? 4_556 2.01 
# 
loop_
_pdbx_unobs_or_zero_occ_atoms.id 
_pdbx_unobs_or_zero_occ_atoms.PDB_model_num 
_pdbx_unobs_or_zero_occ_atoms.polymer_flag 
_pdbx_unobs_or_zero_occ_atoms.occupancy_flag 
_pdbx_unobs_or_zero_occ_atoms.auth_asym_id 
_pdbx_unobs_or_zero_occ_atoms.auth_comp_id 
_pdbx_unobs_or_zero_occ_atoms.auth_seq_id 
_pdbx_unobs_or_zero_occ_atoms.PDB_ins_code 
_pdbx_unobs_or_zero_occ_atoms.auth_atom_id 
_pdbx_unobs_or_zero_occ_atoms.label_alt_id 
_pdbx_unobs_or_zero_occ_atoms.label_asym_id 
_pdbx_unobs_or_zero_occ_atoms.label_comp_id 
_pdbx_unobs_or_zero_occ_atoms.label_seq_id 
_pdbx_unobs_or_zero_occ_atoms.label_atom_id 
1  1 Y 1 A GLN 18 ? CD  ? A GLN 16 CD  
2  1 Y 1 A GLN 18 ? OE1 ? A GLN 16 OE1 
3  1 Y 1 A GLN 18 ? NE2 ? A GLN 16 NE2 
4  1 Y 1 A GLU 22 ? CD  ? A GLU 20 CD  
5  1 Y 1 A GLU 22 ? OE1 ? A GLU 20 OE1 
6  1 Y 1 A GLU 22 ? OE2 ? A GLU 20 OE2 
7  1 Y 1 A GLU 40 ? CB  ? A GLU 38 CB  
8  1 Y 1 A GLU 40 ? CG  ? A GLU 38 CG  
9  1 Y 1 A GLU 40 ? CD  ? A GLU 38 CD  
10 1 Y 1 A GLU 40 ? OE1 ? A GLU 38 OE1 
11 1 Y 1 A GLU 40 ? OE2 ? A GLU 38 OE2 
12 1 Y 1 A ARG 61 ? CZ  ? A ARG 59 CZ  
13 1 Y 1 A ARG 61 ? NH1 ? A ARG 59 NH1 
14 1 Y 1 A ARG 61 ? NH2 ? A ARG 59 NH2 
15 1 Y 1 B GLU 22 ? CG  ? B GLU 20 CG  
16 1 Y 1 B GLU 22 ? CD  ? B GLU 20 CD  
17 1 Y 1 B GLU 22 ? OE1 ? B GLU 20 OE1 
18 1 Y 1 B GLU 22 ? OE2 ? B GLU 20 OE2 
19 1 Y 1 B GLU 40 ? CD  ? B GLU 38 CD  
20 1 Y 1 B GLU 40 ? OE1 ? B GLU 38 OE1 
21 1 Y 1 B GLU 40 ? OE2 ? B GLU 38 OE2 
22 1 Y 1 B ASN 49 ? CB  ? B ASN 47 CB  
23 1 Y 1 B ASN 49 ? CG  ? B ASN 47 CG  
24 1 Y 1 B ASN 49 ? OD1 ? B ASN 47 OD1 
25 1 Y 1 B ASN 49 ? ND2 ? B ASN 47 ND2 
26 1 Y 1 B ARG 61 ? NE  ? B ARG 59 NE  
27 1 Y 1 B ARG 61 ? CZ  ? B ARG 59 CZ  
28 1 Y 1 B ARG 61 ? NH1 ? B ARG 59 NH1 
29 1 Y 1 B ARG 61 ? NH2 ? B ARG 59 NH2 
# 
loop_
_pdbx_unobs_or_zero_occ_residues.id 
_pdbx_unobs_or_zero_occ_residues.PDB_model_num 
_pdbx_unobs_or_zero_occ_residues.polymer_flag 
_pdbx_unobs_or_zero_occ_residues.occupancy_flag 
_pdbx_unobs_or_zero_occ_residues.auth_asym_id 
_pdbx_unobs_or_zero_occ_residues.auth_comp_id 
_pdbx_unobs_or_zero_occ_residues.auth_seq_id 
_pdbx_unobs_or_zero_occ_residues.PDB_ins_code 
_pdbx_unobs_or_zero_occ_residues.label_asym_id 
_pdbx_unobs_or_zero_occ_residues.label_comp_id 
_pdbx_unobs_or_zero_occ_residues.label_seq_id 
1 1 Y 1 A GLY 3  ? A GLY 1  
2 1 Y 1 A SER 4  ? A SER 2  
3 1 Y 1 A ALA 5  ? A ALA 3  
4 1 Y 1 A SER 66 ? A SER 64 
# 
loop_
_chem_comp_atom.comp_id 
_chem_comp_atom.atom_id 
_chem_comp_atom.type_symbol 
_chem_comp_atom.pdbx_aromatic_flag 
_chem_comp_atom.pdbx_stereo_config 
_chem_comp_atom.pdbx_ordinal 
ALA N    N N N 1   
ALA CA   C N S 2   
ALA C    C N N 3   
ALA O    O N N 4   
ALA CB   C N N 5   
ALA OXT  O N N 6   
ALA H    H N N 7   
ALA H2   H N N 8   
ALA HA   H N N 9   
ALA HB1  H N N 10  
ALA HB2  H N N 11  
ALA HB3  H N N 12  
ALA HXT  H N N 13  
ARG N    N N N 14  
ARG CA   C N S 15  
ARG C    C N N 16  
ARG O    O N N 17  
ARG CB   C N N 18  
ARG CG   C N N 19  
ARG CD   C N N 20  
ARG NE   N N N 21  
ARG CZ   C N N 22  
ARG NH1  N N N 23  
ARG NH2  N N N 24  
ARG OXT  O N N 25  
ARG H    H N N 26  
ARG H2   H N N 27  
ARG HA   H N N 28  
ARG HB2  H N N 29  
ARG HB3  H N N 30  
ARG HG2  H N N 31  
ARG HG3  H N N 32  
ARG HD2  H N N 33  
ARG HD3  H N N 34  
ARG HE   H N N 35  
ARG HH11 H N N 36  
ARG HH12 H N N 37  
ARG HH21 H N N 38  
ARG HH22 H N N 39  
ARG HXT  H N N 40  
ASN N    N N N 41  
ASN CA   C N S 42  
ASN C    C N N 43  
ASN O    O N N 44  
ASN CB   C N N 45  
ASN CG   C N N 46  
ASN OD1  O N N 47  
ASN ND2  N N N 48  
ASN OXT  O N N 49  
ASN H    H N N 50  
ASN H2   H N N 51  
ASN HA   H N N 52  
ASN HB2  H N N 53  
ASN HB3  H N N 54  
ASN HD21 H N N 55  
ASN HD22 H N N 56  
ASN HXT  H N N 57  
ASP N    N N N 58  
ASP CA   C N S 59  
ASP C    C N N 60  
ASP O    O N N 61  
ASP CB   C N N 62  
ASP CG   C N N 63  
ASP OD1  O N N 64  
ASP OD2  O N N 65  
ASP OXT  O N N 66  
ASP H    H N N 67  
ASP H2   H N N 68  
ASP HA   H N N 69  
ASP HB2  H N N 70  
ASP HB3  H N N 71  
ASP HD2  H N N 72  
ASP HXT  H N N 73  
GLN N    N N N 74  
GLN CA   C N S 75  
GLN C    C N N 76  
GLN O    O N N 77  
GLN CB   C N N 78  
GLN CG   C N N 79  
GLN CD   C N N 80  
GLN OE1  O N N 81  
GLN NE2  N N N 82  
GLN OXT  O N N 83  
GLN H    H N N 84  
GLN H2   H N N 85  
GLN HA   H N N 86  
GLN HB2  H N N 87  
GLN HB3  H N N 88  
GLN HG2  H N N 89  
GLN HG3  H N N 90  
GLN HE21 H N N 91  
GLN HE22 H N N 92  
GLN HXT  H N N 93  
GLU N    N N N 94  
GLU CA   C N S 95  
GLU C    C N N 96  
GLU O    O N N 97  
GLU CB   C N N 98  
GLU CG   C N N 99  
GLU CD   C N N 100 
GLU OE1  O N N 101 
GLU OE2  O N N 102 
GLU OXT  O N N 103 
GLU H    H N N 104 
GLU H2   H N N 105 
GLU HA   H N N 106 
GLU HB2  H N N 107 
GLU HB3  H N N 108 
GLU HG2  H N N 109 
GLU HG3  H N N 110 
GLU HE2  H N N 111 
GLU HXT  H N N 112 
GLY N    N N N 113 
GLY CA   C N N 114 
GLY C    C N N 115 
GLY O    O N N 116 
GLY OXT  O N N 117 
GLY H    H N N 118 
GLY H2   H N N 119 
GLY HA2  H N N 120 
GLY HA3  H N N 121 
GLY HXT  H N N 122 
HIS N    N N N 123 
HIS CA   C N S 124 
HIS C    C N N 125 
HIS O    O N N 126 
HIS CB   C N N 127 
HIS CG   C Y N 128 
HIS ND1  N Y N 129 
HIS CD2  C Y N 130 
HIS CE1  C Y N 131 
HIS NE2  N Y N 132 
HIS OXT  O N N 133 
HIS H    H N N 134 
HIS H2   H N N 135 
HIS HA   H N N 136 
HIS HB2  H N N 137 
HIS HB3  H N N 138 
HIS HD1  H N N 139 
HIS HD2  H N N 140 
HIS HE1  H N N 141 
HIS HE2  H N N 142 
HIS HXT  H N N 143 
HOH O    O N N 144 
HOH H1   H N N 145 
HOH H2   H N N 146 
ILE N    N N N 147 
ILE CA   C N S 148 
ILE C    C N N 149 
ILE O    O N N 150 
ILE CB   C N S 151 
ILE CG1  C N N 152 
ILE CG2  C N N 153 
ILE CD1  C N N 154 
ILE OXT  O N N 155 
ILE H    H N N 156 
ILE H2   H N N 157 
ILE HA   H N N 158 
ILE HB   H N N 159 
ILE HG12 H N N 160 
ILE HG13 H N N 161 
ILE HG21 H N N 162 
ILE HG22 H N N 163 
ILE HG23 H N N 164 
ILE HD11 H N N 165 
ILE HD12 H N N 166 
ILE HD13 H N N 167 
ILE HXT  H N N 168 
LEU N    N N N 169 
LEU CA   C N S 170 
LEU C    C N N 171 
LEU O    O N N 172 
LEU CB   C N N 173 
LEU CG   C N N 174 
LEU CD1  C N N 175 
LEU CD2  C N N 176 
LEU OXT  O N N 177 
LEU H    H N N 178 
LEU H2   H N N 179 
LEU HA   H N N 180 
LEU HB2  H N N 181 
LEU HB3  H N N 182 
LEU HG   H N N 183 
LEU HD11 H N N 184 
LEU HD12 H N N 185 
LEU HD13 H N N 186 
LEU HD21 H N N 187 
LEU HD22 H N N 188 
LEU HD23 H N N 189 
LEU HXT  H N N 190 
LYS N    N N N 191 
LYS CA   C N S 192 
LYS C    C N N 193 
LYS O    O N N 194 
LYS CB   C N N 195 
LYS CG   C N N 196 
LYS CD   C N N 197 
LYS CE   C N N 198 
LYS NZ   N N N 199 
LYS OXT  O N N 200 
LYS H    H N N 201 
LYS H2   H N N 202 
LYS HA   H N N 203 
LYS HB2  H N N 204 
LYS HB3  H N N 205 
LYS HG2  H N N 206 
LYS HG3  H N N 207 
LYS HD2  H N N 208 
LYS HD3  H N N 209 
LYS HE2  H N N 210 
LYS HE3  H N N 211 
LYS HZ1  H N N 212 
LYS HZ2  H N N 213 
LYS HZ3  H N N 214 
LYS HXT  H N N 215 
PHE N    N N N 216 
PHE CA   C N S 217 
PHE C    C N N 218 
PHE O    O N N 219 
PHE CB   C N N 220 
PHE CG   C Y N 221 
PHE CD1  C Y N 222 
PHE CD2  C Y N 223 
PHE CE1  C Y N 224 
PHE CE2  C Y N 225 
PHE CZ   C Y N 226 
PHE OXT  O N N 227 
PHE H    H N N 228 
PHE H2   H N N 229 
PHE HA   H N N 230 
PHE HB2  H N N 231 
PHE HB3  H N N 232 
PHE HD1  H N N 233 
PHE HD2  H N N 234 
PHE HE1  H N N 235 
PHE HE2  H N N 236 
PHE HZ   H N N 237 
PHE HXT  H N N 238 
PRO N    N N N 239 
PRO CA   C N S 240 
PRO C    C N N 241 
PRO O    O N N 242 
PRO CB   C N N 243 
PRO CG   C N N 244 
PRO CD   C N N 245 
PRO OXT  O N N 246 
PRO H    H N N 247 
PRO HA   H N N 248 
PRO HB2  H N N 249 
PRO HB3  H N N 250 
PRO HG2  H N N 251 
PRO HG3  H N N 252 
PRO HD2  H N N 253 
PRO HD3  H N N 254 
PRO HXT  H N N 255 
SER N    N N N 256 
SER CA   C N S 257 
SER C    C N N 258 
SER O    O N N 259 
SER CB   C N N 260 
SER OG   O N N 261 
SER OXT  O N N 262 
SER H    H N N 263 
SER H2   H N N 264 
SER HA   H N N 265 
SER HB2  H N N 266 
SER HB3  H N N 267 
SER HG   H N N 268 
SER HXT  H N N 269 
THR N    N N N 270 
THR CA   C N S 271 
THR C    C N N 272 
THR O    O N N 273 
THR CB   C N R 274 
THR OG1  O N N 275 
THR CG2  C N N 276 
THR OXT  O N N 277 
THR H    H N N 278 
THR H2   H N N 279 
THR HA   H N N 280 
THR HB   H N N 281 
THR HG1  H N N 282 
THR HG21 H N N 283 
THR HG22 H N N 284 
THR HG23 H N N 285 
THR HXT  H N N 286 
TRP N    N N N 287 
TRP CA   C N S 288 
TRP C    C N N 289 
TRP O    O N N 290 
TRP CB   C N N 291 
TRP CG   C Y N 292 
TRP CD1  C Y N 293 
TRP CD2  C Y N 294 
TRP NE1  N Y N 295 
TRP CE2  C Y N 296 
TRP CE3  C Y N 297 
TRP CZ2  C Y N 298 
TRP CZ3  C Y N 299 
TRP CH2  C Y N 300 
TRP OXT  O N N 301 
TRP H    H N N 302 
TRP H2   H N N 303 
TRP HA   H N N 304 
TRP HB2  H N N 305 
TRP HB3  H N N 306 
TRP HD1  H N N 307 
TRP HE1  H N N 308 
TRP HE3  H N N 309 
TRP HZ2  H N N 310 
TRP HZ3  H N N 311 
TRP HH2  H N N 312 
TRP HXT  H N N 313 
TYR N    N N N 314 
TYR CA   C N S 315 
TYR C    C N N 316 
TYR O    O N N 317 
TYR CB   C N N 318 
TYR CG   C Y N 319 
TYR CD1  C Y N 320 
TYR CD2  C Y N 321 
TYR CE1  C Y N 322 
TYR CE2  C Y N 323 
TYR CZ   C Y N 324 
TYR OH   O N N 325 
TYR OXT  O N N 326 
TYR H    H N N 327 
TYR H2   H N N 328 
TYR HA   H N N 329 
TYR HB2  H N N 330 
TYR HB3  H N N 331 
TYR HD1  H N N 332 
TYR HD2  H N N 333 
TYR HE1  H N N 334 
TYR HE2  H N N 335 
TYR HH   H N N 336 
TYR HXT  H N N 337 
VAL N    N N N 338 
VAL CA   C N S 339 
VAL C    C N N 340 
VAL O    O N N 341 
VAL CB   C N N 342 
VAL CG1  C N N 343 
VAL CG2  C N N 344 
VAL OXT  O N N 345 
VAL H    H N N 346 
VAL H2   H N N 347 
VAL HA   H N N 348 
VAL HB   H N N 349 
VAL HG11 H N N 350 
VAL HG12 H N N 351 
VAL HG13 H N N 352 
VAL HG21 H N N 353 
VAL HG22 H N N 354 
VAL HG23 H N N 355 
VAL HXT  H N N 356 
# 
loop_
_chem_comp_bond.comp_id 
_chem_comp_bond.atom_id_1 
_chem_comp_bond.atom_id_2 
_chem_comp_bond.value_order 
_chem_comp_bond.pdbx_aromatic_flag 
_chem_comp_bond.pdbx_stereo_config 
_chem_comp_bond.pdbx_ordinal 
ALA N   CA   sing N N 1   
ALA N   H    sing N N 2   
ALA N   H2   sing N N 3   
ALA CA  C    sing N N 4   
ALA CA  CB   sing N N 5   
ALA CA  HA   sing N N 6   
ALA C   O    doub N N 7   
ALA C   OXT  sing N N 8   
ALA CB  HB1  sing N N 9   
ALA CB  HB2  sing N N 10  
ALA CB  HB3  sing N N 11  
ALA OXT HXT  sing N N 12  
ARG N   CA   sing N N 13  
ARG N   H    sing N N 14  
ARG N   H2   sing N N 15  
ARG CA  C    sing N N 16  
ARG CA  CB   sing N N 17  
ARG CA  HA   sing N N 18  
ARG C   O    doub N N 19  
ARG C   OXT  sing N N 20  
ARG CB  CG   sing N N 21  
ARG CB  HB2  sing N N 22  
ARG CB  HB3  sing N N 23  
ARG CG  CD   sing N N 24  
ARG CG  HG2  sing N N 25  
ARG CG  HG3  sing N N 26  
ARG CD  NE   sing N N 27  
ARG CD  HD2  sing N N 28  
ARG CD  HD3  sing N N 29  
ARG NE  CZ   sing N N 30  
ARG NE  HE   sing N N 31  
ARG CZ  NH1  sing N N 32  
ARG CZ  NH2  doub N N 33  
ARG NH1 HH11 sing N N 34  
ARG NH1 HH12 sing N N 35  
ARG NH2 HH21 sing N N 36  
ARG NH2 HH22 sing N N 37  
ARG OXT HXT  sing N N 38  
ASN N   CA   sing N N 39  
ASN N   H    sing N N 40  
ASN N   H2   sing N N 41  
ASN CA  C    sing N N 42  
ASN CA  CB   sing N N 43  
ASN CA  HA   sing N N 44  
ASN C   O    doub N N 45  
ASN C   OXT  sing N N 46  
ASN CB  CG   sing N N 47  
ASN CB  HB2  sing N N 48  
ASN CB  HB3  sing N N 49  
ASN CG  OD1  doub N N 50  
ASN CG  ND2  sing N N 51  
ASN ND2 HD21 sing N N 52  
ASN ND2 HD22 sing N N 53  
ASN OXT HXT  sing N N 54  
ASP N   CA   sing N N 55  
ASP N   H    sing N N 56  
ASP N   H2   sing N N 57  
ASP CA  C    sing N N 58  
ASP CA  CB   sing N N 59  
ASP CA  HA   sing N N 60  
ASP C   O    doub N N 61  
ASP C   OXT  sing N N 62  
ASP CB  CG   sing N N 63  
ASP CB  HB2  sing N N 64  
ASP CB  HB3  sing N N 65  
ASP CG  OD1  doub N N 66  
ASP CG  OD2  sing N N 67  
ASP OD2 HD2  sing N N 68  
ASP OXT HXT  sing N N 69  
GLN N   CA   sing N N 70  
GLN N   H    sing N N 71  
GLN N   H2   sing N N 72  
GLN CA  C    sing N N 73  
GLN CA  CB   sing N N 74  
GLN CA  HA   sing N N 75  
GLN C   O    doub N N 76  
GLN C   OXT  sing N N 77  
GLN CB  CG   sing N N 78  
GLN CB  HB2  sing N N 79  
GLN CB  HB3  sing N N 80  
GLN CG  CD   sing N N 81  
GLN CG  HG2  sing N N 82  
GLN CG  HG3  sing N N 83  
GLN CD  OE1  doub N N 84  
GLN CD  NE2  sing N N 85  
GLN NE2 HE21 sing N N 86  
GLN NE2 HE22 sing N N 87  
GLN OXT HXT  sing N N 88  
GLU N   CA   sing N N 89  
GLU N   H    sing N N 90  
GLU N   H2   sing N N 91  
GLU CA  C    sing N N 92  
GLU CA  CB   sing N N 93  
GLU CA  HA   sing N N 94  
GLU C   O    doub N N 95  
GLU C   OXT  sing N N 96  
GLU CB  CG   sing N N 97  
GLU CB  HB2  sing N N 98  
GLU CB  HB3  sing N N 99  
GLU CG  CD   sing N N 100 
GLU CG  HG2  sing N N 101 
GLU CG  HG3  sing N N 102 
GLU CD  OE1  doub N N 103 
GLU CD  OE2  sing N N 104 
GLU OE2 HE2  sing N N 105 
GLU OXT HXT  sing N N 106 
GLY N   CA   sing N N 107 
GLY N   H    sing N N 108 
GLY N   H2   sing N N 109 
GLY CA  C    sing N N 110 
GLY CA  HA2  sing N N 111 
GLY CA  HA3  sing N N 112 
GLY C   O    doub N N 113 
GLY C   OXT  sing N N 114 
GLY OXT HXT  sing N N 115 
HIS N   CA   sing N N 116 
HIS N   H    sing N N 117 
HIS N   H2   sing N N 118 
HIS CA  C    sing N N 119 
HIS CA  CB   sing N N 120 
HIS CA  HA   sing N N 121 
HIS C   O    doub N N 122 
HIS C   OXT  sing N N 123 
HIS CB  CG   sing N N 124 
HIS CB  HB2  sing N N 125 
HIS CB  HB3  sing N N 126 
HIS CG  ND1  sing Y N 127 
HIS CG  CD2  doub Y N 128 
HIS ND1 CE1  doub Y N 129 
HIS ND1 HD1  sing N N 130 
HIS CD2 NE2  sing Y N 131 
HIS CD2 HD2  sing N N 132 
HIS CE1 NE2  sing Y N 133 
HIS CE1 HE1  sing N N 134 
HIS NE2 HE2  sing N N 135 
HIS OXT HXT  sing N N 136 
HOH O   H1   sing N N 137 
HOH O   H2   sing N N 138 
ILE N   CA   sing N N 139 
ILE N   H    sing N N 140 
ILE N   H2   sing N N 141 
ILE CA  C    sing N N 142 
ILE CA  CB   sing N N 143 
ILE CA  HA   sing N N 144 
ILE C   O    doub N N 145 
ILE C   OXT  sing N N 146 
ILE CB  CG1  sing N N 147 
ILE CB  CG2  sing N N 148 
ILE CB  HB   sing N N 149 
ILE CG1 CD1  sing N N 150 
ILE CG1 HG12 sing N N 151 
ILE CG1 HG13 sing N N 152 
ILE CG2 HG21 sing N N 153 
ILE CG2 HG22 sing N N 154 
ILE CG2 HG23 sing N N 155 
ILE CD1 HD11 sing N N 156 
ILE CD1 HD12 sing N N 157 
ILE CD1 HD13 sing N N 158 
ILE OXT HXT  sing N N 159 
LEU N   CA   sing N N 160 
LEU N   H    sing N N 161 
LEU N   H2   sing N N 162 
LEU CA  C    sing N N 163 
LEU CA  CB   sing N N 164 
LEU CA  HA   sing N N 165 
LEU C   O    doub N N 166 
LEU C   OXT  sing N N 167 
LEU CB  CG   sing N N 168 
LEU CB  HB2  sing N N 169 
LEU CB  HB3  sing N N 170 
LEU CG  CD1  sing N N 171 
LEU CG  CD2  sing N N 172 
LEU CG  HG   sing N N 173 
LEU CD1 HD11 sing N N 174 
LEU CD1 HD12 sing N N 175 
LEU CD1 HD13 sing N N 176 
LEU CD2 HD21 sing N N 177 
LEU CD2 HD22 sing N N 178 
LEU CD2 HD23 sing N N 179 
LEU OXT HXT  sing N N 180 
LYS N   CA   sing N N 181 
LYS N   H    sing N N 182 
LYS N   H2   sing N N 183 
LYS CA  C    sing N N 184 
LYS CA  CB   sing N N 185 
LYS CA  HA   sing N N 186 
LYS C   O    doub N N 187 
LYS C   OXT  sing N N 188 
LYS CB  CG   sing N N 189 
LYS CB  HB2  sing N N 190 
LYS CB  HB3  sing N N 191 
LYS CG  CD   sing N N 192 
LYS CG  HG2  sing N N 193 
LYS CG  HG3  sing N N 194 
LYS CD  CE   sing N N 195 
LYS CD  HD2  sing N N 196 
LYS CD  HD3  sing N N 197 
LYS CE  NZ   sing N N 198 
LYS CE  HE2  sing N N 199 
LYS CE  HE3  sing N N 200 
LYS NZ  HZ1  sing N N 201 
LYS NZ  HZ2  sing N N 202 
LYS NZ  HZ3  sing N N 203 
LYS OXT HXT  sing N N 204 
PHE N   CA   sing N N 205 
PHE N   H    sing N N 206 
PHE N   H2   sing N N 207 
PHE CA  C    sing N N 208 
PHE CA  CB   sing N N 209 
PHE CA  HA   sing N N 210 
PHE C   O    doub N N 211 
PHE C   OXT  sing N N 212 
PHE CB  CG   sing N N 213 
PHE CB  HB2  sing N N 214 
PHE CB  HB3  sing N N 215 
PHE CG  CD1  doub Y N 216 
PHE CG  CD2  sing Y N 217 
PHE CD1 CE1  sing Y N 218 
PHE CD1 HD1  sing N N 219 
PHE CD2 CE2  doub Y N 220 
PHE CD2 HD2  sing N N 221 
PHE CE1 CZ   doub Y N 222 
PHE CE1 HE1  sing N N 223 
PHE CE2 CZ   sing Y N 224 
PHE CE2 HE2  sing N N 225 
PHE CZ  HZ   sing N N 226 
PHE OXT HXT  sing N N 227 
PRO N   CA   sing N N 228 
PRO N   CD   sing N N 229 
PRO N   H    sing N N 230 
PRO CA  C    sing N N 231 
PRO CA  CB   sing N N 232 
PRO CA  HA   sing N N 233 
PRO C   O    doub N N 234 
PRO C   OXT  sing N N 235 
PRO CB  CG   sing N N 236 
PRO CB  HB2  sing N N 237 
PRO CB  HB3  sing N N 238 
PRO CG  CD   sing N N 239 
PRO CG  HG2  sing N N 240 
PRO CG  HG3  sing N N 241 
PRO CD  HD2  sing N N 242 
PRO CD  HD3  sing N N 243 
PRO OXT HXT  sing N N 244 
SER N   CA   sing N N 245 
SER N   H    sing N N 246 
SER N   H2   sing N N 247 
SER CA  C    sing N N 248 
SER CA  CB   sing N N 249 
SER CA  HA   sing N N 250 
SER C   O    doub N N 251 
SER C   OXT  sing N N 252 
SER CB  OG   sing N N 253 
SER CB  HB2  sing N N 254 
SER CB  HB3  sing N N 255 
SER OG  HG   sing N N 256 
SER OXT HXT  sing N N 257 
THR N   CA   sing N N 258 
THR N   H    sing N N 259 
THR N   H2   sing N N 260 
THR CA  C    sing N N 261 
THR CA  CB   sing N N 262 
THR CA  HA   sing N N 263 
THR C   O    doub N N 264 
THR C   OXT  sing N N 265 
THR CB  OG1  sing N N 266 
THR CB  CG2  sing N N 267 
THR CB  HB   sing N N 268 
THR OG1 HG1  sing N N 269 
THR CG2 HG21 sing N N 270 
THR CG2 HG22 sing N N 271 
THR CG2 HG23 sing N N 272 
THR OXT HXT  sing N N 273 
TRP N   CA   sing N N 274 
TRP N   H    sing N N 275 
TRP N   H2   sing N N 276 
TRP CA  C    sing N N 277 
TRP CA  CB   sing N N 278 
TRP CA  HA   sing N N 279 
TRP C   O    doub N N 280 
TRP C   OXT  sing N N 281 
TRP CB  CG   sing N N 282 
TRP CB  HB2  sing N N 283 
TRP CB  HB3  sing N N 284 
TRP CG  CD1  doub Y N 285 
TRP CG  CD2  sing Y N 286 
TRP CD1 NE1  sing Y N 287 
TRP CD1 HD1  sing N N 288 
TRP CD2 CE2  doub Y N 289 
TRP CD2 CE3  sing Y N 290 
TRP NE1 CE2  sing Y N 291 
TRP NE1 HE1  sing N N 292 
TRP CE2 CZ2  sing Y N 293 
TRP CE3 CZ3  doub Y N 294 
TRP CE3 HE3  sing N N 295 
TRP CZ2 CH2  doub Y N 296 
TRP CZ2 HZ2  sing N N 297 
TRP CZ3 CH2  sing Y N 298 
TRP CZ3 HZ3  sing N N 299 
TRP CH2 HH2  sing N N 300 
TRP OXT HXT  sing N N 301 
TYR N   CA   sing N N 302 
TYR N   H    sing N N 303 
TYR N   H2   sing N N 304 
TYR CA  C    sing N N 305 
TYR CA  CB   sing N N 306 
TYR CA  HA   sing N N 307 
TYR C   O    doub N N 308 
TYR C   OXT  sing N N 309 
TYR CB  CG   sing N N 310 
TYR CB  HB2  sing N N 311 
TYR CB  HB3  sing N N 312 
TYR CG  CD1  doub Y N 313 
TYR CG  CD2  sing Y N 314 
TYR CD1 CE1  sing Y N 315 
TYR CD1 HD1  sing N N 316 
TYR CD2 CE2  doub Y N 317 
TYR CD2 HD2  sing N N 318 
TYR CE1 CZ   doub Y N 319 
TYR CE1 HE1  sing N N 320 
TYR CE2 CZ   sing Y N 321 
TYR CE2 HE2  sing N N 322 
TYR CZ  OH   sing N N 323 
TYR OH  HH   sing N N 324 
TYR OXT HXT  sing N N 325 
VAL N   CA   sing N N 326 
VAL N   H    sing N N 327 
VAL N   H2   sing N N 328 
VAL CA  C    sing N N 329 
VAL CA  CB   sing N N 330 
VAL CA  HA   sing N N 331 
VAL C   O    doub N N 332 
VAL C   OXT  sing N N 333 
VAL CB  CG1  sing N N 334 
VAL CB  CG2  sing N N 335 
VAL CB  HB   sing N N 336 
VAL CG1 HG11 sing N N 337 
VAL CG1 HG12 sing N N 338 
VAL CG1 HG13 sing N N 339 
VAL CG2 HG21 sing N N 340 
VAL CG2 HG22 sing N N 341 
VAL CG2 HG23 sing N N 342 
VAL OXT HXT  sing N N 343 
# 
_pdbx_entity_nonpoly.entity_id   3 
_pdbx_entity_nonpoly.name        water 
_pdbx_entity_nonpoly.comp_id     HOH 
# 
_pdbx_initial_refinement_model.id               1 
_pdbx_initial_refinement_model.entity_id_list   ? 
_pdbx_initial_refinement_model.type             'experimental model' 
_pdbx_initial_refinement_model.source_name      PDB 
_pdbx_initial_refinement_model.accession_code   1SEM 
_pdbx_initial_refinement_model.details          'pdb entry 1SEM' 
# 
